data_9DHW
#
_entry.id   9DHW
#
loop_
_entity.id
_entity.type
_entity.pdbx_description
1 polymer 'Q23.MD39 Surface protein gp120'
2 polymer 'Q23.MD39 Transmembrane protein gp41'
3 polymer '35O22 Fab Heavy Chain'
4 polymer '35O22 Fab Light Chain'
5 polymer 'CH01 iGL Fab Light Chain'
6 polymer 'CH01 iGL Fab Heavy Chain'
7 branched alpha-D-mannopyranose-(1-3)-alpha-D-mannopyranose-(1-6)-[alpha-D-mannopyranose-(1-3)]beta-D-mannopyranose-(1-4)-2-acetamido-2-deoxy-beta-D-glucopyranose-(1-4)-2-acetamido-2-deoxy-beta-D-glucopyranose
8 branched 2-acetamido-2-deoxy-beta-D-glucopyranose-(1-4)-2-acetamido-2-deoxy-beta-D-glucopyranose
9 branched alpha-D-mannopyranose-(1-2)-alpha-D-mannopyranose-(1-2)-alpha-D-mannopyranose-(1-3)-[alpha-D-mannopyranose-(1-6)]beta-D-mannopyranose-(1-4)-2-acetamido-2-deoxy-beta-D-glucopyranose-(1-4)-2-acetamido-2-deoxy-beta-D-glucopyranose
10 branched beta-D-mannopyranose-(1-4)-2-acetamido-2-deoxy-beta-D-glucopyranose-(1-4)-2-acetamido-2-deoxy-beta-D-glucopyranose
11 branched alpha-L-fucopyranose-(1-6)-2-acetamido-2-deoxy-beta-D-glucopyranose
12 branched alpha-D-mannopyranose-(1-3)-[alpha-D-mannopyranose-(1-6)]beta-D-mannopyranose-(1-4)-2-acetamido-2-deoxy-beta-D-glucopyranose-(1-4)-2-acetamido-2-deoxy-beta-D-glucopyranose
13 branched alpha-D-mannopyranose-(1-2)-alpha-D-mannopyranose-(1-3)-beta-D-mannopyranose-(1-4)-2-acetamido-2-deoxy-beta-D-glucopyranose-(1-4)-2-acetamido-2-deoxy-beta-D-glucopyranose
14 branched alpha-D-mannopyranose-(1-2)-alpha-D-mannopyranose-(1-3)-[alpha-D-mannopyranose-(1-3)-[alpha-D-mannopyranose-(1-6)]alpha-D-mannopyranose-(1-6)]beta-D-mannopyranose-(1-4)-2-acetamido-2-deoxy-beta-D-glucopyranose-(1-4)-2-acetamido-2-deoxy-beta-D-glucopyranose
15 branched beta-D-mannopyranose-(1-4)-2-acetamido-2-deoxy-beta-D-glucopyranose-(1-4)-[alpha-L-fucopyranose-(1-6)]2-acetamido-2-deoxy-beta-D-glucopyranose
16 non-polymer 2-acetamido-2-deoxy-beta-D-glucopyranose
#
loop_
_entity_poly.entity_id
_entity_poly.type
_entity_poly.pdbx_seq_one_letter_code
_entity_poly.pdbx_strand_id
1 'polypeptide(L)'
;ENLWVTVYYGVPVWRDADTTLFCASDAKAYETEKHNVWATHACVPTDPNPQEIHLDNVTEKFNMWKNNMVEQMHEDIISL
WDQSLKPCVKLTPLCVTLHCTNVTSVNTTGDREGLKNCSFNMTTELRDKRQKVYSLFYRLDIVPINENQGSEYRLINCNT
SAITQACPKVSFEPIPIHYCTPAGFAILKCKDEGFNGTGLCKNVSTVQCTHGIKPVVSTQLLLNGSLAEKNIIIRSENIT
NNAKIIIVQLVQPVTIKCIRPNNNTVKSIRIGPGQAFYYTGDIIGDIRQAHCNVTRSRWNKTLQEVAEKLRTYFGNKTII
FAQSSGGDLEITTHSFNCGGEFFYCNTSGLFNSTWYVNSTWNDTDSTQESNDTITLPCRIKQIINMWQRAGQAMYAPPIP
GVIKCESNITGLLLTRDGGKDNNVNETFRPGGSDMRDNWRSELYKYKVVEIEPLGVAPTRCKRRVVE
;
A,C,G
2 'polypeptide(L)'
;AVGIGAVSLGFLGAAGSTMGAASITLTVQARQLLSGIVQQQNNLLRAPEPQQHLLKDTHWGIKQLQARVLAVEHYLRDQQ
LLGIWGCSGKLICCTNVPWNSSWSNKSLDEIWNNMTWLQWDKEINNYTQLIYRLIEESQNQQEKNEKELLELD
;
B,D,I
3 'polypeptide(L)'
;QGQLVQSGAELKKPGASVKISCKTSGYRFNFYHINWIRQTAGRGPEWMGWISPYSGDKNLAPAFQDRVIMTTDTEVPVTS
FTSTGAAYMEIRNLKFDDTGTYFCAKGLLRDGSSTWLPYLWGQGTLLTVSSASTKGPSVFPLAPSSKSTSGGTAALGCLV
KDYFPEPVTVSWNSGALTSGVHTFPAVLQSSGLYSLSSVVTVPSSSLGTQTYICNVNHKPSNTKVDKRVEPKSCDKGLEV
LFQ
;
E,H
4 'polypeptide(L)'
;QSVLTQSASVSGSLGQSVTISCTGPNSVCCSHKSISWYQWPPGRAPTLIIYEDNERAPGISPRFSGYKSYWSAYLTISDL
RPEDETTYYCCSYTHNSGCVFGTGTKVSVLGQSKANPSVTLFPPSSEELQANKATLVCLISDFYPGAVTVAWKADSSPVK
AGVETTTPSKQSNNKYAASSYLSLTPEQWKSHRSYSCQVTHEGSTVEKTVAPTECS
;
F,L
5 'polypeptide(L)'
;EIVLTQSPGTLSLSPGERATLSCRASQSVSSSYLAWYQQKPGQAPRLLIYGASSRATGIPDRFSGSGSGTDFTLTISRLE
PEDFAVYYCQQYGSSPYTFGQGTKVEIK
;
M
6 'polypeptide(L)'
;EVQLVESGGGVVRPGGSLRLSCAASGFTFDDYGMSWVRQAPGKGLEWVSGINWNGGSTGYADSVKGRFTISRDNAKNSLY
LQMNSLRAEDTALYHCARGTDYTIDDQGIHYYGSGTYWYFDLWGRGTLVTVSS
;
N
#
# COMPACT_ATOMS: atom_id res chain seq x y z
N GLU A 1 -7.61 -51.83 17.18
CA GLU A 1 -7.37 -51.95 15.75
C GLU A 1 -6.18 -51.10 15.31
N ASN A 2 -5.74 -51.29 14.08
CA ASN A 2 -4.66 -50.49 13.54
C ASN A 2 -5.21 -49.25 12.86
N LEU A 3 -5.05 -48.11 13.52
CA LEU A 3 -5.55 -46.84 13.02
C LEU A 3 -4.38 -46.01 12.49
N TRP A 4 -4.66 -45.19 11.49
CA TRP A 4 -3.63 -44.39 10.85
C TRP A 4 -4.05 -42.94 10.81
N VAL A 5 -3.09 -42.02 10.83
CA VAL A 5 -3.49 -40.63 10.77
C VAL A 5 -3.99 -40.32 9.37
N THR A 6 -5.06 -39.55 9.27
CA THR A 6 -5.58 -39.12 7.99
C THR A 6 -5.68 -37.62 7.96
N VAL A 7 -5.19 -37.02 6.89
CA VAL A 7 -5.17 -35.58 6.75
C VAL A 7 -6.42 -35.05 6.09
N TYR A 8 -7.04 -34.06 6.71
CA TYR A 8 -8.20 -33.42 6.14
C TYR A 8 -7.91 -31.96 5.86
N TYR A 9 -8.34 -31.48 4.70
CA TYR A 9 -8.17 -30.09 4.32
C TYR A 9 -9.53 -29.48 4.08
N GLY A 10 -9.73 -28.25 4.57
CA GLY A 10 -11.06 -27.66 4.51
C GLY A 10 -11.84 -27.94 5.79
N VAL A 11 -11.12 -28.26 6.85
CA VAL A 11 -11.74 -28.51 8.14
C VAL A 11 -12.30 -27.21 8.74
N PRO A 12 -13.59 -27.17 9.16
CA PRO A 12 -14.31 -26.01 9.64
C PRO A 12 -13.98 -25.61 11.08
N VAL A 13 -12.74 -25.20 11.32
CA VAL A 13 -12.30 -24.78 12.65
C VAL A 13 -11.64 -23.42 12.64
N TRP A 14 -11.57 -22.82 13.82
CA TRP A 14 -10.92 -21.54 13.98
C TRP A 14 -10.25 -21.38 15.33
N ARG A 15 -9.37 -20.39 15.41
CA ARG A 15 -8.76 -19.99 16.67
C ARG A 15 -8.78 -18.48 16.78
N ASP A 16 -8.79 -17.96 18.00
CA ASP A 16 -8.81 -16.52 18.19
C ASP A 16 -7.56 -15.90 17.60
N ALA A 17 -7.70 -14.78 16.89
CA ALA A 17 -6.53 -14.15 16.28
C ALA A 17 -6.70 -12.66 16.07
N ASP A 18 -5.57 -11.96 16.05
CA ASP A 18 -5.51 -10.53 15.78
C ASP A 18 -4.89 -10.26 14.41
N THR A 19 -5.67 -9.70 13.50
CA THR A 19 -5.17 -9.40 12.16
C THR A 19 -5.60 -8.02 11.70
N THR A 20 -4.83 -7.46 10.78
CA THR A 20 -5.14 -6.15 10.21
C THR A 20 -6.47 -6.18 9.47
N LEU A 21 -7.35 -5.25 9.81
CA LEU A 21 -8.65 -5.13 9.15
C LEU A 21 -8.64 -3.96 8.17
N PHE A 22 -9.40 -4.08 7.09
CA PHE A 22 -9.49 -3.00 6.12
C PHE A 22 -10.94 -2.57 5.94
N CYS A 23 -11.14 -1.33 5.50
CA CYS A 23 -12.48 -0.81 5.34
C CYS A 23 -13.15 -1.22 4.05
N ALA A 24 -14.47 -1.23 4.08
CA ALA A 24 -15.30 -1.28 2.91
C ALA A 24 -16.39 -0.23 3.05
N SER A 25 -16.90 0.27 1.94
CA SER A 25 -17.90 1.33 2.00
C SER A 25 -18.87 1.30 0.83
N ASP A 26 -20.09 1.78 1.08
CA ASP A 26 -21.10 1.89 0.03
C ASP A 26 -20.62 2.85 -1.04
N ALA A 27 -20.92 2.53 -2.29
CA ALA A 27 -20.53 3.41 -3.41
C ALA A 27 -21.27 4.73 -3.31
N LYS A 34 -15.77 18.05 -2.95
CA LYS A 34 -16.38 17.55 -1.72
C LYS A 34 -15.73 16.25 -1.28
N HIS A 35 -15.00 16.31 -0.17
CA HIS A 35 -14.32 15.15 0.37
C HIS A 35 -14.56 15.02 1.86
N ASN A 36 -14.34 13.83 2.39
CA ASN A 36 -14.56 13.57 3.80
C ASN A 36 -13.26 13.19 4.50
N VAL A 37 -13.12 13.59 5.76
CA VAL A 37 -11.91 13.29 6.53
C VAL A 37 -11.65 11.79 6.67
N TRP A 38 -12.69 10.97 6.57
CA TRP A 38 -12.54 9.54 6.75
C TRP A 38 -12.03 8.84 5.49
N ALA A 39 -11.97 9.58 4.38
CA ALA A 39 -11.45 9.06 3.12
C ALA A 39 -12.08 7.75 2.70
N THR A 40 -13.41 7.69 2.76
CA THR A 40 -14.11 6.45 2.47
C THR A 40 -14.07 6.08 0.99
N HIS A 41 -13.69 7.02 0.13
CA HIS A 41 -13.56 6.73 -1.30
C HIS A 41 -12.42 5.76 -1.56
N ALA A 42 -11.49 5.65 -0.62
CA ALA A 42 -10.35 4.74 -0.71
C ALA A 42 -10.75 3.30 -0.38
N CYS A 43 -11.93 3.13 0.20
CA CYS A 43 -12.40 1.84 0.69
C CYS A 43 -12.90 0.93 -0.43
N VAL A 44 -12.88 -0.37 -0.15
CA VAL A 44 -13.37 -1.37 -1.09
C VAL A 44 -14.90 -1.27 -1.14
N PRO A 45 -15.53 -1.22 -2.32
CA PRO A 45 -16.96 -1.21 -2.46
C PRO A 45 -17.59 -2.40 -1.75
N THR A 46 -18.69 -2.16 -1.06
CA THR A 46 -19.41 -3.23 -0.37
C THR A 46 -20.13 -4.14 -1.35
N ASP A 47 -20.18 -5.43 -1.01
CA ASP A 47 -20.95 -6.39 -1.79
C ASP A 47 -22.42 -5.97 -1.76
N PRO A 48 -23.12 -5.92 -2.90
CA PRO A 48 -24.52 -5.52 -3.02
C PRO A 48 -25.45 -6.47 -2.26
N ASN A 49 -24.98 -7.69 -2.01
CA ASN A 49 -25.75 -8.69 -1.27
C ASN A 49 -24.88 -9.40 -0.24
N PRO A 50 -24.59 -8.77 0.92
CA PRO A 50 -23.70 -9.25 1.94
C PRO A 50 -24.17 -10.61 2.44
N GLN A 51 -23.21 -11.48 2.74
CA GLN A 51 -23.55 -12.81 3.22
C GLN A 51 -23.43 -12.91 4.73
N GLU A 52 -24.28 -13.73 5.31
CA GLU A 52 -24.20 -14.08 6.72
C GLU A 52 -24.58 -15.54 6.90
N ILE A 53 -23.80 -16.26 7.69
CA ILE A 53 -24.08 -17.67 7.91
C ILE A 53 -24.34 -17.97 9.38
N HIS A 54 -25.53 -18.48 9.68
CA HIS A 54 -25.84 -18.88 11.04
C HIS A 54 -25.11 -20.16 11.39
N LEU A 55 -24.47 -20.21 12.55
CA LEU A 55 -23.78 -21.42 12.95
C LEU A 55 -24.58 -22.18 14.00
N ASP A 56 -25.21 -23.26 13.59
CA ASP A 56 -25.95 -24.09 14.52
C ASP A 56 -25.00 -24.89 15.40
N ASN A 57 -25.42 -25.12 16.64
CA ASN A 57 -24.65 -25.88 17.62
C ASN A 57 -23.28 -25.26 17.91
N VAL A 58 -23.19 -23.93 17.80
CA VAL A 58 -21.94 -23.27 18.16
C VAL A 58 -22.14 -22.26 19.27
N THR A 59 -21.34 -22.39 20.31
CA THR A 59 -21.32 -21.44 21.40
C THR A 59 -19.91 -20.92 21.52
N GLU A 60 -19.76 -19.61 21.65
CA GLU A 60 -18.42 -19.02 21.67
C GLU A 60 -18.29 -17.95 22.73
N LYS A 61 -17.08 -17.81 23.25
CA LYS A 61 -16.80 -16.80 24.27
C LYS A 61 -16.43 -15.46 23.66
N PHE A 62 -17.11 -14.43 24.13
CA PHE A 62 -16.87 -13.06 23.70
C PHE A 62 -16.42 -12.21 24.87
N ASN A 63 -15.61 -11.20 24.60
CA ASN A 63 -15.22 -10.26 25.63
C ASN A 63 -14.92 -8.90 25.00
N MET A 64 -15.92 -8.01 25.01
CA MET A 64 -15.79 -6.73 24.32
C MET A 64 -14.66 -5.88 24.86
N TRP A 65 -14.34 -6.05 26.13
CA TRP A 65 -13.34 -5.21 26.78
C TRP A 65 -11.92 -5.54 26.32
N LYS A 66 -11.73 -6.75 25.82
CA LYS A 66 -10.42 -7.21 25.36
C LYS A 66 -10.37 -7.23 23.83
N ASN A 67 -11.42 -6.73 23.21
CA ASN A 67 -11.56 -6.80 21.77
C ASN A 67 -10.61 -5.85 21.07
N ASN A 68 -9.71 -6.39 20.25
CA ASN A 68 -8.68 -5.57 19.62
C ASN A 68 -9.15 -4.92 18.33
N MET A 69 -10.40 -5.17 17.95
CA MET A 69 -10.98 -4.44 16.83
C MET A 69 -11.11 -2.99 17.23
N VAL A 70 -11.27 -2.77 18.54
CA VAL A 70 -11.42 -1.44 19.10
C VAL A 70 -10.13 -0.67 18.97
N GLU A 71 -9.02 -1.33 19.24
CA GLU A 71 -7.72 -0.69 19.14
C GLU A 71 -7.42 -0.31 17.71
N GLN A 72 -7.77 -1.17 16.77
CA GLN A 72 -7.53 -0.82 15.38
C GLN A 72 -8.42 0.31 14.94
N MET A 73 -9.68 0.31 15.39
CA MET A 73 -10.55 1.39 14.97
C MET A 73 -10.08 2.70 15.54
N HIS A 74 -9.61 2.69 16.78
CA HIS A 74 -9.16 3.93 17.39
C HIS A 74 -7.96 4.48 16.64
N GLU A 75 -7.00 3.61 16.32
CA GLU A 75 -5.84 4.06 15.56
C GLU A 75 -6.21 4.53 14.16
N ASP A 76 -7.19 3.87 13.53
CA ASP A 76 -7.61 4.28 12.19
C ASP A 76 -8.24 5.65 12.21
N ILE A 77 -9.04 5.92 13.23
CA ILE A 77 -9.71 7.21 13.33
C ILE A 77 -8.72 8.32 13.53
N ILE A 78 -7.71 8.10 14.36
CA ILE A 78 -6.69 9.11 14.56
C ILE A 78 -5.83 9.29 13.32
N SER A 79 -5.45 8.19 12.69
CA SER A 79 -4.57 8.29 11.53
C SER A 79 -5.25 9.02 10.38
N LEU A 80 -6.55 8.77 10.20
CA LEU A 80 -7.30 9.46 9.17
C LEU A 80 -7.46 10.93 9.49
N TRP A 81 -7.65 11.22 10.77
CA TRP A 81 -7.82 12.61 11.16
C TRP A 81 -6.57 13.40 10.80
N ASP A 82 -5.40 12.82 11.11
CA ASP A 82 -4.15 13.48 10.80
C ASP A 82 -3.92 13.57 9.30
N GLN A 83 -4.32 12.53 8.58
CA GLN A 83 -4.13 12.51 7.12
C GLN A 83 -4.88 13.65 6.45
N SER A 84 -6.04 13.99 7.00
CA SER A 84 -6.87 15.04 6.43
C SER A 84 -6.29 16.44 6.66
N LEU A 85 -5.38 16.56 7.62
CA LEU A 85 -4.83 17.87 7.97
C LEU A 85 -3.46 18.16 7.34
N LYS A 86 -2.86 17.17 6.71
CA LYS A 86 -1.51 17.36 6.19
C LYS A 86 -1.33 18.47 5.13
N PRO A 87 -2.24 18.67 4.16
CA PRO A 87 -2.15 19.70 3.13
C PRO A 87 -2.64 21.06 3.62
N CYS A 88 -3.20 21.11 4.82
CA CYS A 88 -3.92 22.30 5.26
C CYS A 88 -3.00 23.34 5.91
N VAL A 89 -3.51 24.55 6.05
CA VAL A 89 -2.78 25.72 6.54
C VAL A 89 -2.31 25.57 7.99
N LYS A 90 -1.02 25.87 8.23
CA LYS A 90 -0.40 25.69 9.56
C LYS A 90 -0.75 26.77 10.59
N LEU A 91 -1.16 27.95 10.12
CA LEU A 91 -1.48 29.09 10.99
C LEU A 91 -0.39 29.47 11.97
N THR A 92 0.87 29.21 11.66
CA THR A 92 1.92 29.57 12.61
C THR A 92 1.98 31.09 12.88
N PRO A 93 1.84 31.97 11.88
CA PRO A 93 1.81 33.42 12.01
C PRO A 93 0.66 33.92 12.88
N LEU A 94 -0.37 33.09 13.07
CA LEU A 94 -1.56 33.49 13.82
C LEU A 94 -1.30 33.68 15.30
N CYS A 95 -0.24 33.07 15.84
CA CYS A 95 -0.03 33.22 17.26
C CYS A 95 0.62 34.57 17.57
N VAL A 96 -0.22 35.52 17.92
CA VAL A 96 0.14 36.93 18.08
C VAL A 96 -0.45 37.53 19.34
N THR A 97 0.04 38.70 19.72
CA THR A 97 -0.63 39.45 20.77
C THR A 97 -1.92 40.02 20.21
N LEU A 98 -3.03 39.77 20.89
CA LEU A 98 -4.32 40.27 20.48
C LEU A 98 -4.75 41.42 21.36
N HIS A 99 -5.37 42.45 20.79
CA HIS A 99 -6.03 43.46 21.60
C HIS A 99 -7.51 43.22 21.50
N CYS A 100 -8.19 43.03 22.63
CA CYS A 100 -9.59 42.64 22.53
C CYS A 100 -10.51 43.49 23.39
N THR A 101 -11.71 43.73 22.87
CA THR A 101 -12.76 44.44 23.56
C THR A 101 -14.06 43.66 23.49
N ASN A 102 -15.04 44.05 24.29
CA ASN A 102 -16.34 43.40 24.29
C ASN A 102 -17.08 43.67 22.99
N VAL A 103 -17.81 42.67 22.49
CA VAL A 103 -18.52 42.79 21.23
C VAL A 103 -19.73 43.69 21.36
N THR A 104 -19.86 44.64 20.44
CA THR A 104 -20.99 45.55 20.43
C THR A 104 -22.31 44.81 20.64
N ARG A 112 -22.00 38.70 28.33
CA ARG A 112 -21.99 37.27 28.61
C ARG A 112 -20.57 36.72 28.48
N GLU A 113 -19.72 37.49 27.80
CA GLU A 113 -18.33 37.13 27.50
C GLU A 113 -18.20 35.84 26.73
N GLY A 114 -19.18 35.49 25.91
CA GLY A 114 -19.02 34.33 25.06
C GLY A 114 -18.10 34.66 23.90
N LEU A 115 -18.06 35.93 23.53
CA LEU A 115 -17.28 36.43 22.41
C LEU A 115 -16.46 37.66 22.77
N LYS A 116 -15.30 37.79 22.13
CA LYS A 116 -14.53 39.03 22.18
C LYS A 116 -14.13 39.48 20.78
N ASN A 117 -14.09 40.79 20.59
CA ASN A 117 -13.66 41.39 19.33
C ASN A 117 -12.17 41.73 19.38
N CYS A 118 -11.37 40.95 18.67
CA CYS A 118 -9.93 41.08 18.77
C CYS A 118 -9.30 41.72 17.55
N SER A 119 -8.19 42.42 17.78
CA SER A 119 -7.44 43.07 16.71
C SER A 119 -5.98 42.66 16.71
N PHE A 120 -5.43 42.41 15.53
CA PHE A 120 -4.03 42.04 15.40
C PHE A 120 -3.42 42.36 14.04
N ASN A 121 -2.09 42.45 14.00
CA ASN A 121 -1.38 42.67 12.74
C ASN A 121 -0.93 41.35 12.13
N MET A 122 -1.66 40.90 11.13
CA MET A 122 -1.43 39.61 10.49
C MET A 122 -0.46 39.76 9.32
N THR A 123 0.22 38.67 8.99
CA THR A 123 1.12 38.68 7.84
C THR A 123 0.31 38.70 6.56
N THR A 124 0.98 39.00 5.45
CA THR A 124 0.35 39.13 4.14
C THR A 124 1.08 38.30 3.09
N GLU A 125 0.59 38.37 1.86
CA GLU A 125 1.18 37.64 0.75
C GLU A 125 2.66 38.02 0.59
N LEU A 126 2.96 39.29 0.82
CA LEU A 126 4.32 39.79 0.69
C LEU A 126 4.97 39.89 2.06
N ARG A 127 6.22 39.45 2.17
CA ARG A 127 6.89 39.46 3.48
C ARG A 127 7.02 40.85 4.11
N ASP A 128 7.13 41.87 3.28
CA ASP A 128 7.38 43.22 3.79
C ASP A 128 6.10 43.96 4.18
N LYS A 129 4.95 43.33 3.97
CA LYS A 129 3.68 44.01 4.25
C LYS A 129 2.90 43.33 5.36
N ARG A 130 2.11 44.13 6.08
CA ARG A 130 1.26 43.65 7.17
C ARG A 130 -0.15 44.19 7.01
N GLN A 131 -1.12 43.48 7.55
CA GLN A 131 -2.50 43.95 7.50
C GLN A 131 -3.13 43.91 8.88
N LYS A 132 -3.97 44.89 9.18
CA LYS A 132 -4.65 44.89 10.46
C LYS A 132 -5.97 44.14 10.32
N VAL A 133 -6.19 43.19 11.22
CA VAL A 133 -7.34 42.30 11.14
C VAL A 133 -8.22 42.43 12.35
N TYR A 134 -9.52 42.55 12.13
CA TYR A 134 -10.49 42.53 13.21
C TYR A 134 -11.26 41.24 13.11
N SER A 135 -11.43 40.55 14.23
CA SER A 135 -12.09 39.25 14.21
C SER A 135 -12.79 38.92 15.51
N LEU A 136 -13.87 38.17 15.42
CA LEU A 136 -14.53 37.70 16.62
C LEU A 136 -14.03 36.32 17.02
N PHE A 137 -13.71 36.15 18.29
CA PHE A 137 -13.28 34.85 18.81
C PHE A 137 -14.13 34.44 19.99
N TYR A 138 -14.31 33.14 20.15
CA TYR A 138 -14.95 32.63 21.35
C TYR A 138 -14.01 32.76 22.52
N ARG A 139 -14.53 33.13 23.67
CA ARG A 139 -13.71 33.34 24.86
C ARG A 139 -12.92 32.10 25.27
N LEU A 140 -13.45 30.92 24.97
CA LEU A 140 -12.78 29.67 25.33
C LEU A 140 -11.43 29.51 24.63
N ASP A 141 -11.27 30.15 23.48
CA ASP A 141 -10.05 30.04 22.69
C ASP A 141 -9.04 31.12 23.06
N ILE A 142 -9.42 31.99 23.99
CA ILE A 142 -8.63 33.16 24.34
C ILE A 142 -8.07 33.12 25.76
N VAL A 143 -6.76 33.34 25.87
CA VAL A 143 -6.06 33.41 27.15
C VAL A 143 -5.45 34.79 27.38
N PRO A 144 -5.72 35.46 28.51
CA PRO A 144 -5.12 36.72 28.89
C PRO A 144 -3.61 36.63 28.99
N ILE A 145 -2.94 37.71 28.61
CA ILE A 145 -1.50 37.84 28.82
C ILE A 145 -1.25 37.92 30.32
N ASN A 146 -0.21 37.24 30.79
CA ASN A 146 0.07 37.08 32.23
C ASN A 146 0.32 38.42 32.95
N GLU A 147 0.53 39.48 32.19
CA GLU A 147 0.68 40.83 32.72
C GLU A 147 -0.63 41.28 33.40
N ASN A 148 -1.74 40.64 33.00
CA ASN A 148 -3.07 40.89 33.53
C ASN A 148 -3.56 42.32 33.38
N GLN A 149 -3.22 42.95 32.26
CA GLN A 149 -3.74 44.29 31.97
C GLN A 149 -5.24 44.21 31.64
N GLY A 150 -5.65 43.07 31.09
CA GLY A 150 -7.04 42.78 30.74
C GLY A 150 -7.41 43.24 29.34
N SER A 151 -6.51 43.98 28.70
CA SER A 151 -6.74 44.45 27.33
C SER A 151 -6.01 43.60 26.30
N GLU A 152 -5.06 42.77 26.76
CA GLU A 152 -4.25 41.99 25.84
C GLU A 152 -4.40 40.50 26.07
N TYR A 153 -4.51 39.75 24.97
CA TYR A 153 -4.77 38.32 24.99
C TYR A 153 -3.92 37.56 23.98
N ARG A 154 -3.85 36.25 24.13
CA ARG A 154 -3.21 35.37 23.17
C ARG A 154 -4.06 34.14 22.95
N LEU A 155 -3.85 33.44 21.85
CA LEU A 155 -4.58 32.20 21.64
C LEU A 155 -4.07 31.13 22.59
N ILE A 156 -4.98 30.27 23.04
CA ILE A 156 -4.67 29.25 24.03
C ILE A 156 -3.57 28.27 23.61
N ASN A 157 -3.39 28.08 22.31
CA ASN A 157 -2.39 27.14 21.81
C ASN A 157 -0.96 27.64 21.88
N CYS A 158 -0.78 28.93 22.11
CA CYS A 158 0.53 29.52 21.88
C CYS A 158 1.65 28.95 22.74
N ASN A 159 1.31 28.44 23.92
CA ASN A 159 2.31 27.84 24.78
C ASN A 159 2.33 26.32 24.66
N THR A 160 1.53 25.77 23.74
CA THR A 160 1.40 24.33 23.64
C THR A 160 1.72 23.77 22.26
N SER A 161 1.10 24.31 21.20
CA SER A 161 1.32 23.75 19.87
C SER A 161 0.91 24.69 18.74
N ALA A 162 1.42 24.42 17.54
CA ALA A 162 0.91 25.07 16.34
C ALA A 162 -0.49 24.52 16.05
N ILE A 163 -1.35 25.34 15.46
CA ILE A 163 -2.70 24.87 15.16
C ILE A 163 -2.90 24.70 13.66
N THR A 164 -3.23 23.50 13.21
CA THR A 164 -3.52 23.35 11.79
C THR A 164 -4.98 23.69 11.52
N GLN A 165 -5.24 24.54 10.53
CA GLN A 165 -6.61 24.87 10.17
C GLN A 165 -7.22 23.72 9.40
N ALA A 166 -8.44 23.34 9.75
CA ALA A 166 -9.09 22.32 8.94
C ALA A 166 -9.40 22.88 7.56
N CYS A 167 -9.23 22.06 6.53
CA CYS A 167 -9.57 22.52 5.20
C CYS A 167 -11.09 22.65 5.07
N PRO A 168 -11.61 23.80 4.59
CA PRO A 168 -13.03 24.15 4.52
C PRO A 168 -13.83 23.26 3.58
N LYS A 169 -13.14 22.62 2.65
CA LYS A 169 -13.79 21.77 1.66
C LYS A 169 -13.94 20.32 2.12
N VAL A 170 -13.39 20.00 3.28
CA VAL A 170 -13.44 18.62 3.76
C VAL A 170 -14.44 18.45 4.90
N SER A 171 -15.43 17.60 4.68
CA SER A 171 -16.52 17.37 5.61
C SER A 171 -16.12 16.53 6.81
N PHE A 172 -16.73 16.83 7.95
CA PHE A 172 -16.55 16.03 9.16
C PHE A 172 -17.71 15.08 9.40
N GLU A 173 -18.65 15.02 8.46
CA GLU A 173 -19.83 14.19 8.66
C GLU A 173 -19.43 12.71 8.74
N PRO A 174 -19.93 11.94 9.71
CA PRO A 174 -19.76 10.51 9.80
C PRO A 174 -20.32 9.79 8.59
N ILE A 175 -19.56 8.85 8.07
CA ILE A 175 -19.98 7.95 7.00
C ILE A 175 -19.77 6.53 7.51
N PRO A 176 -20.75 5.64 7.41
CA PRO A 176 -20.62 4.28 7.89
C PRO A 176 -19.40 3.60 7.29
N ILE A 177 -18.65 2.92 8.14
CA ILE A 177 -17.48 2.16 7.72
C ILE A 177 -17.69 0.69 8.04
N HIS A 178 -17.57 -0.16 7.05
CA HIS A 178 -17.68 -1.59 7.29
C HIS A 178 -16.28 -2.15 7.47
N TYR A 179 -16.03 -2.81 8.59
CA TYR A 179 -14.71 -3.40 8.77
C TYR A 179 -14.68 -4.80 8.24
N CYS A 180 -13.72 -5.08 7.36
CA CYS A 180 -13.62 -6.39 6.74
C CYS A 180 -12.31 -7.06 7.08
N THR A 181 -12.37 -8.36 7.29
CA THR A 181 -11.17 -9.11 7.63
C THR A 181 -10.56 -9.68 6.34
N PRO A 182 -9.22 -9.87 6.28
CA PRO A 182 -8.51 -10.51 5.19
C PRO A 182 -8.99 -11.91 4.97
N ALA A 183 -8.92 -12.38 3.74
CA ALA A 183 -9.37 -13.72 3.43
C ALA A 183 -8.55 -14.72 4.23
N GLY A 184 -9.21 -15.81 4.64
CA GLY A 184 -8.60 -16.81 5.51
C GLY A 184 -8.91 -16.53 6.97
N PHE A 185 -9.55 -15.40 7.21
CA PHE A 185 -10.01 -14.99 8.53
C PHE A 185 -11.51 -14.72 8.46
N ALA A 186 -12.18 -14.77 9.59
CA ALA A 186 -13.62 -14.51 9.60
C ALA A 186 -14.01 -13.75 10.85
N ILE A 187 -15.10 -13.00 10.77
CA ILE A 187 -15.60 -12.30 11.94
C ILE A 187 -16.85 -12.96 12.47
N LEU A 188 -16.81 -13.41 13.72
CA LEU A 188 -17.98 -14.02 14.32
C LEU A 188 -18.84 -12.94 14.92
N LYS A 189 -20.16 -13.08 14.80
CA LYS A 189 -21.10 -12.12 15.33
C LYS A 189 -22.01 -12.76 16.37
N CYS A 190 -22.17 -12.11 17.52
CA CYS A 190 -23.11 -12.59 18.52
C CYS A 190 -24.48 -11.96 18.33
N LYS A 191 -25.49 -12.81 18.20
CA LYS A 191 -26.85 -12.36 17.97
C LYS A 191 -27.78 -12.45 19.20
N ASP A 192 -27.27 -12.90 20.35
CA ASP A 192 -28.15 -13.04 21.50
C ASP A 192 -28.78 -11.70 21.87
N GLU A 193 -30.10 -11.71 22.06
CA GLU A 193 -30.86 -10.47 22.29
C GLU A 193 -30.48 -9.72 23.57
N GLY A 194 -30.11 -10.47 24.60
CA GLY A 194 -29.78 -9.90 25.90
C GLY A 194 -28.28 -9.72 26.12
N PHE A 195 -27.50 -9.92 25.06
CA PHE A 195 -26.05 -9.97 25.19
C PHE A 195 -25.45 -8.70 25.76
N ASN A 196 -24.65 -8.86 26.82
CA ASN A 196 -24.03 -7.73 27.52
C ASN A 196 -22.58 -7.51 27.08
N GLY A 197 -22.19 -8.17 26.00
CA GLY A 197 -20.85 -7.97 25.43
C GLY A 197 -19.78 -8.91 25.98
N THR A 198 -20.12 -9.67 27.01
CA THR A 198 -19.16 -10.60 27.59
C THR A 198 -19.78 -11.97 27.82
N GLY A 199 -18.95 -12.97 28.05
CA GLY A 199 -19.43 -14.30 28.37
C GLY A 199 -19.80 -15.07 27.12
N LEU A 200 -20.45 -16.22 27.31
CA LEU A 200 -20.78 -17.09 26.20
C LEU A 200 -21.99 -16.62 25.43
N CYS A 201 -21.90 -16.68 24.11
CA CYS A 201 -23.00 -16.33 23.23
C CYS A 201 -23.56 -17.58 22.56
N LYS A 202 -24.85 -17.84 22.76
CA LYS A 202 -25.48 -19.03 22.20
C LYS A 202 -25.73 -18.93 20.70
N ASN A 203 -26.12 -17.74 20.26
CA ASN A 203 -26.45 -17.52 18.86
C ASN A 203 -25.28 -16.85 18.12
N VAL A 204 -24.55 -17.66 17.37
CA VAL A 204 -23.34 -17.19 16.71
C VAL A 204 -23.45 -17.33 15.20
N SER A 205 -23.03 -16.30 14.48
CA SER A 205 -23.05 -16.33 13.02
C SER A 205 -21.76 -15.77 12.45
N THR A 206 -21.48 -16.07 11.19
CA THR A 206 -20.25 -15.61 10.57
C THR A 206 -20.48 -14.60 9.46
N VAL A 207 -19.70 -13.52 9.49
CA VAL A 207 -19.73 -12.50 8.44
C VAL A 207 -18.31 -12.16 8.00
N GLN A 208 -18.14 -11.77 6.74
CA GLN A 208 -16.85 -11.30 6.26
C GLN A 208 -16.57 -9.89 6.79
N CYS A 209 -17.64 -9.11 6.98
CA CYS A 209 -17.52 -7.72 7.39
C CYS A 209 -18.55 -7.35 8.45
N THR A 210 -18.28 -6.28 9.19
CA THR A 210 -19.21 -5.78 10.19
C THR A 210 -20.31 -4.98 9.53
N HIS A 211 -21.37 -4.70 10.30
CA HIS A 211 -22.37 -3.75 9.83
C HIS A 211 -21.67 -2.41 9.75
N GLY A 212 -22.15 -1.51 8.91
CA GLY A 212 -21.45 -0.24 8.81
C GLY A 212 -21.52 0.50 10.14
N ILE A 213 -20.38 1.02 10.58
CA ILE A 213 -20.30 1.75 11.84
C ILE A 213 -19.98 3.20 11.58
N LYS A 214 -20.84 4.10 12.04
CA LYS A 214 -20.54 5.51 11.89
C LYS A 214 -19.49 5.91 12.92
N PRO A 215 -18.42 6.61 12.54
CA PRO A 215 -17.36 7.09 13.39
C PRO A 215 -17.78 8.36 14.14
N VAL A 216 -18.82 8.23 14.96
CA VAL A 216 -19.33 9.37 15.71
C VAL A 216 -18.48 9.62 16.93
N VAL A 217 -18.03 10.85 17.10
CA VAL A 217 -17.24 11.22 18.26
C VAL A 217 -18.06 12.04 19.23
N SER A 218 -18.14 11.58 20.47
CA SER A 218 -18.90 12.28 21.50
C SER A 218 -18.32 12.01 22.88
N THR A 219 -18.65 12.88 23.84
CA THR A 219 -18.06 12.73 25.18
C THR A 219 -18.95 12.04 26.22
N GLN A 220 -20.23 12.41 26.34
CA GLN A 220 -21.01 11.83 27.44
C GLN A 220 -22.15 10.97 26.95
N LEU A 221 -22.78 11.39 25.88
CA LEU A 221 -23.88 10.64 25.31
C LEU A 221 -23.42 9.98 24.02
N LEU A 222 -23.88 8.78 23.76
CA LEU A 222 -23.56 8.14 22.51
C LEU A 222 -24.63 8.50 21.51
N LEU A 223 -24.23 9.12 20.42
CA LEU A 223 -25.18 9.61 19.44
C LEU A 223 -25.17 8.79 18.16
N ASN A 224 -26.34 8.67 17.55
CA ASN A 224 -26.49 8.09 16.22
C ASN A 224 -25.92 6.68 16.13
N GLY A 225 -26.03 5.90 17.21
CA GLY A 225 -25.56 4.51 17.23
C GLY A 225 -26.70 3.51 17.06
N SER A 226 -26.40 2.24 17.34
CA SER A 226 -27.39 1.17 17.28
C SER A 226 -28.26 1.14 18.54
N LEU A 227 -29.49 0.62 18.39
CA LEU A 227 -30.42 0.48 19.51
C LEU A 227 -30.55 -0.97 19.98
N ALA A 228 -30.80 -1.14 21.28
CA ALA A 228 -31.09 -2.47 21.82
C ALA A 228 -32.44 -2.95 21.30
N GLU A 229 -32.54 -4.24 21.00
CA GLU A 229 -33.77 -4.75 20.40
C GLU A 229 -35.00 -4.80 21.33
N LYS A 230 -34.81 -5.18 22.59
CA LYS A 230 -35.96 -5.33 23.48
C LYS A 230 -35.84 -4.63 24.83
N ASN A 231 -34.64 -4.66 25.41
CA ASN A 231 -34.44 -4.16 26.76
C ASN A 231 -33.17 -3.35 26.86
N ILE A 232 -33.07 -2.49 27.87
CA ILE A 232 -31.86 -1.71 28.04
C ILE A 232 -30.75 -2.61 28.53
N ILE A 233 -29.61 -2.53 27.86
CA ILE A 233 -28.48 -3.38 28.20
C ILE A 233 -27.37 -2.57 28.83
N ILE A 234 -26.98 -2.97 30.02
CA ILE A 234 -25.92 -2.29 30.75
C ILE A 234 -24.65 -3.12 30.73
N ARG A 235 -23.56 -2.51 30.26
CA ARG A 235 -22.32 -3.24 30.07
C ARG A 235 -21.18 -2.64 30.87
N SER A 236 -20.39 -3.49 31.51
CA SER A 236 -19.20 -3.05 32.23
C SER A 236 -18.21 -4.19 32.39
N GLU A 237 -16.93 -3.86 32.45
CA GLU A 237 -15.92 -4.87 32.74
C GLU A 237 -16.12 -5.46 34.13
N ASN A 238 -16.62 -4.63 35.05
CA ASN A 238 -16.87 -5.02 36.43
C ASN A 238 -17.77 -3.99 37.11
N ILE A 239 -19.06 -4.31 37.25
CA ILE A 239 -19.99 -3.32 37.81
C ILE A 239 -19.65 -2.93 39.24
N THR A 240 -19.20 -3.89 40.03
CA THR A 240 -18.86 -3.64 41.43
C THR A 240 -17.70 -2.64 41.56
N ASN A 241 -16.78 -2.67 40.61
CA ASN A 241 -15.66 -1.74 40.60
C ASN A 241 -16.09 -0.42 39.98
N ASN A 242 -16.21 0.60 40.80
CA ASN A 242 -16.76 1.88 40.37
C ASN A 242 -15.90 2.60 39.34
N ALA A 243 -14.63 2.24 39.28
CA ALA A 243 -13.68 2.85 38.35
C ALA A 243 -14.03 2.51 36.91
N LYS A 244 -14.66 1.37 36.70
CA LYS A 244 -14.94 0.92 35.35
C LYS A 244 -16.11 1.67 34.76
N ILE A 245 -15.99 2.02 33.49
CA ILE A 245 -17.05 2.73 32.80
C ILE A 245 -18.24 1.81 32.56
N ILE A 246 -19.43 2.36 32.72
CA ILE A 246 -20.66 1.65 32.45
C ILE A 246 -21.26 2.16 31.16
N ILE A 247 -21.46 1.27 30.19
CA ILE A 247 -22.05 1.66 28.91
C ILE A 247 -23.49 1.21 28.87
N VAL A 248 -24.40 2.14 28.66
CA VAL A 248 -25.82 1.80 28.64
C VAL A 248 -26.39 1.95 27.25
N GLN A 249 -26.94 0.88 26.70
CA GLN A 249 -27.55 0.95 25.36
C GLN A 249 -29.06 1.01 25.48
N LEU A 250 -29.66 2.02 24.84
CA LEU A 250 -31.09 2.26 24.97
C LEU A 250 -31.89 1.53 23.90
N VAL A 251 -33.10 1.09 24.27
CA VAL A 251 -34.04 0.48 23.34
C VAL A 251 -34.63 1.51 22.39
N GLN A 252 -34.98 2.66 22.95
CA GLN A 252 -35.56 3.75 22.20
C GLN A 252 -34.57 4.89 22.11
N PRO A 253 -34.52 5.62 21.00
CA PRO A 253 -33.74 6.81 20.82
C PRO A 253 -34.37 7.95 21.60
N VAL A 254 -33.56 8.87 22.08
CA VAL A 254 -34.12 10.11 22.58
C VAL A 254 -33.66 11.23 21.69
N THR A 255 -34.62 11.94 21.10
CA THR A 255 -34.27 12.99 20.18
C THR A 255 -33.63 14.16 20.90
N ILE A 256 -32.50 14.60 20.39
CA ILE A 256 -31.88 15.82 20.88
C ILE A 256 -31.68 16.78 19.72
N LYS A 257 -32.11 18.01 19.90
CA LYS A 257 -31.97 19.01 18.85
C LYS A 257 -30.99 20.05 19.31
N CYS A 258 -30.11 20.48 18.41
CA CYS A 258 -29.10 21.46 18.78
C CYS A 258 -29.01 22.59 17.78
N ILE A 259 -28.84 23.79 18.29
CA ILE A 259 -28.81 24.98 17.45
C ILE A 259 -27.76 26.00 17.91
N ARG A 260 -27.18 26.69 16.93
CA ARG A 260 -26.38 27.88 17.16
C ARG A 260 -27.05 29.08 16.50
N PRO A 261 -27.90 29.84 17.20
CA PRO A 261 -28.73 30.91 16.69
C PRO A 261 -27.94 32.04 16.04
N ASN A 262 -26.67 32.19 16.42
CA ASN A 262 -25.86 33.28 15.88
C ASN A 262 -25.66 33.13 14.39
N ASN A 263 -25.92 34.22 13.67
CA ASN A 263 -25.73 34.24 12.24
C ASN A 263 -24.35 34.78 11.88
N ASN A 264 -23.43 33.86 11.59
CA ASN A 264 -22.06 34.27 11.32
C ASN A 264 -21.85 34.75 9.90
N THR A 265 -21.11 35.85 9.76
CA THR A 265 -20.59 36.28 8.48
C THR A 265 -19.11 35.99 8.47
N VAL A 266 -18.69 35.14 7.54
CA VAL A 266 -17.30 34.69 7.51
C VAL A 266 -16.49 35.42 6.46
N LYS A 267 -15.34 35.92 6.89
CA LYS A 267 -14.42 36.64 6.03
C LYS A 267 -13.11 35.90 5.98
N SER A 268 -12.32 36.15 4.94
CA SER A 268 -11.02 35.50 4.86
C SER A 268 -9.94 36.43 4.35
N ILE A 269 -8.73 36.18 4.83
CA ILE A 269 -7.54 36.93 4.44
C ILE A 269 -6.41 36.00 4.08
N ARG A 270 -5.53 36.46 3.21
CA ARG A 270 -4.33 35.68 2.92
C ARG A 270 -3.33 35.80 4.05
N ILE A 271 -2.69 34.69 4.39
CA ILE A 271 -1.63 34.66 5.39
C ILE A 271 -0.28 34.86 4.73
N GLY A 272 -0.15 34.21 3.59
CA GLY A 272 1.06 34.15 2.80
C GLY A 272 0.68 33.36 1.56
N PRO A 273 1.59 33.16 0.61
CA PRO A 273 1.31 32.45 -0.62
C PRO A 273 0.80 31.06 -0.30
N GLY A 274 -0.30 30.69 -0.93
CA GLY A 274 -0.87 29.34 -0.76
C GLY A 274 -1.65 29.16 0.54
N GLN A 275 -1.78 30.22 1.34
CA GLN A 275 -2.44 30.09 2.64
C GLN A 275 -3.51 31.14 2.88
N ALA A 276 -4.52 30.78 3.65
CA ALA A 276 -5.58 31.71 4.01
C ALA A 276 -6.15 31.41 5.37
N PHE A 277 -6.67 32.44 6.04
CA PHE A 277 -7.28 32.31 7.36
C PHE A 277 -8.75 32.66 7.30
N TYR A 278 -9.59 31.79 7.83
CA TYR A 278 -11.03 32.05 7.88
C TYR A 278 -11.44 32.47 9.29
N TYR A 279 -12.21 33.53 9.38
CA TYR A 279 -12.65 34.03 10.68
C TYR A 279 -14.02 34.67 10.61
N THR A 280 -14.69 34.78 11.76
CA THR A 280 -15.98 35.44 11.78
C THR A 280 -15.80 36.94 11.77
N GLY A 281 -16.29 37.59 10.71
CA GLY A 281 -16.13 39.03 10.59
C GLY A 281 -17.24 39.79 11.31
N ASP A 282 -18.41 39.15 11.42
CA ASP A 282 -19.56 39.81 12.06
C ASP A 282 -20.65 38.82 12.44
N ILE A 283 -21.55 39.27 13.30
CA ILE A 283 -22.76 38.53 13.63
C ILE A 283 -24.00 39.36 13.35
N ILE A 284 -24.93 38.78 12.60
CA ILE A 284 -26.15 39.46 12.24
C ILE A 284 -27.28 39.12 13.21
N GLY A 285 -27.88 40.14 13.80
CA GLY A 285 -28.94 39.96 14.78
C GLY A 285 -28.37 39.76 16.18
N ASP A 286 -29.26 39.56 17.15
CA ASP A 286 -28.86 39.45 18.54
C ASP A 286 -27.94 38.25 18.78
N ILE A 287 -26.93 38.46 19.61
CA ILE A 287 -26.04 37.37 20.00
C ILE A 287 -26.70 36.52 21.07
N ARG A 288 -26.79 35.22 20.81
CA ARG A 288 -27.47 34.30 21.70
C ARG A 288 -26.65 33.04 21.95
N GLN A 289 -26.79 32.48 23.14
CA GLN A 289 -26.04 31.29 23.52
C GLN A 289 -26.56 30.04 22.81
N ALA A 290 -25.62 29.21 22.35
CA ALA A 290 -25.94 27.94 21.72
C ALA A 290 -26.61 27.02 22.74
N HIS A 291 -27.52 26.17 22.27
CA HIS A 291 -28.20 25.27 23.20
C HIS A 291 -28.72 24.01 22.54
N CYS A 292 -28.99 22.99 23.38
CA CYS A 292 -29.64 21.77 22.92
C CYS A 292 -30.91 21.47 23.71
N ASN A 293 -31.86 20.79 23.06
CA ASN A 293 -33.15 20.45 23.67
C ASN A 293 -33.41 18.95 23.71
N VAL A 294 -33.67 18.45 24.90
CA VAL A 294 -34.09 17.06 25.07
C VAL A 294 -35.49 17.03 25.69
N THR A 295 -36.43 16.32 25.08
CA THR A 295 -37.80 16.31 25.60
C THR A 295 -37.83 15.75 27.01
N ARG A 296 -38.43 16.50 27.94
CA ARG A 296 -38.39 16.10 29.34
C ARG A 296 -39.13 14.81 29.64
N SER A 297 -40.32 14.65 29.07
CA SER A 297 -41.11 13.47 29.39
C SER A 297 -40.46 12.21 28.87
N ARG A 298 -39.87 12.29 27.68
CA ARG A 298 -39.23 11.13 27.09
C ARG A 298 -37.96 10.80 27.86
N TRP A 299 -37.24 11.84 28.26
CA TRP A 299 -36.00 11.64 29.01
C TRP A 299 -36.24 11.03 30.38
N ASN A 300 -37.30 11.46 31.07
CA ASN A 300 -37.57 10.90 32.39
C ASN A 300 -37.98 9.45 32.28
N LYS A 301 -38.71 9.11 31.22
CA LYS A 301 -39.06 7.72 30.99
C LYS A 301 -37.80 6.90 30.77
N THR A 302 -36.87 7.45 30.00
CA THR A 302 -35.63 6.78 29.71
C THR A 302 -34.81 6.54 30.97
N LEU A 303 -34.70 7.57 31.81
CA LEU A 303 -33.94 7.41 33.04
C LEU A 303 -34.56 6.40 33.98
N GLN A 304 -35.89 6.36 34.03
CA GLN A 304 -36.54 5.41 34.91
C GLN A 304 -36.17 4.00 34.52
N GLU A 305 -36.21 3.73 33.23
CA GLU A 305 -35.92 2.39 32.75
C GLU A 305 -34.45 2.03 33.02
N VAL A 306 -33.56 3.01 32.92
CA VAL A 306 -32.16 2.76 33.24
C VAL A 306 -32.00 2.44 34.72
N ALA A 307 -32.68 3.22 35.57
CA ALA A 307 -32.61 3.00 37.00
C ALA A 307 -33.15 1.62 37.38
N GLU A 308 -34.19 1.16 36.69
CA GLU A 308 -34.73 -0.15 36.99
C GLU A 308 -33.72 -1.24 36.71
N LYS A 309 -32.94 -1.07 35.65
CA LYS A 309 -31.92 -2.07 35.34
C LYS A 309 -30.70 -1.95 36.26
N LEU A 310 -30.37 -0.74 36.69
CA LEU A 310 -29.25 -0.57 37.61
C LEU A 310 -29.57 -1.19 38.98
N ARG A 311 -30.81 -1.05 39.42
CA ARG A 311 -31.20 -1.59 40.72
C ARG A 311 -31.03 -3.10 40.79
N THR A 312 -31.11 -3.77 39.64
CA THR A 312 -30.93 -5.21 39.58
C THR A 312 -29.53 -5.62 40.03
N TYR A 313 -28.53 -4.80 39.68
CA TYR A 313 -27.16 -5.15 40.00
C TYR A 313 -26.72 -4.61 41.35
N PHE A 314 -27.42 -3.61 41.86
CA PHE A 314 -27.02 -2.94 43.09
C PHE A 314 -27.88 -3.24 44.32
N GLY A 315 -28.73 -4.27 44.25
CA GLY A 315 -29.47 -4.65 45.45
C GLY A 315 -30.66 -3.75 45.79
N ASN A 316 -31.22 -3.09 44.76
CA ASN A 316 -32.34 -2.17 44.93
C ASN A 316 -32.02 -0.97 45.82
N LYS A 317 -30.80 -0.47 45.70
CA LYS A 317 -30.39 0.76 46.37
C LYS A 317 -30.93 1.97 45.62
N THR A 318 -31.10 3.08 46.32
CA THR A 318 -31.59 4.30 45.70
C THR A 318 -30.63 4.76 44.60
N ILE A 319 -31.18 5.08 43.42
CA ILE A 319 -30.34 5.48 42.30
C ILE A 319 -30.32 6.99 42.15
N ILE A 320 -29.13 7.56 42.29
CA ILE A 320 -28.96 8.99 42.16
C ILE A 320 -28.12 9.32 40.95
N PHE A 321 -28.62 10.19 40.10
CA PHE A 321 -27.82 10.69 39.00
C PHE A 321 -27.27 12.03 39.41
N ALA A 322 -26.07 12.36 38.93
CA ALA A 322 -25.44 13.62 39.30
C ALA A 322 -24.60 14.18 38.17
N GLN A 323 -24.28 15.46 38.27
CA GLN A 323 -23.46 16.15 37.29
C GLN A 323 -22.03 15.68 37.34
N SER A 324 -21.27 16.00 36.29
CA SER A 324 -19.89 15.57 36.17
C SER A 324 -19.01 16.11 37.29
N SER A 325 -17.93 15.40 37.57
CA SER A 325 -17.04 15.62 38.71
C SER A 325 -16.22 16.92 38.69
N GLY A 326 -16.15 17.57 37.55
CA GLY A 326 -15.30 18.76 37.42
C GLY A 326 -13.99 18.42 36.72
N GLY A 327 -13.14 19.42 36.55
CA GLY A 327 -11.97 19.28 35.71
C GLY A 327 -12.21 19.86 34.31
N ASP A 328 -11.39 19.46 33.34
CA ASP A 328 -11.37 20.08 32.02
C ASP A 328 -12.70 19.99 31.27
N LEU A 329 -13.01 21.03 30.52
CA LEU A 329 -14.26 21.15 29.76
C LEU A 329 -14.49 19.96 28.83
N GLU A 330 -13.42 19.42 28.26
CA GLU A 330 -13.54 18.31 27.31
C GLU A 330 -14.07 17.04 27.95
N ILE A 331 -13.93 16.91 29.26
CA ILE A 331 -14.42 15.75 29.99
C ILE A 331 -15.74 16.03 30.68
N THR A 332 -15.84 17.20 31.31
CA THR A 332 -16.97 17.55 32.15
C THR A 332 -18.24 17.86 31.39
N THR A 333 -18.13 18.12 30.10
CA THR A 333 -19.30 18.42 29.30
C THR A 333 -19.43 17.48 28.12
N HIS A 334 -20.65 17.38 27.61
CA HIS A 334 -20.93 16.59 26.43
C HIS A 334 -20.46 17.31 25.20
N SER A 335 -19.87 16.61 24.25
CA SER A 335 -19.44 17.29 23.05
C SER A 335 -19.81 16.52 21.81
N PHE A 336 -19.96 17.25 20.71
CA PHE A 336 -20.27 16.66 19.40
C PHE A 336 -19.95 17.61 18.26
N ASN A 337 -19.85 17.08 17.05
CA ASN A 337 -19.66 17.88 15.85
C ASN A 337 -20.96 18.05 15.07
N CYS A 338 -21.50 19.27 15.08
CA CYS A 338 -22.75 19.57 14.36
C CYS A 338 -22.57 20.74 13.40
N GLY A 339 -22.71 20.46 12.11
CA GLY A 339 -22.57 21.51 11.10
C GLY A 339 -21.12 21.85 10.84
N GLY A 340 -20.22 21.07 11.43
CA GLY A 340 -18.79 21.31 11.36
C GLY A 340 -18.28 22.11 12.58
N GLU A 341 -19.20 22.62 13.39
CA GLU A 341 -18.82 23.32 14.62
C GLU A 341 -18.72 22.34 15.77
N PHE A 342 -17.80 22.61 16.70
CA PHE A 342 -17.65 21.76 17.87
C PHE A 342 -18.31 22.36 19.09
N PHE A 343 -19.31 21.64 19.60
CA PHE A 343 -20.13 22.08 20.71
C PHE A 343 -19.71 21.42 22.00
N TYR A 344 -19.82 22.16 23.09
CA TYR A 344 -19.67 21.61 24.44
C TYR A 344 -20.91 21.97 25.25
N CYS A 345 -21.58 20.98 25.84
CA CYS A 345 -22.87 21.25 26.48
C CYS A 345 -22.94 20.77 27.93
N ASN A 346 -23.61 21.57 28.75
CA ASN A 346 -23.78 21.28 30.17
C ASN A 346 -24.96 20.34 30.38
N THR A 347 -24.66 19.11 30.79
CA THR A 347 -25.65 18.05 30.90
C THR A 347 -26.22 17.92 32.31
N SER A 348 -25.91 18.85 33.20
CA SER A 348 -26.41 18.74 34.55
C SER A 348 -27.93 18.80 34.58
N GLY A 349 -28.53 19.36 33.53
CA GLY A 349 -29.99 19.40 33.41
C GLY A 349 -30.57 18.02 33.10
N LEU A 350 -29.74 17.10 32.60
CA LEU A 350 -30.22 15.75 32.24
C LEU A 350 -30.02 14.74 33.36
N PHE A 351 -29.00 14.95 34.17
CA PHE A 351 -28.57 13.95 35.15
C PHE A 351 -28.81 14.37 36.58
N ASN A 352 -29.84 15.16 36.81
CA ASN A 352 -30.14 15.69 38.14
C ASN A 352 -31.23 14.91 38.86
N SER A 353 -31.69 13.82 38.29
CA SER A 353 -32.80 13.06 38.88
C SER A 353 -32.39 12.09 39.99
N THR A 354 -33.37 11.74 40.84
CA THR A 354 -33.22 10.67 41.83
C THR A 354 -34.36 9.68 41.68
N TRP A 355 -34.06 8.38 41.75
CA TRP A 355 -35.08 7.37 41.59
C TRP A 355 -35.13 6.39 42.73
N TYR A 356 -36.33 5.94 43.05
CA TYR A 356 -36.58 5.04 44.18
C TYR A 356 -37.23 3.76 43.73
N VAL A 357 -37.18 2.74 44.57
CA VAL A 357 -37.81 1.46 44.27
C VAL A 357 -39.30 1.63 44.05
N ASN A 358 -39.92 2.52 44.81
CA ASN A 358 -41.33 2.82 44.67
C ASN A 358 -41.72 2.99 43.20
N ASP A 372 -42.91 19.56 28.01
CA ASP A 372 -41.92 20.57 27.69
C ASP A 372 -40.55 19.93 27.48
N THR A 373 -39.51 20.77 27.35
CA THR A 373 -38.18 20.29 27.04
C THR A 373 -37.14 20.76 28.05
N ILE A 374 -36.02 20.06 28.10
CA ILE A 374 -34.90 20.44 28.92
C ILE A 374 -33.88 21.16 28.05
N THR A 375 -33.60 22.42 28.34
CA THR A 375 -32.64 23.16 27.54
C THR A 375 -31.28 23.12 28.19
N LEU A 376 -30.30 22.67 27.42
CA LEU A 376 -28.93 22.58 27.88
C LEU A 376 -28.11 23.72 27.28
N PRO A 377 -27.48 24.58 28.09
CA PRO A 377 -26.55 25.58 27.65
C PRO A 377 -25.38 24.95 26.93
N CYS A 378 -24.93 25.56 25.85
CA CYS A 378 -23.77 25.06 25.14
C CYS A 378 -22.80 26.17 24.76
N ARG A 379 -21.56 25.79 24.54
CA ARG A 379 -20.53 26.70 24.11
C ARG A 379 -19.81 26.13 22.90
N ILE A 380 -19.26 27.01 22.08
CA ILE A 380 -18.53 26.58 20.90
C ILE A 380 -17.08 26.98 20.98
N LYS A 381 -16.19 26.04 20.69
CA LYS A 381 -14.75 26.30 20.77
C LYS A 381 -14.11 25.97 19.43
N GLN A 382 -13.32 26.91 18.89
CA GLN A 382 -12.71 26.68 17.59
C GLN A 382 -11.38 25.94 17.67
N ILE A 383 -10.69 26.05 18.80
CA ILE A 383 -9.41 25.36 18.93
C ILE A 383 -9.59 24.12 19.78
N ILE A 384 -9.39 22.97 19.18
CA ILE A 384 -9.70 21.72 19.86
C ILE A 384 -8.58 20.70 19.77
N ASN A 385 -8.63 19.71 20.65
CA ASN A 385 -7.72 18.57 20.63
C ASN A 385 -8.51 17.31 20.99
N MET A 386 -9.13 16.71 19.99
CA MET A 386 -10.11 15.65 20.20
C MET A 386 -9.56 14.40 20.85
N TRP A 387 -8.30 14.10 20.60
CA TRP A 387 -7.71 12.88 21.10
C TRP A 387 -6.85 13.15 22.34
N GLN A 388 -6.88 14.40 22.82
CA GLN A 388 -6.11 14.84 23.98
C GLN A 388 -4.61 14.56 23.84
N ARG A 389 -4.08 14.70 22.63
CA ARG A 389 -2.66 14.46 22.43
C ARG A 389 -1.84 15.71 22.70
N ALA A 390 -0.76 15.57 23.47
CA ALA A 390 0.11 16.70 23.69
C ALA A 390 0.74 17.12 22.38
N GLY A 391 0.89 18.43 22.19
CA GLY A 391 1.57 18.94 21.01
C GLY A 391 0.69 19.05 19.77
N GLN A 392 -0.60 18.71 19.89
CA GLN A 392 -1.50 18.77 18.74
C GLN A 392 -2.66 19.73 18.96
N ALA A 393 -3.13 20.35 17.88
CA ALA A 393 -4.33 21.19 17.92
C ALA A 393 -4.89 21.39 16.52
N MET A 394 -6.20 21.65 16.44
CA MET A 394 -6.84 21.99 15.16
C MET A 394 -7.71 23.24 15.31
N TYR A 395 -7.72 24.08 14.28
CA TYR A 395 -8.62 25.23 14.25
C TYR A 395 -9.76 24.95 13.30
N ALA A 396 -10.95 24.77 13.83
CA ALA A 396 -12.08 24.63 12.93
C ALA A 396 -12.37 26.02 12.37
N PRO A 397 -12.59 26.18 11.07
CA PRO A 397 -13.02 27.41 10.48
C PRO A 397 -14.46 27.62 10.90
N PRO A 398 -14.90 28.87 11.07
CA PRO A 398 -16.27 29.21 11.37
C PRO A 398 -17.15 28.87 10.20
N ILE A 399 -18.35 28.43 10.51
CA ILE A 399 -19.34 28.09 9.50
C ILE A 399 -20.39 29.21 9.41
N PRO A 400 -20.61 29.80 8.23
CA PRO A 400 -21.48 30.94 8.01
C PRO A 400 -22.95 30.59 8.23
N GLY A 401 -23.73 31.61 8.59
CA GLY A 401 -25.17 31.41 8.77
C GLY A 401 -25.49 30.77 10.12
N VAL A 402 -26.65 30.12 10.17
CA VAL A 402 -27.17 29.52 11.41
C VAL A 402 -27.20 28.01 11.30
N ILE A 403 -26.69 27.34 12.32
CA ILE A 403 -26.62 25.88 12.31
C ILE A 403 -27.67 25.22 13.16
N LYS A 404 -28.41 24.31 12.55
CA LYS A 404 -29.38 23.51 13.27
C LYS A 404 -29.24 22.05 12.86
N CYS A 405 -29.31 21.15 13.83
CA CYS A 405 -29.25 19.72 13.54
C CYS A 405 -30.00 18.91 14.59
N GLU A 406 -30.22 17.65 14.27
CA GLU A 406 -30.91 16.73 15.15
C GLU A 406 -30.17 15.41 15.22
N SER A 407 -30.13 14.80 16.39
CA SER A 407 -29.46 13.52 16.54
C SER A 407 -30.16 12.65 17.57
N ASN A 408 -29.87 11.36 17.52
CA ASN A 408 -30.49 10.40 18.44
C ASN A 408 -29.56 9.99 19.56
N ILE A 409 -29.99 10.16 20.80
CA ILE A 409 -29.21 9.59 21.88
C ILE A 409 -29.54 8.12 21.93
N THR A 410 -28.53 7.29 21.69
CA THR A 410 -28.75 5.86 21.60
C THR A 410 -28.09 5.11 22.74
N GLY A 411 -27.31 5.82 23.54
CA GLY A 411 -26.69 5.21 24.70
C GLY A 411 -26.02 6.23 25.59
N LEU A 412 -25.69 5.82 26.80
CA LEU A 412 -25.09 6.69 27.80
C LEU A 412 -23.74 6.16 28.26
N LEU A 413 -22.82 7.05 28.61
CA LEU A 413 -21.62 6.63 29.33
C LEU A 413 -21.70 7.07 30.78
N LEU A 414 -21.67 6.13 31.71
CA LEU A 414 -21.76 6.45 33.14
C LEU A 414 -20.57 5.93 33.95
N THR A 415 -20.25 6.62 35.03
CA THR A 415 -19.28 6.17 36.02
C THR A 415 -19.92 6.25 37.40
N ARG A 416 -19.31 5.63 38.40
CA ARG A 416 -19.95 5.59 39.71
C ARG A 416 -19.05 6.08 40.84
N ASP A 417 -19.65 6.67 41.87
CA ASP A 417 -18.91 7.13 43.04
C ASP A 417 -18.65 5.99 44.02
N GLY A 418 -17.38 5.65 44.19
CA GLY A 418 -17.00 4.59 45.13
C GLY A 418 -16.56 5.19 46.46
N GLY A 419 -15.96 4.36 47.31
CA GLY A 419 -15.45 4.81 48.60
C GLY A 419 -16.51 4.86 49.69
N LYS A 420 -17.72 4.41 49.38
CA LYS A 420 -18.81 4.45 50.35
C LYS A 420 -19.33 3.07 50.68
N ASP A 421 -19.65 2.86 51.95
CA ASP A 421 -20.24 1.62 52.43
C ASP A 421 -21.75 1.77 52.64
N ASN A 422 -22.31 2.89 52.17
CA ASN A 422 -23.71 3.19 52.40
C ASN A 422 -24.61 2.13 51.78
N ASN A 423 -25.62 1.73 52.53
CA ASN A 423 -26.58 0.73 52.08
C ASN A 423 -27.83 1.37 51.48
N VAL A 424 -27.80 2.69 51.34
CA VAL A 424 -28.94 3.42 50.81
C VAL A 424 -28.74 3.93 49.40
N ASN A 425 -27.64 4.69 49.19
CA ASN A 425 -27.44 5.41 47.95
C ASN A 425 -26.38 4.78 47.04
N GLU A 426 -26.60 4.94 45.74
CA GLU A 426 -25.55 4.84 44.74
C GLU A 426 -25.62 6.08 43.86
N THR A 427 -24.47 6.60 43.43
CA THR A 427 -24.47 7.81 42.60
C THR A 427 -23.76 7.58 41.27
N PHE A 428 -24.41 8.04 40.19
CA PHE A 428 -23.86 7.88 38.85
C PHE A 428 -23.64 9.22 38.18
N ARG A 429 -22.57 9.30 37.40
CA ARG A 429 -22.21 10.54 36.70
C ARG A 429 -21.89 10.21 35.25
N PRO A 430 -22.19 11.12 34.31
CA PRO A 430 -21.94 10.99 32.89
C PRO A 430 -20.47 11.08 32.50
N GLY A 431 -20.14 10.46 31.37
CA GLY A 431 -18.84 10.61 30.73
C GLY A 431 -17.79 9.65 31.23
N GLY A 432 -16.56 9.86 30.77
CA GLY A 432 -15.42 9.03 31.12
C GLY A 432 -14.18 9.55 30.39
N SER A 433 -13.01 9.07 30.81
CA SER A 433 -11.75 9.57 30.23
C SER A 433 -11.34 8.91 28.92
N ASP A 434 -11.94 7.77 28.58
CA ASP A 434 -11.46 6.99 27.44
C ASP A 434 -12.36 7.03 26.21
N MET A 435 -11.87 7.64 25.14
CA MET A 435 -12.59 7.76 23.88
C MET A 435 -12.86 6.42 23.21
N ARG A 436 -12.06 5.41 23.51
CA ARG A 436 -12.17 4.10 22.89
C ARG A 436 -13.50 3.43 23.21
N ASP A 437 -14.12 3.85 24.30
CA ASP A 437 -15.36 3.25 24.74
C ASP A 437 -16.52 3.54 23.81
N ASN A 438 -16.40 4.56 22.97
CA ASN A 438 -17.47 4.80 22.02
C ASN A 438 -17.52 3.67 21.00
N TRP A 439 -16.35 3.23 20.55
CA TRP A 439 -16.27 2.20 19.52
C TRP A 439 -16.78 0.87 20.07
N ARG A 440 -16.57 0.65 21.36
CA ARG A 440 -17.03 -0.56 22.00
C ARG A 440 -18.54 -0.73 21.97
N SER A 441 -19.28 0.37 21.87
CA SER A 441 -20.72 0.27 21.85
C SER A 441 -21.26 -0.35 20.57
N GLU A 442 -20.44 -0.34 19.50
CA GLU A 442 -20.84 -0.95 18.24
C GLU A 442 -20.11 -2.26 17.95
N LEU A 443 -18.90 -2.39 18.48
CA LEU A 443 -18.06 -3.56 18.18
C LEU A 443 -18.22 -4.72 19.16
N TYR A 444 -19.07 -4.56 20.17
CA TYR A 444 -19.25 -5.61 21.17
C TYR A 444 -19.73 -6.93 20.58
N LYS A 445 -20.45 -6.86 19.46
CA LYS A 445 -20.97 -8.06 18.81
C LYS A 445 -19.91 -8.90 18.14
N TYR A 446 -18.77 -8.30 17.80
CA TYR A 446 -17.86 -8.95 16.86
C TYR A 446 -16.59 -9.52 17.47
N LYS A 447 -16.16 -10.65 16.94
CA LYS A 447 -14.89 -11.26 17.31
C LYS A 447 -14.14 -11.74 16.07
N VAL A 448 -12.83 -11.52 16.03
CA VAL A 448 -12.02 -11.94 14.88
C VAL A 448 -11.30 -13.25 15.13
N VAL A 449 -11.49 -14.21 14.21
CA VAL A 449 -10.84 -15.51 14.36
C VAL A 449 -10.10 -15.92 13.09
N GLU A 450 -9.04 -16.72 13.24
CA GLU A 450 -8.30 -17.27 12.12
C GLU A 450 -8.85 -18.64 11.76
N ILE A 451 -9.04 -18.88 10.47
CA ILE A 451 -9.53 -20.18 9.99
C ILE A 451 -8.37 -21.12 9.76
N GLU A 452 -8.45 -22.35 10.28
CA GLU A 452 -7.37 -23.32 10.10
C GLU A 452 -7.82 -24.58 9.35
N PRO A 453 -7.76 -24.60 8.00
CA PRO A 453 -8.21 -25.65 7.11
C PRO A 453 -7.63 -27.03 7.35
N LEU A 454 -6.43 -27.13 7.90
CA LEU A 454 -5.83 -28.43 8.12
C LEU A 454 -6.24 -29.05 9.44
N GLY A 455 -6.39 -30.36 9.43
CA GLY A 455 -6.59 -31.10 10.67
C GLY A 455 -6.29 -32.57 10.45
N VAL A 456 -6.04 -33.27 11.55
CA VAL A 456 -5.70 -34.69 11.50
C VAL A 456 -6.55 -35.49 12.45
N ALA A 457 -7.04 -36.63 11.97
CA ALA A 457 -7.83 -37.53 12.81
C ALA A 457 -7.58 -38.98 12.36
N PRO A 458 -7.64 -39.96 13.27
CA PRO A 458 -7.44 -41.36 12.97
C PRO A 458 -8.57 -41.96 12.16
N THR A 459 -8.21 -42.82 11.22
CA THR A 459 -9.17 -43.64 10.50
C THR A 459 -8.59 -45.03 10.31
N ARG A 460 -9.37 -45.96 9.80
CA ARG A 460 -8.86 -47.27 9.44
C ARG A 460 -8.08 -47.24 8.12
N CYS A 461 -8.18 -46.13 7.40
CA CYS A 461 -7.62 -46.01 6.06
C CYS A 461 -6.11 -46.07 6.07
N LYS A 462 -5.54 -46.87 5.17
CA LYS A 462 -4.09 -46.91 5.01
C LYS A 462 -3.73 -46.55 3.58
N ARG A 463 -2.70 -45.74 3.42
CA ARG A 463 -2.27 -45.36 2.08
C ARG A 463 -1.68 -46.54 1.30
N ARG A 464 -2.10 -46.69 0.04
CA ARG A 464 -1.49 -47.68 -0.84
C ARG A 464 -0.19 -47.14 -1.42
N VAL A 465 0.79 -48.01 -1.60
CA VAL A 465 2.05 -47.60 -2.19
C VAL A 465 2.26 -48.27 -3.55
N VAL A 466 2.51 -47.46 -4.56
CA VAL A 466 2.70 -47.95 -5.93
C VAL A 466 3.92 -48.86 -6.00
N GLU A 467 3.80 -49.95 -6.77
CA GLU A 467 4.86 -50.95 -6.91
C GLU A 467 5.18 -51.58 -5.55
N VAL B 7 -28.48 -26.73 -0.69
CA VAL B 7 -28.54 -27.53 0.54
C VAL B 7 -27.32 -27.31 1.41
N SER B 8 -26.42 -26.46 0.94
CA SER B 8 -25.19 -26.15 1.67
C SER B 8 -25.47 -25.43 2.97
N LEU B 9 -24.66 -25.72 3.97
CA LEU B 9 -24.77 -25.05 5.27
C LEU B 9 -24.09 -23.68 5.26
N GLY B 10 -23.34 -23.40 4.21
CA GLY B 10 -22.59 -22.14 4.12
C GLY B 10 -21.23 -22.24 4.79
N PHE B 11 -20.45 -21.17 4.73
CA PHE B 11 -19.10 -21.16 5.27
C PHE B 11 -19.14 -21.36 6.78
N LEU B 12 -18.37 -22.32 7.26
CA LEU B 12 -18.32 -22.76 8.65
C LEU B 12 -19.65 -23.23 9.22
N GLY B 13 -20.63 -23.48 8.37
CA GLY B 13 -21.93 -23.93 8.87
C GLY B 13 -21.82 -25.32 9.50
N ALA B 14 -20.79 -26.05 9.11
CA ALA B 14 -20.51 -27.38 9.63
C ALA B 14 -19.73 -27.35 10.94
N ALA B 15 -19.34 -26.17 11.40
CA ALA B 15 -18.45 -26.08 12.57
C ALA B 15 -19.06 -26.73 13.81
N GLY B 16 -20.38 -26.68 13.94
CA GLY B 16 -21.04 -27.29 15.09
C GLY B 16 -21.38 -28.77 14.86
N SER B 17 -21.11 -29.26 13.65
CA SER B 17 -21.45 -30.65 13.29
C SER B 17 -20.41 -31.62 13.76
N THR B 18 -20.76 -32.91 13.73
CA THR B 18 -19.80 -33.92 14.11
C THR B 18 -18.74 -34.01 13.04
N MET B 19 -17.58 -34.52 13.41
CA MET B 19 -16.49 -34.61 12.46
C MET B 19 -16.86 -35.42 11.23
N GLY B 20 -17.62 -36.49 11.42
CA GLY B 20 -18.01 -37.29 10.27
C GLY B 20 -18.90 -36.50 9.33
N ALA B 21 -19.87 -35.77 9.88
CA ALA B 21 -20.76 -34.96 9.06
C ALA B 21 -20.00 -33.81 8.39
N ALA B 22 -19.03 -33.26 9.10
CA ALA B 22 -18.26 -32.12 8.61
C ALA B 22 -17.47 -32.46 7.36
N SER B 23 -17.07 -33.72 7.21
CA SER B 23 -16.25 -34.14 6.08
C SER B 23 -16.99 -33.96 4.75
N ILE B 24 -18.31 -33.84 4.81
CA ILE B 24 -19.13 -33.59 3.63
C ILE B 24 -18.88 -32.21 3.04
N THR B 25 -18.49 -31.26 3.89
CA THR B 25 -18.45 -29.84 3.53
C THR B 25 -17.03 -29.28 3.35
N LEU B 26 -16.04 -30.15 3.21
CA LEU B 26 -14.66 -29.68 3.16
C LEU B 26 -14.42 -28.69 2.03
N THR B 27 -15.11 -28.87 0.91
CA THR B 27 -14.90 -27.97 -0.22
C THR B 27 -15.44 -26.59 0.04
N VAL B 28 -16.42 -26.48 0.94
CA VAL B 28 -16.99 -25.18 1.23
C VAL B 28 -15.96 -24.32 1.92
N GLN B 29 -15.23 -24.94 2.83
CA GLN B 29 -14.18 -24.25 3.55
C GLN B 29 -12.93 -24.04 2.70
N ALA B 30 -12.61 -25.03 1.85
CA ALA B 30 -11.41 -24.94 1.03
C ALA B 30 -11.51 -23.81 0.04
N ARG B 31 -12.70 -23.58 -0.50
CA ARG B 31 -12.89 -22.47 -1.41
C ARG B 31 -13.00 -21.20 -0.60
N GLN B 32 -12.68 -20.08 -1.23
CA GLN B 32 -12.69 -18.76 -0.61
C GLN B 32 -11.63 -18.56 0.45
N LEU B 33 -10.61 -19.41 0.52
CA LEU B 33 -9.52 -19.08 1.43
C LEU B 33 -8.78 -17.86 0.94
N LEU B 34 -8.68 -17.71 -0.38
CA LEU B 34 -8.09 -16.51 -0.97
C LEU B 34 -9.10 -15.37 -1.15
N SER B 35 -10.40 -15.69 -1.28
CA SER B 35 -11.41 -14.67 -1.56
C SER B 35 -12.20 -14.18 -0.34
N GLY B 36 -12.18 -14.94 0.76
CA GLY B 36 -12.92 -14.56 1.95
C GLY B 36 -12.97 -15.69 2.98
N THR B 58 -1.84 6.59 0.92
CA THR B 58 -3.17 6.61 1.54
C THR B 58 -3.27 5.57 2.64
N HIS B 59 -3.79 5.98 3.78
CA HIS B 59 -3.88 5.11 4.95
C HIS B 59 -4.64 3.81 4.67
N TRP B 60 -5.80 3.91 4.04
CA TRP B 60 -6.54 2.69 3.77
C TRP B 60 -5.85 1.83 2.71
N GLY B 61 -5.15 2.47 1.77
CA GLY B 61 -4.57 1.74 0.67
C GLY B 61 -3.49 0.77 1.13
N ILE B 62 -2.65 1.20 2.07
CA ILE B 62 -1.62 0.31 2.58
C ILE B 62 -2.21 -0.83 3.39
N LYS B 63 -3.30 -0.58 4.12
CA LYS B 63 -3.89 -1.65 4.90
C LYS B 63 -4.48 -2.73 4.01
N GLN B 64 -5.07 -2.33 2.88
CA GLN B 64 -5.62 -3.30 1.94
C GLN B 64 -4.50 -4.14 1.32
N LEU B 65 -3.36 -3.52 1.06
CA LEU B 65 -2.24 -4.27 0.49
C LEU B 65 -1.73 -5.30 1.48
N GLN B 66 -1.65 -4.92 2.75
CA GLN B 66 -1.19 -5.85 3.77
C GLN B 66 -2.16 -7.01 3.90
N ALA B 67 -3.46 -6.72 3.79
CA ALA B 67 -4.47 -7.77 3.89
C ALA B 67 -4.34 -8.78 2.76
N ARG B 68 -4.02 -8.29 1.56
CA ARG B 68 -3.90 -9.16 0.42
C ARG B 68 -2.67 -10.06 0.51
N VAL B 69 -1.57 -9.51 0.99
CA VAL B 69 -0.36 -10.31 1.15
C VAL B 69 -0.53 -11.35 2.23
N LEU B 70 -1.17 -10.96 3.33
CA LEU B 70 -1.37 -11.88 4.43
C LEU B 70 -2.23 -13.07 4.04
N ALA B 71 -3.30 -12.81 3.29
CA ALA B 71 -4.18 -13.90 2.86
C ALA B 71 -3.41 -14.91 2.00
N VAL B 72 -2.50 -14.41 1.18
CA VAL B 72 -1.69 -15.30 0.38
C VAL B 72 -0.75 -16.14 1.22
N GLU B 73 -0.11 -15.53 2.21
CA GLU B 73 0.79 -16.27 3.08
C GLU B 73 0.04 -17.34 3.86
N HIS B 74 -1.18 -17.01 4.28
CA HIS B 74 -2.00 -17.94 5.02
C HIS B 74 -2.35 -19.16 4.19
N TYR B 75 -2.82 -18.92 2.97
CA TYR B 75 -3.18 -19.99 2.06
C TYR B 75 -2.00 -20.88 1.75
N LEU B 76 -0.87 -20.26 1.42
CA LEU B 76 0.30 -21.02 1.04
C LEU B 76 0.90 -21.81 2.20
N ARG B 77 0.74 -21.30 3.41
CA ARG B 77 1.28 -22.02 4.56
C ARG B 77 0.73 -23.44 4.62
N ASP B 78 -0.58 -23.58 4.45
CA ASP B 78 -1.18 -24.90 4.49
C ASP B 78 -0.81 -25.73 3.25
N GLN B 79 -0.72 -25.07 2.11
CA GLN B 79 -0.37 -25.78 0.87
C GLN B 79 1.08 -26.27 0.92
N GLN B 80 1.95 -25.53 1.61
CA GLN B 80 3.34 -25.94 1.74
C GLN B 80 3.40 -27.27 2.46
N LEU B 81 2.60 -27.42 3.50
CA LEU B 81 2.58 -28.68 4.22
C LEU B 81 2.02 -29.81 3.37
N LEU B 82 0.95 -29.55 2.63
CA LEU B 82 0.33 -30.60 1.84
C LEU B 82 1.25 -31.10 0.74
N GLY B 83 1.99 -30.19 0.11
CA GLY B 83 2.89 -30.60 -0.96
C GLY B 83 4.00 -31.48 -0.44
N ILE B 84 4.48 -31.18 0.76
CA ILE B 84 5.52 -31.97 1.39
C ILE B 84 5.01 -33.35 1.77
N TRP B 85 3.76 -33.40 2.25
CA TRP B 85 3.13 -34.66 2.68
C TRP B 85 2.70 -35.54 1.52
N GLY B 86 2.67 -34.99 0.30
CA GLY B 86 2.19 -35.73 -0.86
C GLY B 86 0.67 -35.71 -0.95
N CYS B 87 0.05 -34.90 -0.10
CA CYS B 87 -1.40 -34.82 0.02
C CYS B 87 -1.98 -33.76 -0.90
N SER B 88 -1.12 -33.02 -1.59
CA SER B 88 -1.57 -31.94 -2.43
C SER B 88 -2.51 -32.43 -3.51
N GLY B 89 -3.54 -31.63 -3.78
CA GLY B 89 -4.54 -31.96 -4.79
C GLY B 89 -5.66 -32.83 -4.23
N LYS B 90 -5.59 -33.16 -2.95
CA LYS B 90 -6.63 -33.99 -2.33
C LYS B 90 -7.22 -33.33 -1.10
N LEU B 91 -8.54 -33.45 -0.95
CA LEU B 91 -9.25 -32.96 0.23
C LEU B 91 -9.02 -33.88 1.42
N ILE B 92 -8.95 -35.17 1.14
CA ILE B 92 -8.72 -36.19 2.16
C ILE B 92 -7.51 -37.03 1.78
N CYS B 93 -6.53 -37.10 2.67
CA CYS B 93 -5.31 -37.80 2.35
C CYS B 93 -4.88 -38.81 3.40
N CYS B 94 -4.96 -40.09 3.05
CA CYS B 94 -4.54 -41.17 3.94
C CYS B 94 -3.03 -41.27 3.96
N THR B 95 -2.47 -41.63 5.10
CA THR B 95 -1.03 -41.75 5.25
C THR B 95 -0.64 -43.12 5.80
N ASN B 96 0.67 -43.34 5.93
CA ASN B 96 1.20 -44.57 6.51
C ASN B 96 1.64 -44.42 7.97
N VAL B 97 1.30 -43.29 8.60
CA VAL B 97 1.71 -43.08 9.99
C VAL B 97 0.65 -43.64 10.95
N PRO B 98 0.99 -44.60 11.83
CA PRO B 98 0.08 -45.22 12.76
C PRO B 98 -0.37 -44.24 13.83
N TRP B 99 -1.60 -44.39 14.29
CA TRP B 99 -2.08 -43.57 15.39
C TRP B 99 -1.46 -44.00 16.71
N ASN B 100 -1.01 -43.03 17.48
CA ASN B 100 -0.50 -43.27 18.82
C ASN B 100 -1.59 -43.10 19.85
N SER B 101 -1.80 -44.13 20.66
CA SER B 101 -2.84 -44.06 21.67
C SER B 101 -2.58 -42.96 22.71
N SER B 102 -1.34 -42.51 22.84
CA SER B 102 -1.07 -41.42 23.77
C SER B 102 -1.59 -40.08 23.25
N TRP B 103 -1.77 -39.95 21.93
CA TRP B 103 -2.34 -38.73 21.39
C TRP B 103 -3.83 -38.66 21.74
N SER B 104 -4.47 -39.81 21.66
CA SER B 104 -5.85 -39.99 22.11
C SER B 104 -6.15 -41.48 22.28
N ASN B 105 -6.91 -41.82 23.30
CA ASN B 105 -7.30 -43.21 23.52
C ASN B 105 -8.72 -43.49 23.03
N LYS B 106 -9.30 -42.53 22.34
CA LYS B 106 -10.68 -42.65 21.89
C LYS B 106 -10.87 -43.60 20.71
N SER B 107 -12.01 -44.30 20.72
CA SER B 107 -12.44 -45.13 19.61
C SER B 107 -12.90 -44.26 18.47
N LEU B 108 -12.99 -44.83 17.27
CA LEU B 108 -13.42 -44.04 16.14
C LEU B 108 -14.82 -43.48 16.32
N ASP B 109 -15.72 -44.23 16.94
CA ASP B 109 -17.07 -43.70 17.17
C ASP B 109 -17.05 -42.53 18.15
N GLU B 110 -16.18 -42.59 19.14
CA GLU B 110 -16.04 -41.50 20.10
C GLU B 110 -15.51 -40.23 19.44
N ILE B 111 -14.79 -40.38 18.34
CA ILE B 111 -14.24 -39.23 17.64
C ILE B 111 -15.16 -38.74 16.53
N TRP B 112 -15.47 -39.64 15.60
CA TRP B 112 -16.18 -39.26 14.40
C TRP B 112 -17.66 -38.94 14.59
N ASN B 113 -18.31 -39.61 15.55
CA ASN B 113 -19.74 -39.39 15.73
C ASN B 113 -20.10 -38.60 16.98
N ASN B 114 -19.10 -38.22 17.78
CA ASN B 114 -19.41 -37.57 19.05
C ASN B 114 -18.67 -36.25 19.24
N MET B 115 -17.90 -35.82 18.25
CA MET B 115 -17.12 -34.60 18.43
C MET B 115 -17.20 -33.68 17.25
N THR B 116 -17.04 -32.39 17.53
CA THR B 116 -16.81 -31.38 16.51
C THR B 116 -15.33 -31.33 16.21
N TRP B 117 -14.95 -30.76 15.08
CA TRP B 117 -13.53 -30.59 14.82
C TRP B 117 -12.91 -29.59 15.78
N LEU B 118 -13.70 -28.64 16.27
CA LEU B 118 -13.18 -27.65 17.21
C LEU B 118 -12.74 -28.33 18.51
N GLN B 119 -13.54 -29.28 18.98
CA GLN B 119 -13.19 -30.01 20.19
C GLN B 119 -11.97 -30.89 19.95
N TRP B 120 -11.94 -31.51 18.77
CA TRP B 120 -10.85 -32.41 18.45
C TRP B 120 -9.51 -31.71 18.38
N ASP B 121 -9.48 -30.52 17.78
CA ASP B 121 -8.22 -29.82 17.67
C ASP B 121 -7.64 -29.50 19.04
N LYS B 122 -8.51 -29.21 20.00
CA LYS B 122 -8.01 -28.93 21.33
C LYS B 122 -7.44 -30.19 21.98
N GLU B 123 -8.07 -31.34 21.74
CA GLU B 123 -7.61 -32.59 22.35
C GLU B 123 -6.21 -32.99 21.92
N ILE B 124 -5.82 -32.67 20.69
CA ILE B 124 -4.50 -33.05 20.20
C ILE B 124 -3.63 -31.84 19.89
N ASN B 125 -3.95 -30.70 20.48
CA ASN B 125 -3.23 -29.47 20.17
C ASN B 125 -1.74 -29.54 20.45
N ASN B 126 -1.33 -30.34 21.43
CA ASN B 126 0.09 -30.44 21.78
C ASN B 126 0.83 -31.40 20.86
N TYR B 127 0.10 -32.16 20.05
CA TYR B 127 0.72 -33.18 19.23
C TYR B 127 0.67 -32.85 17.76
N THR B 128 0.10 -31.70 17.42
CA THR B 128 -0.07 -31.36 16.02
C THR B 128 1.25 -31.28 15.29
N GLN B 129 2.24 -30.63 15.88
CA GLN B 129 3.54 -30.53 15.22
C GLN B 129 4.27 -31.86 15.20
N LEU B 130 4.07 -32.68 16.23
CA LEU B 130 4.70 -33.97 16.27
C LEU B 130 4.20 -34.85 15.14
N ILE B 131 2.89 -34.83 14.95
CA ILE B 131 2.28 -35.61 13.88
C ILE B 131 2.75 -35.12 12.53
N TYR B 132 2.84 -33.82 12.36
CA TYR B 132 3.24 -33.28 11.07
C TYR B 132 4.63 -33.75 10.68
N ARG B 133 5.55 -33.78 11.65
CA ARG B 133 6.91 -34.22 11.33
C ARG B 133 6.94 -35.69 10.95
N LEU B 134 6.12 -36.49 11.61
CA LEU B 134 6.06 -37.92 11.31
C LEU B 134 5.50 -38.16 9.91
N ILE B 135 4.54 -37.36 9.49
CA ILE B 135 4.00 -37.50 8.14
C ILE B 135 5.06 -37.17 7.11
N GLU B 136 5.82 -36.11 7.37
CA GLU B 136 6.86 -35.69 6.45
C GLU B 136 7.96 -36.74 6.32
N GLU B 137 8.31 -37.36 7.45
CA GLU B 137 9.33 -38.40 7.41
C GLU B 137 8.85 -39.59 6.61
N SER B 138 7.59 -39.96 6.78
CA SER B 138 7.05 -41.10 6.08
C SER B 138 6.97 -40.86 4.58
N GLN B 139 6.64 -39.63 4.19
CA GLN B 139 6.55 -39.32 2.77
C GLN B 139 7.90 -39.37 2.10
N ASN B 140 8.93 -38.92 2.80
CA ASN B 140 10.24 -38.90 2.17
C ASN B 140 10.77 -40.31 2.00
N GLN B 141 10.52 -41.16 3.00
CA GLN B 141 10.94 -42.55 2.88
C GLN B 141 10.15 -43.26 1.81
N GLN B 142 8.87 -42.92 1.67
CA GLN B 142 8.06 -43.58 0.65
C GLN B 142 8.58 -43.27 -0.74
N GLU B 143 8.89 -42.00 -0.99
CA GLU B 143 9.37 -41.63 -2.32
C GLU B 143 10.75 -42.21 -2.59
N LYS B 144 11.57 -42.32 -1.55
CA LYS B 144 12.87 -42.94 -1.73
C LYS B 144 12.69 -44.38 -2.15
N ASN B 145 11.73 -45.07 -1.53
CA ASN B 145 11.48 -46.46 -1.85
C ASN B 145 10.86 -46.62 -3.23
N GLU B 146 9.99 -45.68 -3.63
CA GLU B 146 9.38 -45.77 -4.95
C GLU B 146 10.43 -45.64 -6.04
N LYS B 147 11.40 -44.76 -5.82
CA LYS B 147 12.48 -44.61 -6.78
C LYS B 147 13.28 -45.90 -6.89
N GLU B 148 13.59 -46.50 -5.74
CA GLU B 148 14.39 -47.73 -5.75
C GLU B 148 13.66 -48.86 -6.45
N LEU B 149 12.34 -48.93 -6.27
CA LEU B 149 11.57 -49.97 -6.94
C LEU B 149 11.63 -49.79 -8.44
N LEU B 150 11.61 -48.54 -8.91
CA LEU B 150 11.72 -48.28 -10.34
C LEU B 150 13.14 -48.56 -10.86
N GLU B 151 14.16 -48.27 -10.04
CA GLU B 151 15.55 -48.52 -10.45
C GLU B 151 15.83 -50.01 -10.64
N LEU B 152 15.10 -50.85 -9.94
CA LEU B 152 15.28 -52.29 -10.02
C LEU B 152 14.56 -52.91 -11.23
N ASP B 153 13.76 -52.12 -11.93
CA ASP B 153 13.01 -52.62 -13.08
C ASP B 153 13.79 -52.42 -14.37
N GLU C 1 -25.92 -40.79 -25.74
CA GLU C 1 -24.63 -40.12 -25.60
C GLU C 1 -24.59 -39.28 -24.33
N ASN C 2 -23.94 -39.81 -23.30
CA ASN C 2 -23.84 -39.12 -22.02
C ASN C 2 -22.63 -38.20 -21.98
N LEU C 3 -22.89 -36.90 -21.94
CA LEU C 3 -21.82 -35.91 -21.92
C LEU C 3 -21.45 -35.53 -20.50
N TRP C 4 -20.18 -35.26 -20.27
CA TRP C 4 -19.68 -34.94 -18.94
C TRP C 4 -18.88 -33.66 -18.97
N VAL C 5 -18.88 -32.94 -17.84
CA VAL C 5 -18.12 -31.70 -17.75
C VAL C 5 -16.63 -31.99 -17.73
N THR C 6 -15.89 -31.29 -18.58
CA THR C 6 -14.44 -31.41 -18.58
C THR C 6 -13.81 -30.05 -18.35
N VAL C 7 -12.84 -30.01 -17.44
CA VAL C 7 -12.14 -28.79 -17.08
C VAL C 7 -10.92 -28.55 -17.94
N TYR C 8 -10.80 -27.33 -18.46
CA TYR C 8 -9.64 -26.96 -19.25
C TYR C 8 -8.90 -25.79 -18.61
N TYR C 9 -7.58 -25.87 -18.65
CA TYR C 9 -6.71 -24.80 -18.15
C TYR C 9 -5.79 -24.32 -19.26
N GLY C 10 -5.56 -23.01 -19.33
CA GLY C 10 -4.77 -22.44 -20.42
C GLY C 10 -5.68 -21.99 -21.56
N VAL C 11 -6.97 -21.90 -21.28
CA VAL C 11 -7.97 -21.49 -22.25
C VAL C 11 -7.81 -20.02 -22.67
N PRO C 12 -7.80 -19.70 -23.98
CA PRO C 12 -7.62 -18.37 -24.53
C PRO C 12 -8.85 -17.48 -24.43
N VAL C 13 -9.23 -17.15 -23.21
CA VAL C 13 -10.34 -16.25 -22.95
C VAL C 13 -9.92 -15.02 -22.18
N TRP C 14 -10.42 -13.87 -22.61
CA TRP C 14 -10.11 -12.63 -21.91
C TRP C 14 -11.31 -11.73 -21.76
N ARG C 15 -11.22 -10.81 -20.81
CA ARG C 15 -12.25 -9.79 -20.60
C ARG C 15 -11.59 -8.45 -20.31
N ASP C 16 -12.28 -7.36 -20.62
CA ASP C 16 -11.74 -6.03 -20.37
C ASP C 16 -11.48 -5.82 -18.88
N ALA C 17 -10.35 -5.21 -18.54
CA ALA C 17 -10.04 -5.00 -17.13
C ALA C 17 -9.17 -3.79 -16.86
N ASP C 18 -9.34 -3.20 -15.69
CA ASP C 18 -8.52 -2.11 -15.16
C ASP C 18 -7.41 -2.67 -14.27
N THR C 19 -6.16 -2.46 -14.65
CA THR C 19 -5.06 -3.02 -13.87
C THR C 19 -4.04 -1.97 -13.52
N THR C 20 -3.21 -2.27 -12.53
CA THR C 20 -2.05 -1.44 -12.24
C THR C 20 -0.94 -1.79 -13.23
N LEU C 21 -0.42 -0.80 -13.91
CA LEU C 21 0.67 -1.01 -14.86
C LEU C 21 1.96 -0.47 -14.29
N PHE C 22 3.07 -1.08 -14.65
CA PHE C 22 4.37 -0.61 -14.18
C PHE C 22 5.28 -0.30 -15.34
N CYS C 23 6.23 0.60 -15.13
CA CYS C 23 7.11 1.01 -16.20
C CYS C 23 8.24 0.03 -16.45
N ALA C 24 8.74 0.07 -17.66
CA ALA C 24 9.98 -0.59 -18.02
C ALA C 24 10.80 0.36 -18.89
N SER C 25 12.12 0.20 -18.86
CA SER C 25 13.00 1.09 -19.61
C SER C 25 14.28 0.41 -20.05
N ASP C 26 14.84 0.87 -21.17
CA ASP C 26 16.11 0.36 -21.64
C ASP C 26 17.20 0.65 -20.62
N ALA C 27 18.14 -0.28 -20.47
CA ALA C 27 19.24 -0.09 -19.54
C ALA C 27 20.08 1.10 -19.98
N LYS C 28 20.58 1.86 -19.01
CA LYS C 28 21.41 3.02 -19.28
C LYS C 28 22.23 3.43 -18.07
N LYS C 34 22.61 14.78 -15.99
CA LYS C 34 21.74 15.16 -14.89
C LYS C 34 20.73 14.06 -14.54
N HIS C 35 20.11 14.18 -13.36
CA HIS C 35 19.10 13.21 -12.93
C HIS C 35 17.82 13.45 -13.70
N ASN C 36 17.15 12.38 -14.11
CA ASN C 36 15.91 12.59 -14.86
C ASN C 36 14.70 12.74 -13.95
N VAL C 37 13.87 13.73 -14.24
CA VAL C 37 12.65 14.02 -13.49
C VAL C 37 11.65 12.85 -13.47
N TRP C 38 11.70 11.98 -14.49
CA TRP C 38 10.72 10.90 -14.59
C TRP C 38 11.15 9.64 -13.84
N ALA C 39 12.34 9.68 -13.23
CA ALA C 39 12.84 8.59 -12.40
C ALA C 39 12.80 7.24 -13.11
N THR C 40 13.27 7.19 -14.35
CA THR C 40 13.21 5.97 -15.13
C THR C 40 14.20 4.91 -14.66
N HIS C 41 15.15 5.30 -13.81
CA HIS C 41 16.11 4.34 -13.27
C HIS C 41 15.43 3.33 -12.36
N ALA C 42 14.24 3.68 -11.85
CA ALA C 42 13.45 2.81 -11.00
C ALA C 42 12.74 1.70 -11.79
N CYS C 43 12.69 1.86 -13.10
CA CYS C 43 11.93 0.98 -13.97
C CYS C 43 12.58 -0.37 -14.20
N VAL C 44 11.75 -1.36 -14.52
CA VAL C 44 12.20 -2.71 -14.82
C VAL C 44 12.91 -2.71 -16.18
N PRO C 45 14.10 -3.31 -16.32
CA PRO C 45 14.81 -3.43 -17.57
C PRO C 45 13.93 -4.11 -18.62
N THR C 46 13.97 -3.58 -19.84
CA THR C 46 13.21 -4.15 -20.95
C THR C 46 13.81 -5.42 -21.47
N ASP C 47 12.95 -6.29 -22.02
CA ASP C 47 13.40 -7.47 -22.73
C ASP C 47 14.18 -7.02 -23.97
N PRO C 48 15.38 -7.56 -24.23
CA PRO C 48 16.24 -7.21 -25.35
C PRO C 48 15.58 -7.52 -26.70
N ASN C 49 14.60 -8.42 -26.69
CA ASN C 49 13.86 -8.78 -27.89
C ASN C 49 12.39 -9.01 -27.56
N PRO C 50 11.59 -7.94 -27.45
CA PRO C 50 10.20 -7.96 -27.01
C PRO C 50 9.38 -8.88 -27.89
N GLN C 51 8.47 -9.61 -27.28
CA GLN C 51 7.63 -10.55 -28.01
C GLN C 51 6.30 -9.94 -28.39
N GLU C 52 5.80 -10.35 -29.55
CA GLU C 52 4.47 -9.98 -30.01
C GLU C 52 3.82 -11.17 -30.69
N ILE C 53 2.54 -11.41 -30.40
CA ILE C 53 1.84 -12.52 -31.01
C ILE C 53 0.67 -12.05 -31.83
N HIS C 54 0.70 -12.31 -33.14
CA HIS C 54 -0.41 -11.95 -34.00
C HIS C 54 -1.59 -12.86 -33.72
N LEU C 55 -2.78 -12.29 -33.56
CA LEU C 55 -3.95 -13.12 -33.32
C LEU C 55 -4.81 -13.24 -34.57
N ASP C 56 -4.74 -14.39 -35.22
CA ASP C 56 -5.55 -14.65 -36.39
C ASP C 56 -7.01 -14.86 -36.02
N ASN C 57 -7.91 -14.43 -36.89
CA ASN C 57 -9.35 -14.59 -36.70
C ASN C 57 -9.84 -13.90 -35.44
N VAL C 58 -9.17 -12.83 -35.03
CA VAL C 58 -9.63 -12.07 -33.87
C VAL C 58 -9.94 -10.64 -34.24
N THR C 59 -11.15 -10.24 -33.93
CA THR C 59 -11.58 -8.87 -34.13
C THR C 59 -11.97 -8.34 -32.76
N GLU C 60 -11.51 -7.15 -32.43
CA GLU C 60 -11.75 -6.65 -31.08
C GLU C 60 -12.15 -5.18 -31.10
N LYS C 61 -12.97 -4.81 -30.12
CA LYS C 61 -13.43 -3.43 -30.01
C LYS C 61 -12.50 -2.59 -29.16
N PHE C 62 -12.09 -1.46 -29.72
CA PHE C 62 -11.23 -0.50 -29.05
C PHE C 62 -11.97 0.81 -28.87
N ASN C 63 -11.65 1.55 -27.82
CA ASN C 63 -12.19 2.88 -27.65
C ASN C 63 -11.20 3.76 -26.90
N MET C 64 -10.47 4.57 -27.64
CA MET C 64 -9.41 5.39 -27.08
C MET C 64 -9.92 6.42 -26.07
N TRP C 65 -11.22 6.75 -26.16
CA TRP C 65 -11.79 7.77 -25.29
C TRP C 65 -12.24 7.18 -23.96
N LYS C 66 -12.32 5.86 -23.89
CA LYS C 66 -12.71 5.15 -22.67
C LYS C 66 -11.54 4.34 -22.12
N ASN C 67 -10.37 4.55 -22.70
CA ASN C 67 -9.18 3.79 -22.34
C ASN C 67 -8.57 4.31 -21.05
N ASN C 68 -8.62 3.49 -20.01
CA ASN C 68 -8.18 3.92 -18.68
C ASN C 68 -6.66 3.93 -18.53
N MET C 69 -5.94 3.44 -19.54
CA MET C 69 -4.49 3.52 -19.51
C MET C 69 -4.09 4.98 -19.53
N VAL C 70 -4.92 5.79 -20.19
CA VAL C 70 -4.66 7.21 -20.36
C VAL C 70 -4.75 7.94 -19.05
N GLU C 71 -5.78 7.65 -18.27
CA GLU C 71 -5.95 8.29 -17.00
C GLU C 71 -4.86 7.86 -16.03
N GLN C 72 -4.49 6.58 -16.09
CA GLN C 72 -3.43 6.09 -15.23
C GLN C 72 -2.11 6.72 -15.56
N MET C 73 -1.82 6.90 -16.86
CA MET C 73 -0.58 7.53 -17.23
C MET C 73 -0.54 8.96 -16.74
N HIS C 74 -1.68 9.64 -16.80
CA HIS C 74 -1.70 11.03 -16.38
C HIS C 74 -1.36 11.15 -14.91
N GLU C 75 -1.90 10.25 -14.09
CA GLU C 75 -1.57 10.27 -12.67
C GLU C 75 -0.10 9.96 -12.43
N ASP C 76 0.49 9.08 -13.25
CA ASP C 76 1.91 8.76 -13.09
C ASP C 76 2.78 9.96 -13.42
N ILE C 77 2.40 10.72 -14.44
CA ILE C 77 3.17 11.87 -14.85
C ILE C 77 3.13 12.97 -13.80
N ILE C 78 1.96 13.21 -13.22
CA ILE C 78 1.87 14.20 -12.16
C ILE C 78 2.59 13.77 -10.91
N SER C 79 2.45 12.50 -10.52
CA SER C 79 3.06 12.05 -9.29
C SER C 79 4.57 12.14 -9.35
N LEU C 80 5.14 11.82 -10.50
CA LEU C 80 6.59 11.92 -10.67
C LEU C 80 7.03 13.36 -10.61
N TRP C 81 6.24 14.25 -11.22
CA TRP C 81 6.58 15.66 -11.23
C TRP C 81 6.63 16.19 -9.81
N ASP C 82 5.63 15.83 -9.01
CA ASP C 82 5.56 16.33 -7.65
C ASP C 82 6.67 15.81 -6.76
N GLN C 83 7.05 14.54 -6.93
CA GLN C 83 8.10 13.99 -6.08
C GLN C 83 9.44 14.66 -6.35
N SER C 84 9.66 15.07 -7.59
CA SER C 84 10.92 15.67 -7.97
C SER C 84 11.15 17.03 -7.32
N LEU C 85 10.08 17.66 -6.84
CA LEU C 85 10.21 18.98 -6.24
C LEU C 85 10.30 18.95 -4.72
N LYS C 86 10.08 17.79 -4.12
CA LYS C 86 10.07 17.74 -2.67
C LYS C 86 11.40 18.10 -1.95
N PRO C 87 12.59 17.68 -2.44
CA PRO C 87 13.88 18.00 -1.87
C PRO C 87 14.38 19.41 -2.23
N CYS C 88 13.68 20.07 -3.15
CA CYS C 88 14.18 21.30 -3.74
C CYS C 88 13.83 22.53 -2.92
N VAL C 89 14.51 23.63 -3.21
CA VAL C 89 14.38 24.90 -2.47
C VAL C 89 12.99 25.50 -2.56
N LYS C 90 12.45 25.85 -1.39
CA LYS C 90 11.06 26.29 -1.27
C LYS C 90 10.77 27.71 -1.74
N LEU C 91 11.78 28.56 -1.82
CA LEU C 91 11.62 29.95 -2.26
C LEU C 91 10.46 30.72 -1.63
N THR C 92 10.06 30.37 -0.42
CA THR C 92 8.99 31.14 0.19
C THR C 92 9.38 32.61 0.37
N PRO C 93 10.63 32.94 0.78
CA PRO C 93 11.13 34.29 0.92
C PRO C 93 11.09 35.11 -0.37
N LEU C 94 11.04 34.45 -1.52
CA LEU C 94 11.06 35.17 -2.78
C LEU C 94 9.86 36.07 -2.97
N CYS C 95 8.73 35.73 -2.35
CA CYS C 95 7.55 36.56 -2.56
C CYS C 95 7.58 37.78 -1.64
N VAL C 96 8.03 38.88 -2.21
CA VAL C 96 8.23 40.15 -1.51
C VAL C 96 8.00 41.29 -2.50
N THR C 97 7.67 42.48 -2.01
CA THR C 97 7.49 43.60 -2.93
C THR C 97 8.76 43.82 -3.75
N LEU C 98 8.59 43.93 -5.06
CA LEU C 98 9.70 44.18 -5.96
C LEU C 98 9.65 45.63 -6.41
N HIS C 99 10.80 46.25 -6.59
CA HIS C 99 10.85 47.58 -7.21
C HIS C 99 11.53 47.43 -8.56
N CYS C 100 10.84 47.77 -9.64
CA CYS C 100 11.39 47.43 -10.94
C CYS C 100 11.53 48.62 -11.87
N THR C 101 12.54 48.54 -12.73
CA THR C 101 12.78 49.50 -13.80
C THR C 101 13.02 48.77 -15.11
N ASN C 102 13.00 49.51 -16.22
CA ASN C 102 13.31 48.91 -17.52
C ASN C 102 14.76 48.50 -17.58
N VAL C 103 15.05 47.46 -18.34
CA VAL C 103 16.40 46.94 -18.45
C VAL C 103 17.28 47.90 -19.24
N THR C 104 18.45 48.23 -18.69
CA THR C 104 19.41 49.13 -19.32
C THR C 104 18.76 50.04 -20.36
N ARG C 112 10.80 46.20 -26.15
CA ARG C 112 9.76 45.17 -26.18
C ARG C 112 9.10 45.05 -24.82
N GLU C 113 9.84 45.46 -23.79
CA GLU C 113 9.40 45.42 -22.40
C GLU C 113 9.06 44.01 -21.93
N GLY C 114 9.71 43.01 -22.52
CA GLY C 114 9.53 41.62 -22.10
C GLY C 114 10.27 41.32 -20.80
N LEU C 115 11.24 42.17 -20.46
CA LEU C 115 12.04 42.01 -19.26
C LEU C 115 12.04 43.25 -18.39
N LYS C 116 12.12 43.03 -17.08
CA LYS C 116 12.30 44.11 -16.13
C LYS C 116 13.46 43.85 -15.19
N ASN C 117 14.13 44.92 -14.79
CA ASN C 117 15.21 44.87 -13.81
C ASN C 117 14.67 45.17 -12.43
N CYS C 118 14.58 44.16 -11.57
CA CYS C 118 13.93 44.33 -10.29
C CYS C 118 14.87 44.23 -9.11
N SER C 119 14.60 45.01 -8.07
CA SER C 119 15.34 44.94 -6.82
C SER C 119 14.44 44.48 -5.69
N PHE C 120 15.01 43.70 -4.79
CA PHE C 120 14.26 43.25 -3.62
C PHE C 120 15.16 42.84 -2.47
N ASN C 121 14.58 42.75 -1.28
CA ASN C 121 15.30 42.31 -0.10
C ASN C 121 15.21 40.79 0.06
N MET C 122 16.24 40.09 -0.35
CA MET C 122 16.22 38.63 -0.25
C MET C 122 16.80 38.21 1.09
N THR C 123 16.36 37.08 1.61
CA THR C 123 16.90 36.59 2.88
C THR C 123 18.28 36.02 2.68
N THR C 124 18.99 35.85 3.80
CA THR C 124 20.37 35.39 3.80
C THR C 124 20.55 34.21 4.73
N GLU C 125 21.79 33.74 4.84
CA GLU C 125 22.09 32.58 5.68
C GLU C 125 21.70 32.85 7.13
N LEU C 126 21.84 34.10 7.57
CA LEU C 126 21.45 34.49 8.92
C LEU C 126 20.09 35.18 8.91
N ARG C 127 19.26 34.87 9.89
CA ARG C 127 17.92 35.46 9.98
C ARG C 127 17.93 36.95 10.28
N ASP C 128 19.03 37.45 10.82
CA ASP C 128 19.16 38.85 11.17
C ASP C 128 19.54 39.73 10.00
N LYS C 129 19.88 39.12 8.87
CA LYS C 129 20.40 39.90 7.77
C LYS C 129 19.60 39.67 6.49
N ARG C 130 19.53 40.72 5.69
CA ARG C 130 18.89 40.67 4.39
C ARG C 130 19.85 41.24 3.37
N GLN C 131 19.69 40.83 2.11
CA GLN C 131 20.58 41.31 1.07
C GLN C 131 19.80 41.82 -0.13
N LYS C 132 20.12 43.02 -0.57
CA LYS C 132 19.54 43.54 -1.79
C LYS C 132 19.97 42.71 -2.98
N VAL C 133 19.02 42.28 -3.78
CA VAL C 133 19.31 41.52 -4.97
C VAL C 133 18.72 42.17 -6.21
N TYR C 134 19.54 42.35 -7.22
CA TYR C 134 19.04 42.77 -8.52
C TYR C 134 18.97 41.58 -9.44
N SER C 135 17.86 41.43 -10.14
CA SER C 135 17.73 40.33 -11.09
C SER C 135 16.76 40.65 -12.19
N LEU C 136 16.90 39.96 -13.31
CA LEU C 136 15.94 40.11 -14.40
C LEU C 136 14.78 39.14 -14.26
N PHE C 137 13.59 39.63 -14.53
CA PHE C 137 12.41 38.80 -14.59
C PHE C 137 11.67 39.04 -15.89
N TYR C 138 10.98 38.01 -16.37
CA TYR C 138 10.10 38.17 -17.51
C TYR C 138 8.82 38.86 -17.06
N ARG C 139 8.30 39.74 -17.91
CA ARG C 139 7.09 40.47 -17.57
C ARG C 139 5.91 39.54 -17.29
N LEU C 140 5.89 38.38 -17.94
CA LEU C 140 4.79 37.43 -17.75
C LEU C 140 4.73 36.85 -16.34
N ASP C 141 5.86 36.87 -15.64
CA ASP C 141 5.93 36.32 -14.29
C ASP C 141 5.57 37.35 -13.23
N ILE C 142 5.31 38.58 -13.67
CA ILE C 142 5.10 39.69 -12.76
C ILE C 142 3.75 40.39 -12.88
N VAL C 143 3.15 40.67 -11.73
CA VAL C 143 1.93 41.44 -11.61
C VAL C 143 2.17 42.73 -10.83
N PRO C 144 1.79 43.90 -11.35
CA PRO C 144 1.93 45.18 -10.70
C PRO C 144 1.06 45.28 -9.47
N ILE C 145 1.54 46.02 -8.48
CA ILE C 145 0.75 46.33 -7.30
C ILE C 145 0.06 47.66 -7.53
N ASN C 146 -1.24 47.71 -7.31
CA ASN C 146 -2.00 48.89 -7.71
C ASN C 146 -1.88 50.07 -6.75
N GLU C 147 -0.65 50.57 -6.62
CA GLU C 147 -0.38 51.85 -5.99
C GLU C 147 -0.49 52.92 -7.05
N ASN C 148 -0.59 52.46 -8.30
CA ASN C 148 -0.68 53.26 -9.51
C ASN C 148 0.55 54.14 -9.70
N GLN C 149 1.70 53.71 -9.17
CA GLN C 149 2.94 54.42 -9.40
C GLN C 149 3.71 53.75 -10.54
N GLY C 150 3.41 52.47 -10.76
CA GLY C 150 4.00 51.68 -11.83
C GLY C 150 5.38 51.12 -11.47
N SER C 151 5.88 51.45 -10.29
CA SER C 151 7.21 50.99 -9.87
C SER C 151 7.18 49.77 -8.97
N GLU C 152 6.03 49.47 -8.35
CA GLU C 152 5.97 48.35 -7.40
C GLU C 152 5.28 47.14 -7.99
N TYR C 153 5.91 45.98 -7.82
CA TYR C 153 5.46 44.73 -8.42
C TYR C 153 5.52 43.55 -7.46
N ARG C 154 4.78 42.50 -7.80
CA ARG C 154 4.87 41.22 -7.09
C ARG C 154 4.87 40.08 -8.09
N LEU C 155 5.37 38.91 -7.68
CA LEU C 155 5.32 37.76 -8.56
C LEU C 155 3.89 37.26 -8.68
N ILE C 156 3.56 36.76 -9.86
CA ILE C 156 2.20 36.32 -10.16
C ILE C 156 1.70 35.19 -9.27
N ASN C 157 2.59 34.37 -8.71
CA ASN C 157 2.18 33.25 -7.87
C ASN C 157 1.76 33.67 -6.46
N CYS C 158 2.07 34.90 -6.06
CA CYS C 158 1.93 35.27 -4.66
C CYS C 158 0.50 35.21 -4.13
N ASN C 159 -0.49 35.40 -5.01
CA ASN C 159 -1.87 35.40 -4.56
C ASN C 159 -2.55 34.06 -4.79
N THR C 160 -1.78 33.07 -5.25
CA THR C 160 -2.35 31.77 -5.52
C THR C 160 -1.64 30.62 -4.80
N SER C 161 -0.30 30.63 -4.83
CA SER C 161 0.42 29.47 -4.33
C SER C 161 1.84 29.74 -3.89
N ALA C 162 2.34 28.87 -3.01
CA ALA C 162 3.76 28.81 -2.73
C ALA C 162 4.47 28.29 -3.97
N ILE C 163 5.67 28.76 -4.21
CA ILE C 163 6.39 28.35 -5.41
C ILE C 163 7.68 27.63 -5.06
N THR C 164 7.96 26.52 -5.73
CA THR C 164 9.16 25.74 -5.44
C THR C 164 10.15 25.78 -6.60
N GLN C 165 11.43 25.99 -6.32
CA GLN C 165 12.44 26.02 -7.37
C GLN C 165 12.70 24.61 -7.86
N ALA C 166 12.76 24.42 -9.17
CA ALA C 166 13.19 23.12 -9.66
C ALA C 166 14.66 22.95 -9.37
N CYS C 167 15.08 21.76 -9.00
CA CYS C 167 16.49 21.54 -8.77
C CYS C 167 17.27 21.65 -10.09
N PRO C 168 18.36 22.44 -10.16
CA PRO C 168 19.25 22.59 -11.29
C PRO C 168 19.87 21.27 -11.74
N LYS C 169 19.93 20.31 -10.84
CA LYS C 169 20.54 19.02 -11.11
C LYS C 169 19.56 18.02 -11.72
N VAL C 170 18.30 18.42 -11.86
CA VAL C 170 17.28 17.54 -12.43
C VAL C 170 16.84 18.00 -13.81
N SER C 171 17.01 17.12 -14.79
CA SER C 171 16.64 17.38 -16.17
C SER C 171 15.18 17.07 -16.44
N PHE C 172 14.60 17.81 -17.36
CA PHE C 172 13.23 17.57 -17.77
C PHE C 172 13.15 16.85 -19.12
N GLU C 173 14.30 16.38 -19.61
CA GLU C 173 14.32 15.70 -20.90
C GLU C 173 13.46 14.44 -20.84
N PRO C 174 12.55 14.21 -21.80
CA PRO C 174 11.72 13.03 -21.87
C PRO C 174 12.53 11.79 -22.19
N ILE C 175 12.16 10.69 -21.54
CA ILE C 175 12.71 9.38 -21.82
C ILE C 175 11.53 8.45 -22.10
N PRO C 176 11.55 7.65 -23.19
CA PRO C 176 10.49 6.73 -23.51
C PRO C 176 10.18 5.80 -22.33
N ILE C 177 8.91 5.63 -22.05
CA ILE C 177 8.46 4.74 -20.99
C ILE C 177 7.62 3.62 -21.57
N HIS C 178 7.99 2.38 -21.28
CA HIS C 178 7.22 1.25 -21.74
C HIS C 178 6.26 0.85 -20.63
N TYR C 179 4.97 0.80 -20.90
CA TYR C 179 4.05 0.35 -19.87
C TYR C 179 3.87 -1.15 -19.95
N CYS C 180 4.12 -1.82 -18.84
CA CYS C 180 4.07 -3.28 -18.81
C CYS C 180 2.98 -3.80 -17.89
N THR C 181 2.46 -4.95 -18.26
CA THR C 181 1.32 -5.55 -17.59
C THR C 181 1.74 -6.77 -16.75
N PRO C 182 1.21 -6.92 -15.51
CA PRO C 182 1.39 -8.04 -14.61
C PRO C 182 0.95 -9.37 -15.23
N ALA C 183 1.59 -10.45 -14.84
CA ALA C 183 1.24 -11.76 -15.38
C ALA C 183 -0.22 -12.07 -15.04
N GLY C 184 -0.89 -12.75 -15.98
CA GLY C 184 -2.31 -13.05 -15.85
C GLY C 184 -3.15 -12.00 -16.58
N PHE C 185 -2.50 -10.94 -17.03
CA PHE C 185 -3.13 -9.87 -17.79
C PHE C 185 -2.30 -9.62 -19.05
N ALA C 186 -2.91 -9.04 -20.08
CA ALA C 186 -2.14 -8.76 -21.30
C ALA C 186 -2.66 -7.52 -22.02
N ILE C 187 -1.82 -6.95 -22.88
CA ILE C 187 -2.22 -5.80 -23.67
C ILE C 187 -2.47 -6.18 -25.12
N LEU C 188 -3.64 -5.85 -25.63
CA LEU C 188 -3.94 -6.07 -27.03
C LEU C 188 -3.57 -4.82 -27.81
N LYS C 189 -2.99 -5.01 -28.99
CA LYS C 189 -2.57 -3.90 -29.83
C LYS C 189 -3.25 -3.95 -31.19
N CYS C 190 -3.79 -2.81 -31.62
CA CYS C 190 -4.39 -2.72 -32.94
C CYS C 190 -3.33 -2.44 -34.01
N LYS C 191 -3.29 -3.29 -35.03
CA LYS C 191 -2.32 -3.16 -36.12
C LYS C 191 -2.88 -2.65 -37.43
N ASP C 192 -4.16 -2.27 -37.46
CA ASP C 192 -4.73 -1.82 -38.72
C ASP C 192 -3.95 -0.64 -39.28
N GLU C 193 -3.77 -0.63 -40.60
CA GLU C 193 -2.95 0.39 -41.25
C GLU C 193 -3.51 1.79 -41.04
N GLY C 194 -4.81 1.87 -40.91
CA GLY C 194 -5.45 3.13 -40.53
C GLY C 194 -6.51 2.81 -39.51
N PHE C 195 -6.47 3.52 -38.39
CA PHE C 195 -7.40 3.28 -37.32
C PHE C 195 -7.67 4.55 -36.56
N ASN C 196 -8.94 4.87 -36.37
CA ASN C 196 -9.30 6.14 -35.78
C ASN C 196 -9.51 6.04 -34.26
N GLY C 197 -9.09 4.92 -33.70
CA GLY C 197 -9.08 4.73 -32.25
C GLY C 197 -10.38 4.20 -31.67
N THR C 198 -11.41 4.09 -32.51
CA THR C 198 -12.68 3.56 -32.06
C THR C 198 -13.19 2.49 -33.00
N GLY C 199 -14.16 1.72 -32.56
CA GLY C 199 -14.74 0.69 -33.40
C GLY C 199 -13.88 -0.55 -33.43
N LEU C 200 -14.19 -1.45 -34.35
CA LEU C 200 -13.52 -2.74 -34.40
C LEU C 200 -12.21 -2.69 -35.15
N CYS C 201 -11.20 -3.35 -34.60
CA CYS C 201 -9.89 -3.49 -35.23
C CYS C 201 -9.73 -4.90 -35.79
N LYS C 202 -9.47 -5.01 -37.09
CA LYS C 202 -9.36 -6.33 -37.71
C LYS C 202 -8.06 -7.07 -37.39
N ASN C 203 -6.95 -6.34 -37.35
CA ASN C 203 -5.66 -6.96 -37.05
C ASN C 203 -5.24 -6.70 -35.61
N VAL C 204 -5.32 -7.73 -34.80
CA VAL C 204 -5.04 -7.60 -33.37
C VAL C 204 -3.87 -8.48 -32.96
N SER C 205 -2.97 -7.94 -32.14
CA SER C 205 -1.85 -8.72 -31.64
C SER C 205 -1.66 -8.50 -30.15
N THR C 206 -0.98 -9.42 -29.49
CA THR C 206 -0.77 -9.33 -28.04
C THR C 206 0.67 -9.02 -27.68
N VAL C 207 0.84 -8.06 -26.76
CA VAL C 207 2.15 -7.69 -26.26
C VAL C 207 2.15 -7.65 -24.73
N GLN C 208 3.31 -7.89 -24.12
CA GLN C 208 3.44 -7.75 -22.68
C GLN C 208 3.59 -6.29 -22.26
N CYS C 209 4.12 -5.47 -23.17
CA CYS C 209 4.36 -4.06 -22.90
C CYS C 209 4.07 -3.21 -24.12
N THR C 210 3.87 -1.91 -23.90
CA THR C 210 3.68 -0.97 -25.00
C THR C 210 5.01 -0.59 -25.61
N HIS C 211 4.97 0.04 -26.78
CA HIS C 211 6.16 0.67 -27.33
C HIS C 211 6.50 1.82 -26.40
N GLY C 212 7.75 2.23 -26.36
CA GLY C 212 8.10 3.29 -25.43
C GLY C 212 7.38 4.57 -25.78
N ILE C 213 6.80 5.22 -24.79
CA ILE C 213 6.09 6.47 -24.98
C ILE C 213 6.82 7.61 -24.30
N LYS C 214 7.17 8.63 -25.06
CA LYS C 214 7.82 9.78 -24.47
C LYS C 214 6.79 10.64 -23.76
N PRO C 215 7.05 11.10 -22.53
CA PRO C 215 6.20 11.98 -21.76
C PRO C 215 6.34 13.43 -22.20
N VAL C 216 6.01 13.69 -23.45
CA VAL C 216 6.11 15.04 -24.01
C VAL C 216 4.89 15.84 -23.65
N VAL C 217 5.11 17.03 -23.11
CA VAL C 217 4.01 17.91 -22.73
C VAL C 217 3.91 19.09 -23.69
N SER C 218 2.73 19.26 -24.28
CA SER C 218 2.47 20.37 -25.20
C SER C 218 1.00 20.75 -25.19
N THR C 219 0.69 21.96 -25.68
CA THR C 219 -0.69 22.43 -25.62
C THR C 219 -1.44 22.53 -26.95
N GLN C 220 -0.74 22.65 -28.07
CA GLN C 220 -1.44 22.76 -29.34
C GLN C 220 -0.94 21.77 -30.37
N LEU C 221 0.37 21.67 -30.50
CA LEU C 221 0.94 20.72 -31.44
C LEU C 221 1.52 19.54 -30.66
N LEU C 222 1.37 18.36 -31.20
CA LEU C 222 1.98 17.20 -30.57
C LEU C 222 3.39 17.04 -31.12
N LEU C 223 4.37 16.95 -30.24
CA LEU C 223 5.75 16.89 -30.66
C LEU C 223 6.41 15.54 -30.38
N ASN C 224 7.33 15.15 -31.25
CA ASN C 224 8.19 14.00 -31.06
C ASN C 224 7.40 12.71 -30.80
N GLY C 225 6.28 12.54 -31.50
CA GLY C 225 5.44 11.34 -31.34
C GLY C 225 5.56 10.38 -32.52
N SER C 226 4.68 9.36 -32.53
CA SER C 226 4.63 8.38 -33.61
C SER C 226 3.93 8.93 -34.85
N LEU C 227 4.37 8.48 -36.02
CA LEU C 227 3.79 8.89 -37.31
C LEU C 227 2.79 7.89 -37.87
N ALA C 228 1.80 8.40 -38.60
CA ALA C 228 0.87 7.53 -39.32
C ALA C 228 1.59 6.81 -40.45
N GLU C 229 1.25 5.55 -40.69
CA GLU C 229 1.96 4.77 -41.70
C GLU C 229 1.74 5.18 -43.15
N LYS C 230 0.49 5.51 -43.51
CA LYS C 230 0.19 5.81 -44.91
C LYS C 230 -0.55 7.12 -45.13
N ASN C 231 -1.53 7.41 -44.28
CA ASN C 231 -2.42 8.53 -44.49
C ASN C 231 -2.68 9.27 -43.19
N ILE C 232 -3.13 10.52 -43.30
CA ILE C 232 -3.42 11.28 -42.11
C ILE C 232 -4.65 10.75 -41.42
N ILE C 233 -4.54 10.51 -40.12
CA ILE C 233 -5.64 9.93 -39.38
C ILE C 233 -6.27 10.95 -38.45
N ILE C 234 -7.56 11.16 -38.60
CA ILE C 234 -8.29 12.11 -37.79
C ILE C 234 -9.16 11.38 -36.77
N ARG C 235 -8.97 11.71 -35.49
CA ARG C 235 -9.67 10.98 -34.44
C ARG C 235 -10.51 11.90 -33.58
N SER C 236 -11.74 11.48 -33.31
CA SER C 236 -12.64 12.21 -32.43
C SER C 236 -13.70 11.29 -31.86
N GLU C 237 -14.14 11.57 -30.66
CA GLU C 237 -15.27 10.84 -30.09
C GLU C 237 -16.54 11.06 -30.92
N ASN C 238 -16.66 12.25 -31.49
CA ASN C 238 -17.85 12.63 -32.25
C ASN C 238 -17.56 13.87 -33.10
N ILE C 239 -17.33 13.69 -34.40
CA ILE C 239 -16.99 14.83 -35.26
C ILE C 239 -18.10 15.89 -35.30
N THR C 240 -19.35 15.43 -35.31
CA THR C 240 -20.50 16.33 -35.39
C THR C 240 -20.58 17.25 -34.18
N ASN C 241 -20.17 16.75 -33.02
CA ASN C 241 -20.18 17.57 -31.80
C ASN C 241 -18.90 18.40 -31.75
N ASN C 242 -19.05 19.70 -31.98
CA ASN C 242 -17.91 20.59 -32.12
C ASN C 242 -17.09 20.73 -30.84
N ALA C 243 -17.73 20.42 -29.70
CA ALA C 243 -17.07 20.51 -28.40
C ALA C 243 -15.94 19.51 -28.26
N LYS C 244 -16.03 18.40 -28.99
CA LYS C 244 -15.04 17.35 -28.86
C LYS C 244 -13.73 17.70 -29.53
N ILE C 245 -12.63 17.35 -28.89
CA ILE C 245 -11.31 17.58 -29.46
C ILE C 245 -11.07 16.65 -30.63
N ILE C 246 -10.44 17.16 -31.67
CA ILE C 246 -10.05 16.37 -32.82
C ILE C 246 -8.54 16.20 -32.83
N ILE C 247 -8.10 14.94 -32.82
CA ILE C 247 -6.66 14.66 -32.83
C ILE C 247 -6.23 14.22 -34.21
N VAL C 248 -5.27 14.94 -34.79
CA VAL C 248 -4.84 14.63 -36.14
C VAL C 248 -3.40 14.12 -36.15
N GLN C 249 -3.19 12.90 -36.64
CA GLN C 249 -1.84 12.33 -36.72
C GLN C 249 -1.28 12.43 -38.12
N LEU C 250 -0.11 13.04 -38.25
CA LEU C 250 0.51 13.27 -39.56
C LEU C 250 1.35 12.09 -40.03
N VAL C 251 1.37 11.87 -41.35
CA VAL C 251 2.22 10.85 -41.96
C VAL C 251 3.69 11.22 -41.92
N GLN C 252 3.97 12.49 -42.20
CA GLN C 252 5.33 12.99 -42.19
C GLN C 252 5.44 14.12 -41.17
N PRO C 253 6.57 14.23 -40.47
CA PRO C 253 6.85 15.25 -39.50
C PRO C 253 7.10 16.58 -40.15
N VAL C 254 6.80 17.65 -39.45
CA VAL C 254 7.26 18.96 -39.87
C VAL C 254 8.23 19.49 -38.83
N THR C 255 9.46 19.74 -39.24
CA THR C 255 10.46 20.16 -38.27
C THR C 255 10.21 21.58 -37.81
N ILE C 256 10.22 21.77 -36.49
CA ILE C 256 10.13 23.10 -35.91
C ILE C 256 11.43 23.38 -35.16
N LYS C 257 12.06 24.51 -35.46
CA LYS C 257 13.33 24.83 -34.81
C LYS C 257 13.14 26.01 -33.89
N CYS C 258 13.62 25.91 -32.66
CA CYS C 258 13.39 26.97 -31.69
C CYS C 258 14.66 27.44 -31.02
N ILE C 259 14.76 28.75 -30.83
CA ILE C 259 15.94 29.35 -30.23
C ILE C 259 15.61 30.47 -29.24
N ARG C 260 16.42 30.57 -28.20
CA ARG C 260 16.41 31.72 -27.33
C ARG C 260 17.76 32.44 -27.45
N PRO C 261 17.85 33.50 -28.26
CA PRO C 261 19.07 34.15 -28.70
C PRO C 261 19.85 34.84 -27.58
N ASN C 262 19.16 35.14 -26.48
CA ASN C 262 19.78 35.84 -25.37
C ASN C 262 20.85 35.03 -24.68
N ASN C 263 21.98 35.66 -24.40
CA ASN C 263 23.04 35.02 -23.62
C ASN C 263 22.88 35.36 -22.14
N ASN C 264 22.10 34.56 -21.43
CA ASN C 264 21.83 34.82 -20.02
C ASN C 264 23.04 34.55 -19.14
N THR C 265 23.29 35.48 -18.21
CA THR C 265 24.29 35.28 -17.18
C THR C 265 23.59 34.87 -15.90
N VAL C 266 23.88 33.68 -15.41
CA VAL C 266 23.20 33.17 -14.24
C VAL C 266 24.04 33.32 -12.98
N LYS C 267 23.42 33.91 -11.95
CA LYS C 267 24.06 34.16 -10.67
C LYS C 267 23.23 33.52 -9.58
N SER C 268 23.83 33.29 -8.42
CA SER C 268 23.07 32.68 -7.33
C SER C 268 23.39 33.28 -5.98
N ILE C 269 22.42 33.21 -5.08
CA ILE C 269 22.56 33.71 -3.72
C ILE C 269 22.03 32.70 -2.72
N ARG C 270 22.74 32.54 -1.59
CA ARG C 270 22.21 31.71 -0.52
C ARG C 270 21.03 32.43 0.12
N ILE C 271 19.93 31.72 0.34
CA ILE C 271 18.75 32.38 0.90
C ILE C 271 18.43 31.86 2.29
N GLY C 272 19.21 30.89 2.73
CA GLY C 272 19.08 30.30 4.05
C GLY C 272 20.03 29.12 4.10
N PRO C 273 20.21 28.49 5.26
CA PRO C 273 21.05 27.32 5.40
C PRO C 273 20.56 26.24 4.47
N GLY C 274 21.46 25.69 3.68
CA GLY C 274 21.12 24.56 2.81
C GLY C 274 20.35 24.95 1.54
N GLN C 275 20.13 26.25 1.33
CA GLN C 275 19.29 26.69 0.21
C GLN C 275 19.95 27.75 -0.66
N ALA C 276 19.61 27.75 -1.94
CA ALA C 276 20.10 28.78 -2.85
C ALA C 276 19.08 29.10 -3.92
N PHE C 277 19.09 30.34 -4.36
CA PHE C 277 18.22 30.84 -5.42
C PHE C 277 19.01 31.23 -6.64
N TYR C 278 18.56 30.75 -7.80
CA TYR C 278 19.23 31.05 -9.06
C TYR C 278 18.45 32.07 -9.86
N TYR C 279 19.15 33.05 -10.41
CA TYR C 279 18.52 34.11 -11.17
C TYR C 279 19.41 34.64 -12.28
N THR C 280 18.81 35.28 -13.27
CA THR C 280 19.62 35.91 -14.31
C THR C 280 20.08 37.28 -13.85
N GLY C 281 21.38 37.46 -13.76
CA GLY C 281 21.93 38.73 -13.31
C GLY C 281 21.92 39.75 -14.43
N ASP C 282 22.15 39.27 -15.66
CA ASP C 282 22.19 40.14 -16.83
C ASP C 282 22.12 39.37 -18.13
N ILE C 283 21.96 40.10 -19.24
CA ILE C 283 22.05 39.53 -20.57
C ILE C 283 23.19 40.17 -21.35
N ILE C 284 24.04 39.34 -21.92
CA ILE C 284 25.17 39.81 -22.70
C ILE C 284 24.79 39.97 -24.17
N GLY C 285 25.05 41.15 -24.71
CA GLY C 285 24.70 41.47 -26.08
C GLY C 285 23.27 41.95 -26.19
N ASP C 286 22.83 42.22 -27.41
CA ASP C 286 21.49 42.75 -27.62
C ASP C 286 20.42 41.79 -27.14
N ILE C 287 19.39 42.33 -26.52
CA ILE C 287 18.26 41.52 -26.08
C ILE C 287 17.32 41.27 -27.25
N ARG C 288 17.02 40.01 -27.51
CA ARG C 288 16.20 39.62 -28.64
C ARG C 288 15.11 38.63 -28.23
N GLN C 289 13.96 38.73 -28.89
CA GLN C 289 12.82 37.87 -28.59
C GLN C 289 13.05 36.44 -29.07
N ALA C 290 12.64 35.48 -28.25
CA ALA C 290 12.71 34.06 -28.63
C ALA C 290 11.75 33.78 -29.78
N HIS C 291 12.09 32.82 -30.64
CA HIS C 291 11.22 32.47 -31.75
C HIS C 291 11.40 31.05 -32.26
N CYS C 292 10.40 30.57 -33.00
CA CYS C 292 10.46 29.26 -33.64
C CYS C 292 10.19 29.33 -35.15
N ASN C 293 10.89 28.48 -35.91
CA ASN C 293 10.75 28.43 -37.36
C ASN C 293 10.13 27.14 -37.86
N VAL C 294 9.04 27.27 -38.61
CA VAL C 294 8.40 26.13 -39.27
C VAL C 294 8.51 26.31 -40.79
N THR C 295 9.02 25.30 -41.48
CA THR C 295 9.19 25.46 -42.93
C THR C 295 7.86 25.69 -43.61
N ARG C 296 7.76 26.76 -44.39
CA ARG C 296 6.50 27.18 -44.98
C ARG C 296 5.96 26.21 -46.01
N SER C 297 6.83 25.68 -46.86
CA SER C 297 6.37 24.77 -47.91
C SER C 297 5.85 23.47 -47.34
N ARG C 298 6.52 22.97 -46.31
CA ARG C 298 6.09 21.72 -45.70
C ARG C 298 4.79 21.92 -44.94
N TRP C 299 4.68 23.07 -44.28
CA TRP C 299 3.48 23.36 -43.52
C TRP C 299 2.26 23.54 -44.40
N ASN C 300 2.41 24.22 -45.53
CA ASN C 300 1.27 24.43 -46.40
C ASN C 300 0.83 23.12 -47.01
N LYS C 301 1.79 22.25 -47.33
CA LYS C 301 1.45 20.93 -47.83
C LYS C 301 0.70 20.15 -46.77
N THR C 302 1.17 20.27 -45.53
CA THR C 302 0.54 19.56 -44.42
C THR C 302 -0.88 20.03 -44.19
N LEU C 303 -1.11 21.34 -44.20
CA LEU C 303 -2.45 21.83 -43.96
C LEU C 303 -3.40 21.39 -45.06
N GLN C 304 -2.91 21.38 -46.31
CA GLN C 304 -3.78 20.96 -47.39
C GLN C 304 -4.22 19.52 -47.21
N GLU C 305 -3.27 18.66 -46.85
CA GLU C 305 -3.58 17.25 -46.69
C GLU C 305 -4.55 17.03 -45.51
N VAL C 306 -4.38 17.81 -44.45
CA VAL C 306 -5.29 17.71 -43.33
C VAL C 306 -6.69 18.18 -43.73
N ALA C 307 -6.75 19.27 -44.49
CA ALA C 307 -8.02 19.81 -44.95
C ALA C 307 -8.74 18.81 -45.85
N GLU C 308 -7.99 18.10 -46.68
CA GLU C 308 -8.62 17.12 -47.57
C GLU C 308 -9.26 16.00 -46.79
N LYS C 309 -8.64 15.58 -45.70
CA LYS C 309 -9.26 14.52 -44.90
C LYS C 309 -10.40 15.05 -44.04
N LEU C 310 -10.27 16.26 -43.50
CA LEU C 310 -11.36 16.83 -42.71
C LEU C 310 -12.61 17.01 -43.56
N ARG C 311 -12.40 17.39 -44.81
CA ARG C 311 -13.47 17.70 -45.74
C ARG C 311 -14.42 16.51 -45.94
N THR C 312 -13.91 15.30 -45.78
CA THR C 312 -14.71 14.11 -46.03
C THR C 312 -15.80 13.90 -44.98
N TYR C 313 -15.66 14.57 -43.83
CA TYR C 313 -16.66 14.43 -42.78
C TYR C 313 -17.71 15.52 -42.83
N PHE C 314 -17.45 16.57 -43.61
CA PHE C 314 -18.31 17.75 -43.54
C PHE C 314 -19.13 18.05 -44.79
N GLY C 315 -19.22 17.11 -45.72
CA GLY C 315 -20.07 17.38 -46.88
C GLY C 315 -19.43 18.30 -47.92
N ASN C 316 -18.10 18.30 -48.00
CA ASN C 316 -17.36 19.14 -48.95
C ASN C 316 -17.50 20.64 -48.71
N LYS C 317 -17.57 21.03 -47.43
CA LYS C 317 -17.55 22.43 -47.04
C LYS C 317 -16.13 22.99 -47.10
N THR C 318 -16.02 24.29 -47.36
CA THR C 318 -14.73 24.98 -47.38
C THR C 318 -14.08 24.91 -46.00
N ILE C 319 -12.78 24.58 -45.97
CA ILE C 319 -12.08 24.43 -44.70
C ILE C 319 -11.29 25.66 -44.31
N ILE C 320 -11.63 26.23 -43.15
CA ILE C 320 -10.95 27.40 -42.63
C ILE C 320 -10.20 27.09 -41.34
N PHE C 321 -8.94 27.46 -41.29
CA PHE C 321 -8.18 27.33 -40.05
C PHE C 321 -8.04 28.72 -39.45
N ALA C 322 -8.03 28.80 -38.12
CA ALA C 322 -7.93 30.09 -37.45
C ALA C 322 -7.22 29.97 -36.11
N GLN C 323 -6.76 31.10 -35.60
CA GLN C 323 -6.10 31.19 -34.30
C GLN C 323 -7.09 30.99 -33.17
N SER C 324 -6.60 30.65 -31.99
CA SER C 324 -7.49 30.47 -30.84
C SER C 324 -8.26 31.74 -30.53
N SER C 325 -9.51 31.58 -30.14
CA SER C 325 -10.40 32.69 -29.86
C SER C 325 -10.04 33.51 -28.62
N GLY C 326 -9.23 32.94 -27.73
CA GLY C 326 -8.90 33.67 -26.50
C GLY C 326 -8.78 32.75 -25.29
N GLY C 327 -8.71 33.37 -24.11
CA GLY C 327 -8.52 32.64 -22.86
C GLY C 327 -7.06 32.65 -22.41
N ASP C 328 -6.75 31.78 -21.46
CA ASP C 328 -5.45 31.75 -20.77
C ASP C 328 -4.29 31.50 -21.72
N LEU C 329 -3.12 32.04 -21.40
CA LEU C 329 -1.92 31.90 -22.23
C LEU C 329 -1.58 30.43 -22.47
N GLU C 330 -1.79 29.60 -21.46
CA GLU C 330 -1.51 28.17 -21.55
C GLU C 330 -2.36 27.47 -22.60
N ILE C 331 -3.50 28.07 -22.95
CA ILE C 331 -4.41 27.51 -23.94
C ILE C 331 -4.19 28.15 -25.30
N THR C 332 -4.06 29.46 -25.32
CA THR C 332 -3.98 30.20 -26.58
C THR C 332 -2.66 30.08 -27.29
N THR C 333 -1.62 29.63 -26.58
CA THR C 333 -0.32 29.47 -27.22
C THR C 333 0.21 28.05 -27.09
N HIS C 334 1.10 27.70 -27.99
CA HIS C 334 1.76 26.40 -27.98
C HIS C 334 2.87 26.40 -26.96
N SER C 335 2.87 25.44 -26.06
CA SER C 335 3.89 25.38 -25.04
C SER C 335 4.76 24.14 -25.16
N PHE C 336 6.04 24.28 -24.80
CA PHE C 336 6.94 23.14 -24.76
C PHE C 336 8.15 23.41 -23.88
N ASN C 337 8.81 22.33 -23.47
CA ASN C 337 10.05 22.39 -22.69
C ASN C 337 11.27 22.21 -23.57
N CYS C 338 12.06 23.27 -23.74
CA CYS C 338 13.25 23.24 -24.57
C CYS C 338 14.48 23.72 -23.82
N GLY C 339 15.39 22.80 -23.53
CA GLY C 339 16.61 23.15 -22.81
C GLY C 339 16.36 23.30 -21.32
N GLY C 340 15.15 22.98 -20.89
CA GLY C 340 14.70 23.17 -19.51
C GLY C 340 13.94 24.49 -19.35
N GLU C 341 13.97 25.33 -20.39
CA GLU C 341 13.20 26.57 -20.38
C GLU C 341 11.78 26.30 -20.88
N PHE C 342 10.81 27.02 -20.34
CA PHE C 342 9.43 26.82 -20.77
C PHE C 342 8.95 27.90 -21.71
N PHE C 343 8.73 27.50 -22.96
CA PHE C 343 8.35 28.39 -24.04
C PHE C 343 6.85 28.47 -24.22
N TYR C 344 6.37 29.65 -24.60
CA TYR C 344 5.01 29.84 -25.07
C TYR C 344 5.06 30.54 -26.42
N CYS C 345 4.53 29.89 -27.46
CA CYS C 345 4.67 30.43 -28.81
C CYS C 345 3.33 30.68 -29.48
N ASN C 346 3.26 31.78 -30.21
CA ASN C 346 2.06 32.20 -30.91
C ASN C 346 1.95 31.54 -32.28
N THR C 347 0.94 30.69 -32.42
CA THR C 347 0.77 29.85 -33.60
C THR C 347 -0.14 30.45 -34.66
N SER C 348 -0.52 31.71 -34.52
CA SER C 348 -1.43 32.31 -35.48
C SER C 348 -0.81 32.36 -36.88
N GLY C 349 0.51 32.30 -36.95
CA GLY C 349 1.21 32.25 -38.23
C GLY C 349 1.09 30.88 -38.89
N LEU C 350 0.71 29.86 -38.12
CA LEU C 350 0.57 28.51 -38.65
C LEU C 350 -0.86 28.17 -39.04
N PHE C 351 -1.81 28.70 -38.29
CA PHE C 351 -3.19 28.28 -38.47
C PHE C 351 -4.05 29.30 -39.20
N ASN C 352 -3.43 30.28 -39.83
CA ASN C 352 -4.19 31.23 -40.63
C ASN C 352 -4.25 30.78 -42.09
N SER C 353 -5.32 30.09 -42.46
CA SER C 353 -5.41 29.54 -43.82
C SER C 353 -6.84 29.16 -44.23
N THR C 354 -7.12 29.25 -45.53
CA THR C 354 -8.39 28.76 -46.08
C THR C 354 -8.15 27.88 -47.30
N TRP C 355 -8.88 26.76 -47.39
CA TRP C 355 -8.71 25.87 -48.52
C TRP C 355 -10.02 25.66 -49.29
N TYR C 356 -9.96 25.92 -50.59
CA TYR C 356 -11.12 25.92 -51.48
C TYR C 356 -11.18 24.75 -52.44
N VAL C 357 -10.43 23.68 -52.15
CA VAL C 357 -10.33 22.47 -52.98
C VAL C 357 -9.46 22.72 -54.23
N ASN C 358 -9.86 23.70 -55.03
CA ASN C 358 -9.12 24.07 -56.24
C ASN C 358 -7.63 24.09 -55.98
N ASP C 372 9.46 30.22 -48.03
CA ASP C 372 10.62 29.98 -47.18
C ASP C 372 10.21 29.41 -45.82
N THR C 373 10.23 30.25 -44.79
CA THR C 373 9.89 29.82 -43.44
C THR C 373 8.84 30.71 -42.79
N ILE C 374 8.18 30.15 -41.77
CA ILE C 374 7.26 30.89 -40.92
C ILE C 374 7.90 31.11 -39.57
N THR C 375 8.10 32.36 -39.17
CA THR C 375 8.71 32.62 -37.87
C THR C 375 7.63 32.99 -36.86
N LEU C 376 7.58 32.22 -35.78
CA LEU C 376 6.62 32.46 -34.70
C LEU C 376 7.33 33.11 -33.53
N PRO C 377 6.82 34.22 -32.98
CA PRO C 377 7.35 34.84 -31.79
C PRO C 377 7.07 33.97 -30.58
N CYS C 378 7.99 33.96 -29.63
CA CYS C 378 7.78 33.20 -28.41
C CYS C 378 8.16 34.00 -27.17
N ARG C 379 7.58 33.61 -26.05
CA ARG C 379 7.88 34.20 -24.76
C ARG C 379 8.18 33.11 -23.75
N ILE C 380 9.01 33.43 -22.77
CA ILE C 380 9.43 32.45 -21.79
C ILE C 380 9.02 32.82 -20.37
N LYS C 381 8.46 31.85 -19.65
CA LYS C 381 8.07 32.08 -18.26
C LYS C 381 8.94 31.26 -17.33
N GLN C 382 9.32 31.84 -16.20
CA GLN C 382 10.00 31.07 -15.17
C GLN C 382 9.01 30.49 -14.19
N ILE C 383 7.80 31.08 -14.12
CA ILE C 383 6.77 30.57 -13.22
C ILE C 383 5.72 29.81 -14.00
N ILE C 384 5.59 28.52 -13.70
CA ILE C 384 4.69 27.69 -14.48
C ILE C 384 3.75 26.87 -13.62
N ASN C 385 2.66 26.42 -14.24
CA ASN C 385 1.73 25.49 -13.63
C ASN C 385 1.17 24.55 -14.70
N MET C 386 1.93 23.51 -15.03
CA MET C 386 1.67 22.66 -16.18
C MET C 386 0.36 21.90 -16.13
N TRP C 387 -0.06 21.55 -14.93
CA TRP C 387 -1.23 20.71 -14.77
C TRP C 387 -2.47 21.53 -14.43
N GLN C 388 -2.33 22.85 -14.47
CA GLN C 388 -3.42 23.78 -14.19
C GLN C 388 -4.03 23.56 -12.81
N ARG C 389 -3.19 23.29 -11.81
CA ARG C 389 -3.69 23.06 -10.46
C ARG C 389 -3.59 24.30 -9.58
N ALA C 390 -4.71 24.70 -9.01
CA ALA C 390 -4.68 25.80 -8.06
C ALA C 390 -3.88 25.39 -6.85
N GLY C 391 -3.16 26.32 -6.26
CA GLY C 391 -2.42 26.04 -5.04
C GLY C 391 -1.02 25.48 -5.28
N GLN C 392 -0.63 25.31 -6.55
CA GLN C 392 0.71 24.82 -6.86
C GLN C 392 1.40 25.67 -7.93
N ALA C 393 2.72 25.80 -7.82
CA ALA C 393 3.52 26.49 -8.83
C ALA C 393 4.97 26.06 -8.75
N MET C 394 5.68 26.18 -9.87
CA MET C 394 7.11 25.88 -9.90
C MET C 394 7.90 27.04 -10.47
N TYR C 395 9.08 27.29 -9.91
CA TYR C 395 9.99 28.28 -10.49
C TYR C 395 11.12 27.57 -11.21
N ALA C 396 11.18 27.71 -12.53
CA ALA C 396 12.30 27.13 -13.23
C ALA C 396 13.51 28.04 -13.03
N PRO C 397 14.71 27.51 -12.78
CA PRO C 397 15.93 28.26 -12.78
C PRO C 397 16.24 28.61 -14.23
N PRO C 398 16.87 29.74 -14.49
CA PRO C 398 17.36 30.13 -15.78
C PRO C 398 18.49 29.22 -16.22
N ILE C 399 18.54 28.93 -17.50
CA ILE C 399 19.62 28.14 -18.06
C ILE C 399 20.58 29.07 -18.81
N PRO C 400 21.87 29.11 -18.45
CA PRO C 400 22.85 30.05 -18.94
C PRO C 400 23.15 29.85 -20.42
N GLY C 401 23.50 30.94 -21.10
CA GLY C 401 23.89 30.88 -22.50
C GLY C 401 22.71 30.79 -23.46
N VAL C 402 23.01 30.55 -24.73
CA VAL C 402 22.00 30.47 -25.78
C VAL C 402 21.35 29.09 -25.81
N ILE C 403 20.03 29.06 -25.83
CA ILE C 403 19.28 27.80 -25.81
C ILE C 403 18.71 27.47 -27.18
N LYS C 404 19.02 26.29 -27.69
CA LYS C 404 18.51 25.90 -28.99
C LYS C 404 18.08 24.42 -29.01
N CYS C 405 16.98 24.14 -29.70
CA CYS C 405 16.52 22.77 -29.90
C CYS C 405 15.67 22.65 -31.15
N GLU C 406 15.45 21.42 -31.59
CA GLU C 406 14.56 21.17 -32.72
C GLU C 406 13.59 20.06 -32.37
N SER C 407 12.39 20.11 -32.91
CA SER C 407 11.40 19.09 -32.64
C SER C 407 10.60 18.75 -33.88
N ASN C 408 9.96 17.59 -33.89
CA ASN C 408 9.09 17.20 -34.99
C ASN C 408 7.63 17.40 -34.65
N ILE C 409 6.91 18.17 -35.45
CA ILE C 409 5.48 18.25 -35.26
C ILE C 409 4.89 16.96 -35.78
N THR C 410 4.22 16.23 -34.91
CA THR C 410 3.69 14.92 -35.22
C THR C 410 2.20 14.95 -35.46
N GLY C 411 1.53 15.87 -34.78
CA GLY C 411 0.08 15.93 -34.90
C GLY C 411 -0.50 17.21 -34.37
N LEU C 412 -1.78 17.41 -34.64
CA LEU C 412 -2.46 18.64 -34.27
C LEU C 412 -3.61 18.37 -33.32
N LEU C 413 -3.84 19.28 -32.39
CA LEU C 413 -5.06 19.24 -31.59
C LEU C 413 -6.01 20.33 -32.07
N LEU C 414 -7.16 19.94 -32.63
CA LEU C 414 -8.10 20.90 -33.18
C LEU C 414 -9.47 20.86 -32.52
N THR C 415 -10.15 22.00 -32.49
CA THR C 415 -11.55 22.11 -32.07
C THR C 415 -12.32 22.83 -33.16
N ARG C 416 -13.65 22.78 -33.12
CA ARG C 416 -14.42 23.40 -34.18
C ARG C 416 -15.45 24.39 -33.64
N ASP C 417 -15.72 25.44 -34.42
CA ASP C 417 -16.74 26.41 -34.03
C ASP C 417 -18.13 26.00 -34.52
N GLY C 418 -19.00 25.64 -33.58
CA GLY C 418 -20.35 25.23 -33.90
C GLY C 418 -21.33 26.38 -33.69
N GLY C 419 -22.63 26.06 -33.66
CA GLY C 419 -23.65 27.06 -33.43
C GLY C 419 -24.09 27.80 -34.69
N LYS C 420 -23.54 27.42 -35.83
CA LYS C 420 -23.87 28.09 -37.08
C LYS C 420 -24.47 27.11 -38.08
N ASP C 421 -25.49 27.56 -38.79
CA ASP C 421 -26.16 26.75 -39.81
C ASP C 421 -25.70 27.06 -41.22
N ASN C 422 -24.68 27.91 -41.34
CA ASN C 422 -24.18 28.28 -42.66
C ASN C 422 -23.33 27.16 -43.22
N ASN C 423 -23.74 26.64 -44.37
CA ASN C 423 -23.12 25.44 -44.92
C ASN C 423 -21.99 25.73 -45.91
N VAL C 424 -21.59 26.98 -46.04
CA VAL C 424 -20.50 27.31 -46.94
C VAL C 424 -19.14 26.80 -46.44
N ASN C 425 -18.90 26.93 -45.13
CA ASN C 425 -17.58 26.61 -44.58
C ASN C 425 -17.64 26.13 -43.13
N GLU C 426 -16.50 25.60 -42.69
CA GLU C 426 -16.28 25.22 -41.29
C GLU C 426 -14.98 25.84 -40.79
N THR C 427 -14.93 26.18 -39.51
CA THR C 427 -13.73 26.79 -38.94
C THR C 427 -13.11 25.94 -37.84
N PHE C 428 -11.79 25.77 -37.91
CA PHE C 428 -11.06 24.98 -36.92
C PHE C 428 -10.02 25.83 -36.19
N ARG C 429 -9.85 25.55 -34.90
CA ARG C 429 -8.89 26.27 -34.09
C ARG C 429 -8.07 25.28 -33.25
N PRO C 430 -6.79 25.57 -33.00
CA PRO C 430 -5.87 24.73 -32.26
C PRO C 430 -6.12 24.66 -30.76
N GLY C 431 -5.69 23.56 -30.16
CA GLY C 431 -5.56 23.41 -28.71
C GLY C 431 -6.82 22.97 -27.99
N GLY C 432 -6.69 22.81 -26.67
CA GLY C 432 -7.78 22.42 -25.78
C GLY C 432 -7.25 22.35 -24.35
N SER C 433 -8.16 22.34 -23.38
CA SER C 433 -7.78 22.37 -21.97
C SER C 433 -7.41 21.02 -21.37
N ASP C 434 -7.76 19.92 -22.04
CA ASP C 434 -7.54 18.60 -21.45
C ASP C 434 -6.19 18.02 -21.83
N MET C 435 -5.26 18.04 -20.88
CA MET C 435 -3.90 17.57 -21.10
C MET C 435 -3.81 16.08 -21.39
N ARG C 436 -4.81 15.31 -20.95
CA ARG C 436 -4.77 13.87 -21.09
C ARG C 436 -4.80 13.45 -22.55
N ASP C 437 -5.30 14.32 -23.40
CA ASP C 437 -5.44 14.04 -24.81
C ASP C 437 -4.10 13.83 -25.50
N ASN C 438 -3.02 14.34 -24.89
CA ASN C 438 -1.72 14.10 -25.47
C ASN C 438 -1.32 12.63 -25.35
N TRP C 439 -1.72 11.99 -24.25
CA TRP C 439 -1.33 10.61 -24.03
C TRP C 439 -2.13 9.69 -24.94
N ARG C 440 -3.35 10.12 -25.26
CA ARG C 440 -4.23 9.32 -26.10
C ARG C 440 -3.63 9.11 -27.48
N SER C 441 -2.83 10.07 -27.93
CA SER C 441 -2.26 10.00 -29.27
C SER C 441 -1.29 8.84 -29.43
N GLU C 442 -0.74 8.33 -28.32
CA GLU C 442 0.14 7.18 -28.37
C GLU C 442 -0.54 5.92 -27.84
N LEU C 443 -1.53 6.09 -26.96
CA LEU C 443 -2.19 4.96 -26.32
C LEU C 443 -3.46 4.48 -27.01
N TYR C 444 -3.88 5.17 -28.06
CA TYR C 444 -5.13 4.83 -28.75
C TYR C 444 -5.18 3.40 -29.27
N LYS C 445 -4.01 2.83 -29.58
CA LYS C 445 -3.94 1.50 -30.17
C LYS C 445 -3.88 0.37 -29.15
N TYR C 446 -3.82 0.69 -27.85
CA TYR C 446 -3.65 -0.34 -26.83
C TYR C 446 -4.89 -0.56 -25.98
N LYS C 447 -5.11 -1.80 -25.57
CA LYS C 447 -6.18 -2.14 -24.64
C LYS C 447 -5.73 -3.18 -23.61
N VAL C 448 -6.11 -3.00 -22.34
CA VAL C 448 -5.75 -3.95 -21.29
C VAL C 448 -6.85 -4.95 -21.01
N VAL C 449 -6.53 -6.24 -21.08
CA VAL C 449 -7.51 -7.27 -20.79
C VAL C 449 -7.00 -8.29 -19.77
N GLU C 450 -7.92 -8.83 -18.98
CA GLU C 450 -7.63 -9.90 -18.04
C GLU C 450 -7.68 -11.24 -18.74
N ILE C 451 -6.73 -12.11 -18.44
CA ILE C 451 -6.74 -13.45 -19.02
C ILE C 451 -7.34 -14.43 -18.02
N GLU C 452 -8.29 -15.25 -18.48
CA GLU C 452 -8.97 -16.21 -17.62
C GLU C 452 -8.77 -17.65 -18.12
N PRO C 453 -7.67 -18.32 -17.73
CA PRO C 453 -7.22 -19.63 -18.18
C PRO C 453 -8.20 -20.77 -17.95
N LEU C 454 -9.10 -20.63 -16.98
CA LEU C 454 -10.04 -21.71 -16.70
C LEU C 454 -11.32 -21.62 -17.51
N GLY C 455 -11.83 -22.79 -17.88
CA GLY C 455 -13.14 -22.89 -18.49
C GLY C 455 -13.60 -24.33 -18.55
N VAL C 456 -14.87 -24.52 -18.85
CA VAL C 456 -15.45 -25.86 -18.89
C VAL C 456 -16.23 -26.09 -20.17
N ALA C 457 -16.27 -27.33 -20.62
CA ALA C 457 -17.03 -27.71 -21.81
C ALA C 457 -17.33 -29.20 -21.74
N PRO C 458 -18.45 -29.67 -22.33
CA PRO C 458 -18.84 -31.07 -22.36
C PRO C 458 -17.94 -31.91 -23.24
N THR C 459 -17.65 -33.13 -22.79
CA THR C 459 -16.97 -34.14 -23.60
C THR C 459 -17.58 -35.51 -23.34
N ARG C 460 -17.25 -36.49 -24.18
CA ARG C 460 -17.64 -37.87 -23.93
C ARG C 460 -16.84 -38.50 -22.79
N CYS C 461 -15.69 -37.92 -22.48
CA CYS C 461 -14.79 -38.43 -21.46
C CYS C 461 -15.38 -38.41 -20.07
N LYS C 462 -15.23 -39.52 -19.35
CA LYS C 462 -15.68 -39.61 -17.97
C LYS C 462 -14.48 -39.92 -17.09
N ARG C 463 -14.40 -39.28 -15.93
CA ARG C 463 -13.28 -39.53 -15.02
C ARG C 463 -13.29 -40.96 -14.50
N ARG C 464 -12.13 -41.60 -14.50
CA ARG C 464 -11.99 -42.93 -13.90
C ARG C 464 -11.90 -42.83 -12.38
N VAL C 465 -12.46 -43.82 -11.70
CA VAL C 465 -12.43 -43.87 -10.24
C VAL C 465 -11.92 -45.20 -9.76
N VAL C 466 -11.51 -45.26 -8.49
CA VAL C 466 -11.03 -46.49 -7.89
C VAL C 466 -12.18 -47.48 -7.78
N GLU C 467 -11.95 -48.71 -8.24
CA GLU C 467 -12.97 -49.75 -8.23
C GLU C 467 -14.28 -49.23 -8.80
N LEU D 9 2.26 -21.61 -32.35
CA LEU D 9 1.73 -20.26 -32.48
C LEU D 9 2.34 -19.31 -31.44
N GLY D 10 1.61 -19.06 -30.37
CA GLY D 10 2.08 -18.15 -29.33
C GLY D 10 1.00 -17.94 -28.27
N PHE D 11 1.30 -17.08 -27.31
CA PHE D 11 0.35 -16.80 -26.24
C PHE D 11 -0.93 -16.21 -26.82
N LEU D 12 -2.07 -16.84 -26.49
CA LEU D 12 -3.40 -16.50 -27.00
C LEU D 12 -3.52 -16.59 -28.52
N GLY D 13 -2.56 -17.22 -29.19
CA GLY D 13 -2.57 -17.30 -30.64
C GLY D 13 -3.74 -18.10 -31.17
N ALA D 14 -4.27 -18.97 -30.31
CA ALA D 14 -5.38 -19.85 -30.65
C ALA D 14 -6.73 -19.18 -30.45
N ALA D 15 -6.75 -17.95 -29.96
CA ALA D 15 -8.02 -17.34 -29.54
C ALA D 15 -9.06 -17.27 -30.65
N GLY D 16 -8.63 -17.09 -31.90
CA GLY D 16 -9.58 -17.04 -33.00
C GLY D 16 -9.93 -18.42 -33.57
N SER D 17 -9.20 -19.44 -33.13
CA SER D 17 -9.40 -20.81 -33.63
C SER D 17 -10.56 -21.46 -32.89
N THR D 18 -11.00 -22.60 -33.38
CA THR D 18 -12.11 -23.27 -32.72
C THR D 18 -11.67 -23.85 -31.39
N MET D 19 -12.63 -24.17 -30.55
CA MET D 19 -12.32 -24.70 -29.22
C MET D 19 -11.52 -25.98 -29.30
N GLY D 20 -11.85 -26.84 -30.27
CA GLY D 20 -11.12 -28.08 -30.43
C GLY D 20 -9.69 -27.83 -30.89
N ALA D 21 -9.52 -26.93 -31.85
CA ALA D 21 -8.20 -26.63 -32.37
C ALA D 21 -7.29 -26.04 -31.30
N ALA D 22 -7.88 -25.23 -30.43
CA ALA D 22 -7.16 -24.55 -29.37
C ALA D 22 -6.58 -25.50 -28.34
N SER D 23 -7.13 -26.71 -28.24
CA SER D 23 -6.75 -27.64 -27.17
C SER D 23 -5.29 -28.07 -27.26
N ILE D 24 -4.69 -27.95 -28.44
CA ILE D 24 -3.28 -28.29 -28.60
C ILE D 24 -2.34 -27.25 -27.97
N THR D 25 -2.83 -26.01 -27.81
CA THR D 25 -1.99 -24.89 -27.37
C THR D 25 -2.09 -24.60 -25.88
N LEU D 26 -2.87 -25.39 -25.15
CA LEU D 26 -3.10 -25.10 -23.74
C LEU D 26 -1.78 -25.09 -22.97
N THR D 27 -0.84 -25.92 -23.41
CA THR D 27 0.46 -26.02 -22.78
C THR D 27 1.21 -24.71 -22.88
N VAL D 28 1.10 -24.05 -24.02
CA VAL D 28 1.77 -22.79 -24.26
C VAL D 28 1.21 -21.69 -23.38
N GLN D 29 -0.12 -21.67 -23.28
CA GLN D 29 -0.83 -20.62 -22.56
C GLN D 29 -0.89 -20.86 -21.05
N ALA D 30 -0.60 -22.10 -20.64
CA ALA D 30 -0.53 -22.43 -19.22
C ALA D 30 0.58 -21.64 -18.54
N ARG D 31 1.61 -21.33 -19.32
CA ARG D 31 2.76 -20.56 -18.85
C ARG D 31 2.37 -19.09 -18.76
N GLN D 32 3.03 -18.35 -17.87
CA GLN D 32 2.77 -16.92 -17.69
C GLN D 32 1.40 -16.72 -17.03
N THR D 58 10.81 6.14 -6.12
CA THR D 58 9.96 5.48 -5.14
C THR D 58 8.58 5.19 -5.69
N HIS D 59 8.06 6.12 -6.48
CA HIS D 59 6.71 5.98 -7.02
C HIS D 59 6.55 4.71 -7.84
N TRP D 60 7.50 4.44 -8.73
CA TRP D 60 7.40 3.26 -9.55
C TRP D 60 7.55 1.98 -8.74
N GLY D 61 8.37 2.04 -7.68
CA GLY D 61 8.62 0.87 -6.87
C GLY D 61 7.36 0.40 -6.16
N ILE D 62 6.54 1.36 -5.74
CA ILE D 62 5.29 1.02 -5.09
C ILE D 62 4.35 0.33 -6.06
N LYS D 63 4.27 0.85 -7.28
CA LYS D 63 3.40 0.24 -8.27
C LYS D 63 3.87 -1.17 -8.63
N GLN D 64 5.18 -1.37 -8.66
CA GLN D 64 5.71 -2.70 -8.93
C GLN D 64 5.35 -3.67 -7.81
N LEU D 65 5.32 -3.18 -6.58
CA LEU D 65 4.94 -4.05 -5.48
C LEU D 65 3.49 -4.50 -5.63
N GLN D 66 2.62 -3.57 -6.01
CA GLN D 66 1.23 -3.92 -6.23
C GLN D 66 1.09 -4.87 -7.41
N ALA D 67 1.89 -4.66 -8.45
CA ALA D 67 1.87 -5.52 -9.62
C ALA D 67 2.29 -6.94 -9.29
N ARG D 68 3.29 -7.06 -8.41
CA ARG D 68 3.79 -8.38 -8.03
C ARG D 68 2.77 -9.14 -7.21
N VAL D 69 2.09 -8.44 -6.30
CA VAL D 69 1.06 -9.08 -5.50
C VAL D 69 -0.11 -9.51 -6.37
N LEU D 70 -0.50 -8.65 -7.29
CA LEU D 70 -1.62 -8.94 -8.16
C LEU D 70 -1.35 -10.17 -9.01
N ALA D 71 -0.15 -10.27 -9.55
CA ALA D 71 0.20 -11.43 -10.38
C ALA D 71 0.12 -12.72 -9.57
N VAL D 72 0.55 -12.66 -8.32
CA VAL D 72 0.49 -13.83 -7.46
C VAL D 72 -0.94 -14.24 -7.13
N GLU D 73 -1.80 -13.27 -6.84
CA GLU D 73 -3.17 -13.60 -6.50
C GLU D 73 -3.90 -14.30 -7.63
N HIS D 74 -3.66 -13.87 -8.86
CA HIS D 74 -4.33 -14.48 -9.99
C HIS D 74 -3.81 -15.87 -10.29
N TYR D 75 -2.51 -16.08 -10.14
CA TYR D 75 -1.97 -17.41 -10.32
C TYR D 75 -2.59 -18.37 -9.32
N LEU D 76 -2.60 -17.98 -8.06
CA LEU D 76 -3.10 -18.86 -7.01
C LEU D 76 -4.60 -19.04 -7.08
N ARG D 77 -5.32 -18.04 -7.55
CA ARG D 77 -6.77 -18.16 -7.63
C ARG D 77 -7.16 -19.34 -8.49
N ASP D 78 -6.51 -19.48 -9.65
CA ASP D 78 -6.83 -20.58 -10.54
C ASP D 78 -6.35 -21.91 -9.99
N GLN D 79 -5.18 -21.90 -9.33
CA GLN D 79 -4.65 -23.14 -8.76
C GLN D 79 -5.50 -23.61 -7.59
N GLN D 80 -6.09 -22.67 -6.86
CA GLN D 80 -6.94 -23.02 -5.74
C GLN D 80 -8.13 -23.83 -6.22
N LEU D 81 -8.73 -23.41 -7.33
CA LEU D 81 -9.86 -24.14 -7.86
C LEU D 81 -9.45 -25.51 -8.36
N LEU D 82 -8.31 -25.59 -9.05
CA LEU D 82 -7.89 -26.88 -9.57
C LEU D 82 -7.57 -27.86 -8.46
N GLY D 83 -6.96 -27.38 -7.38
CA GLY D 83 -6.61 -28.26 -6.27
C GLY D 83 -7.86 -28.81 -5.59
N ILE D 84 -8.89 -27.99 -5.48
CA ILE D 84 -10.14 -28.42 -4.90
C ILE D 84 -10.84 -29.43 -5.79
N TRP D 85 -10.79 -29.19 -7.11
CA TRP D 85 -11.43 -30.05 -8.09
C TRP D 85 -10.70 -31.38 -8.29
N GLY D 86 -9.44 -31.44 -7.86
CA GLY D 86 -8.64 -32.65 -8.03
C GLY D 86 -7.99 -32.69 -9.41
N CYS D 87 -8.07 -31.56 -10.12
CA CYS D 87 -7.57 -31.44 -11.48
C CYS D 87 -6.14 -30.93 -11.53
N SER D 88 -5.56 -30.66 -10.37
CA SER D 88 -4.24 -30.07 -10.31
C SER D 88 -3.21 -30.93 -11.00
N GLY D 89 -2.31 -30.29 -11.73
CA GLY D 89 -1.24 -30.97 -12.45
C GLY D 89 -1.63 -31.37 -13.87
N LYS D 90 -2.90 -31.16 -14.24
CA LYS D 90 -3.34 -31.51 -15.59
C LYS D 90 -3.92 -30.31 -16.32
N LEU D 91 -3.62 -30.22 -17.62
CA LEU D 91 -4.19 -29.18 -18.46
C LEU D 91 -5.64 -29.49 -18.81
N ILE D 92 -5.94 -30.77 -18.96
CA ILE D 92 -7.28 -31.23 -19.26
C ILE D 92 -7.73 -32.24 -18.22
N CYS D 93 -8.84 -31.94 -17.55
CA CYS D 93 -9.32 -32.78 -16.47
C CYS D 93 -10.79 -33.17 -16.59
N CYS D 94 -11.02 -34.45 -16.85
CA CYS D 94 -12.38 -34.98 -16.93
C CYS D 94 -12.98 -35.09 -15.53
N THR D 95 -14.27 -34.85 -15.42
CA THR D 95 -14.96 -34.97 -14.13
C THR D 95 -16.11 -35.97 -14.24
N ASN D 96 -16.79 -36.21 -13.12
CA ASN D 96 -17.95 -37.08 -13.10
C ASN D 96 -19.27 -36.32 -13.13
N VAL D 97 -19.22 -35.01 -13.38
CA VAL D 97 -20.45 -34.23 -13.42
C VAL D 97 -21.08 -34.32 -14.80
N PRO D 98 -22.33 -34.76 -14.93
CA PRO D 98 -23.03 -34.88 -16.20
C PRO D 98 -23.34 -33.51 -16.75
N TRP D 99 -23.32 -33.37 -18.07
CA TRP D 99 -23.71 -32.11 -18.66
C TRP D 99 -25.21 -31.91 -18.59
N ASN D 100 -25.62 -30.72 -18.17
CA ASN D 100 -27.03 -30.34 -18.18
C ASN D 100 -27.38 -29.63 -19.48
N SER D 101 -28.37 -30.15 -20.19
CA SER D 101 -28.75 -29.57 -21.47
C SER D 101 -29.24 -28.14 -21.35
N SER D 102 -29.68 -27.72 -20.15
CA SER D 102 -30.11 -26.34 -20.00
C SER D 102 -28.93 -25.37 -20.04
N TRP D 103 -27.73 -25.84 -19.73
CA TRP D 103 -26.54 -24.99 -19.81
C TRP D 103 -26.24 -24.70 -21.26
N SER D 104 -26.41 -25.74 -22.09
CA SER D 104 -26.34 -25.64 -23.55
C SER D 104 -26.99 -26.85 -24.17
N ASN D 105 -27.73 -26.63 -25.25
CA ASN D 105 -28.37 -27.74 -25.97
C ASN D 105 -27.56 -28.14 -27.20
N LYS D 106 -26.37 -27.56 -27.35
CA LYS D 106 -25.56 -27.84 -28.52
C LYS D 106 -24.89 -29.20 -28.47
N SER D 107 -24.77 -29.82 -29.65
CA SER D 107 -24.03 -31.07 -29.80
C SER D 107 -22.54 -30.82 -29.70
N LEU D 108 -21.76 -31.87 -29.49
CA LEU D 108 -20.32 -31.69 -29.37
C LEU D 108 -19.71 -31.09 -30.63
N ASP D 109 -20.21 -31.49 -31.80
CA ASP D 109 -19.65 -30.92 -33.03
C ASP D 109 -19.96 -29.43 -33.12
N GLU D 110 -21.17 -29.05 -32.69
CA GLU D 110 -21.54 -27.64 -32.68
C GLU D 110 -20.68 -26.82 -31.73
N ILE D 111 -20.25 -27.43 -30.63
CA ILE D 111 -19.45 -26.68 -29.66
C ILE D 111 -17.98 -26.69 -30.01
N TRP D 112 -17.42 -27.87 -30.18
CA TRP D 112 -15.98 -27.99 -30.33
C TRP D 112 -15.45 -27.51 -31.66
N ASN D 113 -16.25 -27.63 -32.72
CA ASN D 113 -15.73 -27.25 -34.02
C ASN D 113 -16.35 -25.98 -34.62
N ASN D 114 -17.40 -25.43 -34.03
CA ASN D 114 -18.01 -24.24 -34.62
C ASN D 114 -17.87 -23.01 -33.73
N MET D 115 -17.16 -23.13 -32.62
CA MET D 115 -17.06 -21.99 -31.70
C MET D 115 -15.65 -21.73 -31.25
N THR D 116 -15.38 -20.47 -30.92
CA THR D 116 -14.17 -20.07 -30.21
C THR D 116 -14.44 -20.18 -28.73
N TRP D 117 -13.38 -20.21 -27.92
CA TRP D 117 -13.59 -20.24 -26.48
C TRP D 117 -14.22 -18.95 -25.98
N LEU D 118 -13.97 -17.85 -26.67
CA LEU D 118 -14.57 -16.57 -26.30
C LEU D 118 -16.08 -16.59 -26.46
N GLN D 119 -16.56 -17.18 -27.55
CA GLN D 119 -18.00 -17.29 -27.77
C GLN D 119 -18.63 -18.23 -26.76
N TRP D 120 -17.94 -19.31 -26.45
CA TRP D 120 -18.43 -20.27 -25.50
C TRP D 120 -18.55 -19.69 -24.11
N ASP D 121 -17.60 -18.85 -23.75
CA ASP D 121 -17.61 -18.25 -22.42
C ASP D 121 -18.84 -17.40 -22.21
N LYS D 122 -19.31 -16.75 -23.28
CA LYS D 122 -20.53 -15.97 -23.14
C LYS D 122 -21.76 -16.87 -22.94
N GLU D 123 -21.81 -17.99 -23.66
CA GLU D 123 -22.97 -18.87 -23.60
C GLU D 123 -23.21 -19.47 -22.22
N ILE D 124 -22.13 -19.73 -21.46
CA ILE D 124 -22.29 -20.34 -20.15
C ILE D 124 -21.95 -19.38 -19.01
N ASN D 125 -21.94 -18.09 -19.31
CA ASN D 125 -21.54 -17.11 -18.30
C ASN D 125 -22.42 -17.14 -17.05
N ASN D 126 -23.69 -17.49 -17.19
CA ASN D 126 -24.58 -17.51 -16.03
C ASN D 126 -24.59 -18.87 -15.34
N TYR D 127 -23.88 -19.84 -15.92
CA TYR D 127 -23.90 -21.19 -15.36
C TYR D 127 -22.54 -21.61 -14.86
N THR D 128 -21.53 -20.79 -15.09
CA THR D 128 -20.17 -21.19 -14.77
C THR D 128 -19.98 -21.45 -13.29
N GLN D 129 -20.51 -20.58 -12.44
CA GLN D 129 -20.35 -20.79 -11.00
C GLN D 129 -21.12 -22.01 -10.53
N LEU D 130 -22.27 -22.28 -11.16
CA LEU D 130 -23.04 -23.46 -10.80
C LEU D 130 -22.26 -24.72 -11.13
N ILE D 131 -21.63 -24.72 -12.29
CA ILE D 131 -20.84 -25.89 -12.70
C ILE D 131 -19.69 -26.09 -11.75
N TYR D 132 -19.04 -25.01 -11.34
CA TYR D 132 -17.91 -25.13 -10.43
C TYR D 132 -18.33 -25.77 -9.11
N ARG D 133 -19.50 -25.39 -8.59
CA ARG D 133 -19.92 -25.98 -7.32
C ARG D 133 -20.19 -27.46 -7.47
N LEU D 134 -20.76 -27.86 -8.60
CA LEU D 134 -21.06 -29.26 -8.84
C LEU D 134 -19.80 -30.10 -8.95
N ILE D 135 -18.75 -29.52 -9.54
CA ILE D 135 -17.48 -30.24 -9.62
C ILE D 135 -16.92 -30.46 -8.24
N GLU D 136 -17.00 -29.44 -7.41
CA GLU D 136 -16.47 -29.51 -6.05
C GLU D 136 -17.23 -30.54 -5.20
N GLU D 137 -18.55 -30.57 -5.34
CA GLU D 137 -19.32 -31.55 -4.59
C GLU D 137 -18.98 -32.96 -5.03
N SER D 138 -18.78 -33.15 -6.33
CA SER D 138 -18.45 -34.47 -6.84
C SER D 138 -17.09 -34.92 -6.37
N GLN D 139 -16.15 -33.98 -6.24
CA GLN D 139 -14.81 -34.35 -5.78
C GLN D 139 -14.83 -34.81 -4.34
N ASN D 140 -15.64 -34.15 -3.52
CA ASN D 140 -15.66 -34.53 -2.12
C ASN D 140 -16.32 -35.88 -1.93
N GLN D 141 -17.34 -36.16 -2.74
CA GLN D 141 -17.98 -37.47 -2.66
C GLN D 141 -17.05 -38.55 -3.18
N GLN D 142 -16.25 -38.24 -4.21
CA GLN D 142 -15.34 -39.23 -4.73
C GLN D 142 -14.30 -39.61 -3.71
N GLU D 143 -13.71 -38.61 -3.06
CA GLU D 143 -12.66 -38.89 -2.09
C GLU D 143 -13.21 -39.58 -0.86
N LYS D 144 -14.44 -39.26 -0.47
CA LYS D 144 -15.03 -39.95 0.66
C LYS D 144 -15.19 -41.42 0.34
N ASN D 145 -15.62 -41.72 -0.89
CA ASN D 145 -15.80 -43.10 -1.29
C ASN D 145 -14.48 -43.84 -1.39
N GLU D 146 -13.43 -43.15 -1.88
CA GLU D 146 -12.13 -43.80 -1.96
C GLU D 146 -11.58 -44.12 -0.57
N LYS D 147 -11.85 -43.23 0.38
CA LYS D 147 -11.42 -43.49 1.75
C LYS D 147 -12.09 -44.74 2.27
N GLU D 148 -13.40 -44.87 2.04
CA GLU D 148 -14.13 -46.03 2.53
C GLU D 148 -13.64 -47.32 1.89
N LEU D 149 -13.29 -47.27 0.61
CA LEU D 149 -12.78 -48.47 -0.03
C LEU D 149 -11.47 -48.91 0.60
N LEU D 150 -10.62 -47.94 0.93
CA LEU D 150 -9.35 -48.26 1.57
C LEU D 150 -9.54 -48.81 2.98
N GLU D 151 -10.56 -48.31 3.70
CA GLU D 151 -10.84 -48.79 5.05
C GLU D 151 -11.23 -50.27 5.06
N LEU D 152 -11.82 -50.72 3.97
CA LEU D 152 -12.28 -52.10 3.85
C LEU D 152 -11.18 -53.07 3.40
N ASP D 153 -10.01 -52.54 3.05
CA ASP D 153 -8.90 -53.38 2.58
C ASP D 153 -7.84 -53.56 3.65
N GLY E 2 -20.32 -36.35 32.72
CA GLY E 2 -21.66 -35.78 32.81
C GLY E 2 -22.42 -36.37 33.98
N GLN E 3 -23.38 -35.60 34.50
CA GLN E 3 -24.19 -36.06 35.63
C GLN E 3 -25.67 -35.70 35.46
N LEU E 4 -26.54 -36.61 35.87
CA LEU E 4 -27.98 -36.37 35.87
C LEU E 4 -28.55 -36.61 37.26
N VAL E 5 -29.49 -35.76 37.68
CA VAL E 5 -30.18 -35.94 38.96
C VAL E 5 -31.68 -35.81 38.74
N GLN E 6 -32.48 -36.36 39.66
CA GLN E 6 -33.94 -36.39 39.48
C GLN E 6 -34.72 -35.94 40.71
N SER E 7 -35.98 -35.55 40.48
CA SER E 7 -36.88 -35.18 41.58
C SER E 7 -37.03 -36.32 42.56
N GLY E 8 -37.08 -35.98 43.85
CA GLY E 8 -37.15 -36.97 44.92
C GLY E 8 -38.47 -37.73 44.92
N ALA E 9 -38.46 -38.88 45.58
CA ALA E 9 -39.63 -39.76 45.66
C ALA E 9 -40.78 -39.10 46.39
N GLU E 10 -42.01 -39.37 45.92
CA GLU E 10 -43.20 -38.87 46.58
C GLU E 10 -44.39 -39.83 46.42
N LEU E 11 -45.33 -39.75 47.35
CA LEU E 11 -46.53 -40.57 47.35
C LEU E 11 -47.69 -39.89 46.63
N LYS E 12 -48.37 -40.64 45.77
CA LYS E 12 -49.53 -40.14 45.02
C LYS E 12 -50.77 -40.99 45.20
N LYS E 13 -51.92 -40.36 45.03
CA LYS E 13 -53.20 -41.08 44.99
C LYS E 13 -53.42 -41.60 43.56
N PRO E 14 -54.15 -42.70 43.37
CA PRO E 14 -54.55 -43.20 42.07
C PRO E 14 -55.28 -42.11 41.30
N GLY E 15 -54.96 -42.00 40.01
CA GLY E 15 -55.55 -41.03 39.11
C GLY E 15 -54.82 -39.69 39.15
N ALA E 16 -53.91 -39.53 40.10
CA ALA E 16 -53.15 -38.29 40.25
C ALA E 16 -52.11 -38.14 39.15
N SER E 17 -51.79 -36.90 38.83
CA SER E 17 -50.65 -36.65 37.96
C SER E 17 -49.36 -36.50 38.76
N VAL E 18 -48.23 -36.82 38.14
CA VAL E 18 -46.93 -36.57 38.73
C VAL E 18 -45.98 -35.97 37.71
N LYS E 19 -45.14 -35.04 38.13
CA LYS E 19 -44.13 -34.49 37.24
C LYS E 19 -42.74 -34.72 37.81
N ILE E 20 -41.86 -35.29 37.00
CA ILE E 20 -40.50 -35.62 37.44
C ILE E 20 -39.47 -34.80 36.68
N SER E 21 -38.66 -34.03 37.40
CA SER E 21 -37.61 -33.25 36.76
C SER E 21 -36.37 -34.08 36.54
N CYS E 22 -35.52 -33.64 35.62
CA CYS E 22 -34.22 -34.24 35.40
C CYS E 22 -33.16 -33.18 35.08
N LYS E 23 -32.55 -32.62 36.12
CA LYS E 23 -31.53 -31.61 35.93
C LYS E 23 -30.23 -32.26 35.47
N THR E 24 -29.53 -31.60 34.54
CA THR E 24 -28.30 -32.15 34.00
C THR E 24 -27.16 -31.15 34.02
N SER E 25 -25.93 -31.65 34.02
CA SER E 25 -24.74 -30.80 33.92
C SER E 25 -23.52 -31.54 33.37
N GLY E 26 -22.52 -30.77 32.95
CA GLY E 26 -21.22 -31.30 32.53
C GLY E 26 -21.13 -31.67 31.04
N TYR E 27 -22.21 -31.48 30.30
CA TYR E 27 -22.23 -31.79 28.86
C TYR E 27 -23.22 -30.87 28.18
N ARG E 28 -23.17 -30.76 26.85
CA ARG E 28 -24.18 -29.92 26.20
C ARG E 28 -25.52 -30.61 26.19
N PHE E 29 -26.51 -29.96 26.77
CA PHE E 29 -27.84 -30.53 26.89
C PHE E 29 -28.47 -30.79 25.53
N ASN E 30 -28.32 -29.84 24.61
CA ASN E 30 -28.97 -29.96 23.31
C ASN E 30 -28.31 -30.96 22.38
N PHE E 31 -27.13 -31.43 22.72
CA PHE E 31 -26.42 -32.34 21.83
C PHE E 31 -26.95 -33.77 21.89
N TYR E 32 -27.65 -34.13 22.96
CA TYR E 32 -28.03 -35.53 23.15
C TYR E 32 -29.50 -35.70 23.50
N HIS E 33 -30.04 -36.87 23.15
CA HIS E 33 -31.42 -37.22 23.50
C HIS E 33 -31.56 -37.44 24.99
N ILE E 34 -32.73 -37.11 25.54
CA ILE E 34 -33.04 -37.49 26.91
C ILE E 34 -34.07 -38.60 26.92
N ASN E 35 -33.71 -39.73 27.51
CA ASN E 35 -34.56 -40.91 27.55
C ASN E 35 -35.25 -41.02 28.89
N TRP E 36 -36.44 -41.60 28.89
CA TRP E 36 -37.07 -41.98 30.15
C TRP E 36 -37.39 -43.46 30.16
N ILE E 37 -36.94 -44.14 31.21
CA ILE E 37 -37.09 -45.58 31.34
C ILE E 37 -37.64 -45.96 32.71
N ARG E 38 -38.64 -46.83 32.71
CA ARG E 38 -39.27 -47.28 33.95
C ARG E 38 -38.93 -48.71 34.30
N GLN E 39 -38.79 -49.00 35.60
CA GLN E 39 -38.66 -50.38 36.04
C GLN E 39 -39.64 -50.70 37.16
N THR E 40 -40.34 -51.82 37.03
CA THR E 40 -41.23 -52.26 38.10
C THR E 40 -40.98 -53.75 38.37
N ALA E 41 -41.32 -54.21 39.57
CA ALA E 41 -41.07 -55.60 39.94
C ALA E 41 -41.82 -56.58 39.05
N GLY E 42 -43.00 -56.21 38.58
CA GLY E 42 -43.83 -57.10 37.78
C GLY E 42 -43.60 -56.96 36.28
N ARG E 43 -42.74 -56.04 35.86
CA ARG E 43 -42.55 -55.79 34.43
C ARG E 43 -41.10 -55.86 34.00
N GLY E 44 -40.20 -55.47 34.88
CA GLY E 44 -38.81 -55.27 34.49
C GLY E 44 -38.72 -53.90 33.84
N PRO E 45 -37.58 -53.55 33.23
CA PRO E 45 -37.33 -52.32 32.50
C PRO E 45 -38.29 -52.15 31.33
N GLU E 46 -38.75 -50.92 31.11
CA GLU E 46 -39.62 -50.59 29.99
C GLU E 46 -39.41 -49.15 29.52
N TRP E 47 -39.39 -48.93 28.22
CA TRP E 47 -39.24 -47.58 27.68
C TRP E 47 -40.49 -46.74 27.69
N MET E 48 -40.32 -45.48 28.07
CA MET E 48 -41.37 -44.49 27.99
C MET E 48 -41.13 -43.57 26.79
N GLY E 49 -40.11 -43.89 26.01
CA GLY E 49 -39.72 -43.10 24.85
C GLY E 49 -38.68 -42.04 25.18
N TRP E 50 -38.39 -41.17 24.21
CA TRP E 50 -37.35 -40.15 24.37
C TRP E 50 -37.71 -38.83 23.73
N ILE E 51 -37.01 -37.77 24.15
CA ILE E 51 -37.16 -36.44 23.58
C ILE E 51 -35.81 -35.83 23.19
N SER E 52 -35.76 -35.15 22.05
CA SER E 52 -34.57 -34.41 21.63
C SER E 52 -34.74 -32.94 21.97
N PRO E 53 -33.96 -32.37 22.91
CA PRO E 53 -34.03 -30.97 23.30
C PRO E 53 -33.72 -30.05 22.13
N TYR E 54 -32.94 -30.53 21.16
CA TYR E 54 -32.56 -29.71 20.03
C TYR E 54 -33.74 -29.36 19.13
N SER E 55 -34.50 -30.39 18.73
CA SER E 55 -35.65 -30.14 17.85
C SER E 55 -36.98 -30.09 18.59
N GLY E 56 -37.00 -30.66 19.79
CA GLY E 56 -38.24 -30.79 20.55
C GLY E 56 -39.00 -32.06 20.14
N ASP E 57 -38.48 -32.80 19.17
CA ASP E 57 -39.11 -34.02 18.69
C ASP E 57 -39.10 -35.10 19.76
N LYS E 58 -40.18 -35.88 19.83
CA LYS E 58 -40.18 -37.00 20.75
C LYS E 58 -40.76 -38.25 20.13
N ASN E 59 -40.27 -39.39 20.60
CA ASN E 59 -40.75 -40.71 20.20
C ASN E 59 -41.28 -41.44 21.42
N LEU E 60 -42.60 -41.45 21.58
CA LEU E 60 -43.19 -42.10 22.73
C LEU E 60 -43.59 -43.54 22.41
N ALA E 61 -43.28 -44.45 23.33
CA ALA E 61 -43.66 -45.84 23.15
C ALA E 61 -45.20 -45.95 23.15
N PRO E 62 -45.81 -46.82 22.33
CA PRO E 62 -47.25 -46.99 22.18
C PRO E 62 -47.99 -47.16 23.49
N ALA E 63 -47.35 -47.79 24.47
CA ALA E 63 -47.96 -48.02 25.77
C ALA E 63 -48.26 -46.72 26.51
N PHE E 64 -47.42 -45.71 26.28
CA PHE E 64 -47.49 -44.48 27.05
C PHE E 64 -47.97 -43.23 26.30
N GLN E 65 -48.35 -43.39 25.04
CA GLN E 65 -48.64 -42.22 24.22
C GLN E 65 -49.77 -41.35 24.75
N ASP E 66 -50.75 -41.98 25.40
CA ASP E 66 -51.89 -41.22 25.91
C ASP E 66 -51.72 -40.74 27.34
N ARG E 67 -50.63 -41.15 28.00
CA ARG E 67 -50.47 -40.79 29.41
C ARG E 67 -49.18 -40.03 29.74
N VAL E 68 -48.25 -39.97 28.80
CA VAL E 68 -46.96 -39.35 29.09
C VAL E 68 -46.63 -38.18 28.17
N ILE E 69 -46.28 -37.05 28.79
CA ILE E 69 -45.89 -35.83 28.09
C ILE E 69 -44.47 -35.42 28.47
N MET E 70 -43.62 -35.20 27.47
CA MET E 70 -42.24 -34.78 27.75
C MET E 70 -41.95 -33.38 27.25
N THR E 71 -41.26 -32.59 28.09
CA THR E 71 -40.86 -31.23 27.76
C THR E 71 -39.43 -30.98 28.21
N THR E 72 -38.80 -29.94 27.67
CA THR E 72 -37.46 -29.56 28.13
C THR E 72 -37.32 -28.05 28.36
N ASP E 73 -36.39 -27.68 29.25
CA ASP E 73 -35.97 -26.30 29.43
C ASP E 73 -34.94 -25.89 28.39
N THR E 74 -34.88 -24.59 28.11
CA THR E 74 -33.80 -24.02 27.31
C THR E 74 -32.48 -24.14 28.06
N GLU E 75 -31.44 -24.63 27.38
CA GLU E 75 -30.14 -24.82 28.02
C GLU E 75 -29.47 -23.50 28.39
N VAL E 76 -28.74 -23.51 29.50
CA VAL E 76 -27.93 -22.38 29.93
C VAL E 76 -26.44 -22.79 29.96
N PRO E 77 -25.59 -22.19 29.12
CA PRO E 77 -24.20 -22.56 28.91
C PRO E 77 -23.33 -22.28 30.12
N VAL E 78 -22.31 -23.11 30.32
CA VAL E 78 -21.31 -22.91 31.36
C VAL E 78 -19.95 -22.66 30.74
N THR E 79 -19.59 -23.51 29.78
CA THR E 79 -18.38 -23.37 28.99
C THR E 79 -18.79 -23.48 27.55
N SER E 80 -17.90 -23.22 26.62
CA SER E 80 -18.27 -23.34 25.22
C SER E 80 -18.67 -24.76 24.83
N PHE E 81 -18.24 -25.77 25.62
CA PHE E 81 -18.58 -27.14 25.29
C PHE E 81 -19.45 -27.84 26.33
N THR E 82 -19.92 -27.11 27.35
CA THR E 82 -20.81 -27.71 28.35
C THR E 82 -21.94 -26.77 28.73
N SER E 83 -23.04 -27.32 29.21
CA SER E 83 -24.18 -26.51 29.62
C SER E 83 -25.00 -27.20 30.69
N THR E 84 -25.95 -26.46 31.24
CA THR E 84 -26.90 -27.03 32.18
C THR E 84 -28.30 -26.88 31.66
N GLY E 85 -29.20 -27.71 32.16
CA GLY E 85 -30.59 -27.64 31.73
C GLY E 85 -31.37 -28.78 32.35
N ALA E 86 -32.65 -28.88 32.02
CA ALA E 86 -33.43 -29.95 32.61
C ALA E 86 -34.50 -30.46 31.68
N ALA E 87 -34.78 -31.74 31.79
CA ALA E 87 -35.91 -32.35 31.10
C ALA E 87 -36.99 -32.63 32.12
N TYR E 88 -38.23 -32.62 31.67
CA TYR E 88 -39.33 -32.96 32.55
C TYR E 88 -40.23 -33.99 31.90
N MET E 89 -40.78 -34.87 32.73
CA MET E 89 -41.79 -35.79 32.25
C MET E 89 -43.01 -35.74 33.14
N GLU E 90 -44.18 -35.71 32.51
CA GLU E 90 -45.43 -35.73 33.25
C GLU E 90 -46.19 -37.00 32.96
N ILE E 91 -46.65 -37.65 34.03
CA ILE E 91 -47.46 -38.85 33.89
C ILE E 91 -48.85 -38.56 34.44
N ARG E 92 -49.88 -38.85 33.68
CA ARG E 92 -51.25 -38.60 34.14
C ARG E 92 -52.00 -39.91 34.29
N ASN E 93 -53.07 -39.89 35.10
CA ASN E 93 -53.87 -41.08 35.36
C ASN E 93 -53.06 -42.23 35.94
N LEU E 94 -52.31 -41.96 37.02
CA LEU E 94 -51.50 -43.00 37.65
C LEU E 94 -52.31 -44.15 38.21
N LYS E 95 -51.78 -45.36 38.04
CA LYS E 95 -52.38 -46.57 38.56
C LYS E 95 -51.39 -47.30 39.48
N PHE E 96 -51.88 -48.26 40.26
CA PHE E 96 -50.99 -49.02 41.12
C PHE E 96 -49.95 -49.79 40.30
N ASP E 97 -50.31 -50.11 39.06
CA ASP E 97 -49.44 -50.81 38.14
C ASP E 97 -48.23 -49.97 37.73
N ASP E 98 -48.32 -48.66 37.95
CA ASP E 98 -47.26 -47.74 37.56
C ASP E 98 -46.22 -47.53 38.66
N THR E 99 -46.40 -48.19 39.79
CA THR E 99 -45.46 -48.02 40.89
C THR E 99 -44.12 -48.63 40.53
N GLY E 100 -43.05 -47.95 40.92
CA GLY E 100 -41.70 -48.43 40.59
C GLY E 100 -40.69 -47.30 40.49
N THR E 101 -39.51 -47.63 39.98
CA THR E 101 -38.42 -46.66 39.88
C THR E 101 -38.39 -46.05 38.48
N TYR E 102 -38.28 -44.73 38.43
CA TYR E 102 -38.22 -44.03 37.16
C TYR E 102 -36.85 -43.43 36.94
N PHE E 103 -36.29 -43.64 35.75
CA PHE E 103 -34.96 -43.14 35.44
C PHE E 103 -34.93 -42.16 34.28
N CYS E 104 -34.07 -41.17 34.43
CA CYS E 104 -33.71 -40.24 33.36
C CYS E 104 -32.34 -40.65 32.80
N ALA E 105 -32.19 -40.66 31.48
CA ALA E 105 -30.89 -41.06 30.94
C ALA E 105 -30.48 -40.26 29.70
N LYS E 106 -29.17 -40.08 29.56
CA LYS E 106 -28.54 -39.33 28.48
C LYS E 106 -28.25 -40.17 27.24
N GLY E 107 -28.53 -39.60 26.05
CA GLY E 107 -28.25 -40.24 24.77
C GLY E 107 -26.75 -40.47 24.54
N LEU E 108 -26.43 -41.53 23.82
CA LEU E 108 -25.08 -42.02 23.59
C LEU E 108 -24.21 -41.18 22.64
N LEU E 109 -24.70 -40.91 21.44
CA LEU E 109 -23.91 -40.23 20.39
C LEU E 109 -24.66 -39.08 19.75
N ARG E 110 -23.90 -38.16 19.18
CA ARG E 110 -24.50 -37.10 18.37
C ARG E 110 -24.84 -37.58 16.95
N ASP E 111 -24.25 -38.69 16.53
CA ASP E 111 -24.48 -39.22 15.19
C ASP E 111 -24.29 -40.74 15.15
N GLY E 112 -24.54 -41.33 14.00
CA GLY E 112 -24.43 -42.79 13.86
C GLY E 112 -25.75 -43.48 14.17
N SER E 113 -25.74 -44.81 14.14
CA SER E 113 -26.95 -45.64 14.27
C SER E 113 -27.58 -45.70 15.65
N SER E 114 -26.81 -45.35 16.68
CA SER E 114 -27.21 -45.61 18.06
C SER E 114 -27.27 -44.36 18.94
N THR E 115 -27.64 -43.23 18.35
CA THR E 115 -27.53 -41.96 19.06
C THR E 115 -28.34 -41.82 20.32
N TRP E 116 -29.49 -42.47 20.39
CA TRP E 116 -30.38 -42.26 21.52
C TRP E 116 -30.14 -43.21 22.69
N LEU E 117 -29.20 -44.15 22.58
CA LEU E 117 -29.05 -45.09 23.68
C LEU E 117 -28.67 -44.38 24.99
N PRO E 118 -29.23 -44.82 26.12
CA PRO E 118 -29.11 -44.22 27.45
C PRO E 118 -27.76 -44.48 28.11
N TYR E 119 -26.72 -43.83 27.62
CA TYR E 119 -25.38 -44.08 28.13
C TYR E 119 -25.22 -43.72 29.60
N LEU E 120 -25.68 -42.54 30.01
CA LEU E 120 -25.59 -42.17 31.42
C LEU E 120 -26.95 -42.21 32.05
N TRP E 121 -27.01 -42.70 33.27
CA TRP E 121 -28.25 -42.80 33.99
C TRP E 121 -28.20 -42.00 35.27
N GLY E 122 -29.33 -41.43 35.65
CA GLY E 122 -29.43 -40.78 36.95
C GLY E 122 -29.62 -41.86 38.00
N GLN E 123 -29.60 -41.48 39.27
CA GLN E 123 -29.75 -42.46 40.33
C GLN E 123 -31.14 -43.10 40.30
N GLY E 124 -32.11 -42.33 39.83
CA GLY E 124 -33.50 -42.78 39.74
C GLY E 124 -34.21 -42.53 41.05
N THR E 125 -35.52 -42.37 41.00
CA THR E 125 -36.29 -42.22 42.23
C THR E 125 -37.58 -43.04 42.22
N LEU E 126 -38.08 -43.34 43.40
CA LEU E 126 -39.27 -44.15 43.57
C LEU E 126 -40.57 -43.37 43.44
N LEU E 127 -41.51 -43.91 42.67
CA LEU E 127 -42.87 -43.41 42.64
C LEU E 127 -43.79 -44.41 43.33
N THR E 128 -44.59 -43.94 44.28
CA THR E 128 -45.49 -44.82 44.99
C THR E 128 -46.94 -44.35 44.86
N VAL E 129 -47.85 -45.30 44.68
CA VAL E 129 -49.27 -45.01 44.57
C VAL E 129 -50.05 -45.77 45.65
N SER E 130 -50.88 -45.04 46.39
CA SER E 130 -51.70 -45.65 47.43
C SER E 130 -52.98 -44.85 47.66
N SER E 131 -54.05 -45.53 48.04
CA SER E 131 -55.32 -44.88 48.31
C SER E 131 -55.51 -44.61 49.80
N SER F 2 -42.22 -59.59 27.53
CA SER F 2 -41.38 -59.15 26.42
C SER F 2 -41.19 -60.24 25.40
N VAL F 3 -41.06 -59.84 24.14
CA VAL F 3 -40.80 -60.76 23.04
C VAL F 3 -39.42 -61.42 23.16
N LEU F 4 -38.50 -60.75 23.85
CA LEU F 4 -37.16 -61.32 24.05
C LEU F 4 -37.13 -62.12 25.34
N THR F 5 -36.42 -63.25 25.32
CA THR F 5 -36.25 -64.03 26.53
C THR F 5 -34.79 -64.39 26.76
N GLN F 6 -34.45 -64.61 28.02
CA GLN F 6 -33.10 -65.00 28.40
C GLN F 6 -33.14 -66.13 29.43
N SER F 7 -32.05 -66.88 29.54
CA SER F 7 -31.95 -67.90 30.59
C SER F 7 -32.04 -67.21 31.94
N ALA F 8 -32.69 -67.87 32.91
CA ALA F 8 -32.87 -67.26 34.23
C ALA F 8 -31.54 -66.96 34.91
N SER F 9 -30.55 -67.82 34.69
CA SER F 9 -29.25 -67.63 35.33
C SER F 9 -28.11 -68.28 34.56
N VAL F 10 -26.91 -67.78 34.79
CA VAL F 10 -25.67 -68.34 34.28
C VAL F 10 -24.66 -68.37 35.42
N SER F 11 -23.78 -69.36 35.44
CA SER F 11 -22.82 -69.43 36.53
C SER F 11 -21.49 -70.02 36.10
N GLY F 12 -20.47 -69.75 36.90
CA GLY F 12 -19.14 -70.32 36.71
C GLY F 12 -18.23 -69.89 37.85
N SER F 13 -17.04 -70.49 37.90
CA SER F 13 -16.08 -70.22 38.96
C SER F 13 -15.38 -68.88 38.75
N LEU F 14 -14.79 -68.37 39.82
CA LEU F 14 -14.04 -67.12 39.70
C LEU F 14 -12.92 -67.29 38.68
N GLY F 15 -12.84 -66.36 37.74
CA GLY F 15 -11.83 -66.38 36.68
C GLY F 15 -12.31 -67.14 35.44
N GLN F 16 -13.45 -67.82 35.54
CA GLN F 16 -14.03 -68.58 34.45
C GLN F 16 -14.83 -67.67 33.54
N SER F 17 -14.79 -67.92 32.23
CA SER F 17 -15.66 -67.17 31.33
C SER F 17 -17.09 -67.68 31.40
N VAL F 18 -18.06 -66.79 31.22
CA VAL F 18 -19.47 -67.17 31.12
C VAL F 18 -20.13 -66.49 29.94
N THR F 19 -21.19 -67.10 29.40
CA THR F 19 -21.91 -66.50 28.28
C THR F 19 -23.43 -66.41 28.52
N ILE F 20 -24.01 -65.28 28.13
CA ILE F 20 -25.46 -65.05 28.22
C ILE F 20 -26.08 -64.88 26.85
N SER F 21 -27.06 -65.71 26.53
CA SER F 21 -27.77 -65.63 25.26
C SER F 21 -28.94 -64.64 25.27
N CYS F 22 -29.31 -64.16 24.09
CA CYS F 22 -30.53 -63.37 23.91
C CYS F 22 -31.34 -63.91 22.75
N THR F 23 -32.57 -64.35 23.03
CA THR F 23 -33.39 -65.01 22.01
C THR F 23 -34.76 -64.38 21.88
N GLY F 24 -35.47 -64.72 20.81
CA GLY F 24 -36.82 -64.25 20.56
C GLY F 24 -37.34 -64.84 19.26
N PRO F 25 -38.53 -64.43 18.81
CA PRO F 25 -39.16 -64.81 17.57
C PRO F 25 -38.26 -64.45 16.40
N ASN F 26 -38.35 -65.22 15.31
CA ASN F 26 -37.48 -64.99 14.15
C ASN F 26 -37.74 -63.64 13.47
N SER F 27 -38.94 -63.11 13.68
CA SER F 27 -39.30 -61.78 13.18
C SER F 27 -38.76 -60.66 14.06
N VAL F 28 -38.28 -61.02 15.25
CA VAL F 28 -37.80 -60.04 16.23
C VAL F 28 -36.28 -60.09 16.41
N CYS F 29 -35.75 -61.29 16.64
CA CYS F 29 -34.33 -61.44 16.92
C CYS F 29 -33.61 -62.28 15.87
N CYS F 30 -32.37 -61.93 15.49
CA CYS F 30 -31.66 -60.66 15.72
C CYS F 30 -31.30 -59.97 14.40
N SER F 31 -31.81 -60.51 13.29
CA SER F 31 -31.58 -59.89 12.00
C SER F 31 -32.31 -58.55 11.91
N HIS F 32 -31.65 -57.59 11.26
CA HIS F 32 -32.18 -56.23 11.04
C HIS F 32 -32.35 -55.41 12.33
N LYS F 33 -31.78 -55.88 13.44
CA LYS F 33 -31.82 -55.09 14.67
C LYS F 33 -30.46 -55.08 15.36
N SER F 34 -30.14 -53.97 15.99
CA SER F 34 -28.92 -53.87 16.77
C SER F 34 -29.17 -54.39 18.19
N ILE F 35 -28.16 -55.01 18.79
CA ILE F 35 -28.29 -55.52 20.15
C ILE F 35 -27.34 -54.84 21.12
N SER F 36 -27.86 -54.44 22.28
CA SER F 36 -27.04 -53.83 23.32
C SER F 36 -27.16 -54.58 24.63
N TRP F 37 -26.10 -54.54 25.43
CA TRP F 37 -26.13 -55.24 26.71
C TRP F 37 -25.90 -54.30 27.88
N TYR F 38 -26.65 -54.55 28.97
CA TYR F 38 -26.63 -53.72 30.17
C TYR F 38 -26.32 -54.49 31.45
N GLN F 39 -25.63 -53.84 32.38
CA GLN F 39 -25.62 -54.27 33.78
C GLN F 39 -26.73 -53.54 34.51
N TRP F 40 -27.51 -54.25 35.30
CA TRP F 40 -28.60 -53.60 36.04
C TRP F 40 -28.74 -54.12 37.48
N PRO F 41 -27.87 -53.74 38.42
CA PRO F 41 -27.99 -54.08 39.82
C PRO F 41 -29.25 -53.41 40.39
N PRO F 42 -29.98 -54.06 41.30
CA PRO F 42 -31.05 -53.47 42.06
C PRO F 42 -30.53 -52.32 42.91
N GLY F 43 -31.29 -51.23 42.96
CA GLY F 43 -30.96 -50.11 43.82
C GLY F 43 -29.89 -49.18 43.25
N ARG F 44 -29.40 -49.47 42.05
CA ARG F 44 -28.31 -48.69 41.46
C ARG F 44 -28.58 -48.32 40.02
N ALA F 45 -27.91 -47.26 39.54
CA ALA F 45 -28.00 -46.89 38.15
C ALA F 45 -27.41 -48.01 37.28
N PRO F 46 -28.07 -48.39 36.17
CA PRO F 46 -27.60 -49.27 35.11
C PRO F 46 -26.37 -48.73 34.36
N THR F 47 -25.57 -49.65 33.83
CA THR F 47 -24.41 -49.30 32.99
C THR F 47 -24.43 -50.07 31.68
N LEU F 48 -24.13 -49.40 30.57
CA LEU F 48 -24.09 -50.06 29.26
C LEU F 48 -22.76 -50.76 29.05
N ILE F 49 -22.80 -51.95 28.46
CA ILE F 49 -21.60 -52.71 28.20
C ILE F 49 -21.26 -52.79 26.71
N ILE F 50 -22.24 -53.17 25.88
CA ILE F 50 -22.00 -53.38 24.45
C ILE F 50 -22.97 -52.62 23.53
N TYR F 51 -22.45 -52.07 22.42
CA TYR F 51 -23.26 -51.42 21.39
C TYR F 51 -23.24 -52.26 20.10
N GLU F 52 -24.37 -52.33 19.39
CA GLU F 52 -24.49 -53.06 18.13
C GLU F 52 -23.94 -54.49 18.19
N ASP F 53 -23.96 -55.06 19.39
CA ASP F 53 -23.47 -56.39 19.71
C ASP F 53 -21.99 -56.62 19.34
N ASN F 54 -21.25 -55.54 19.07
CA ASN F 54 -19.86 -55.68 18.65
C ASN F 54 -18.87 -54.72 19.31
N GLU F 55 -19.35 -53.63 19.91
CA GLU F 55 -18.42 -52.62 20.41
C GLU F 55 -18.56 -52.40 21.90
N ARG F 56 -17.43 -52.21 22.59
CA ARG F 56 -17.45 -51.95 24.01
C ARG F 56 -17.84 -50.52 24.31
N ALA F 57 -18.63 -50.33 25.35
CA ALA F 57 -18.93 -49.00 25.84
C ALA F 57 -17.67 -48.40 26.47
N PRO F 58 -17.46 -47.07 26.40
CA PRO F 58 -16.39 -46.38 27.07
C PRO F 58 -16.46 -46.64 28.57
N GLY F 59 -15.28 -46.80 29.18
CA GLY F 59 -15.17 -47.05 30.61
C GLY F 59 -15.29 -48.53 30.97
N ILE F 60 -15.51 -49.38 29.96
CA ILE F 60 -15.67 -50.81 30.19
C ILE F 60 -14.39 -51.61 29.97
N SER F 61 -14.07 -52.44 30.96
CA SER F 61 -12.89 -53.28 30.94
C SER F 61 -12.92 -54.27 29.77
N PRO F 62 -11.76 -54.62 29.19
CA PRO F 62 -11.57 -55.45 28.01
C PRO F 62 -12.13 -56.87 28.17
N ARG F 63 -12.33 -57.30 29.42
CA ARG F 63 -12.86 -58.63 29.68
C ARG F 63 -14.27 -58.81 29.12
N PHE F 64 -15.00 -57.71 28.90
CA PHE F 64 -16.33 -57.80 28.33
C PHE F 64 -16.28 -57.85 26.80
N SER F 65 -16.99 -58.81 26.23
CA SER F 65 -17.02 -58.98 24.77
C SER F 65 -18.28 -59.71 24.37
N GLY F 66 -18.54 -59.83 23.06
CA GLY F 66 -19.72 -60.55 22.61
C GLY F 66 -19.67 -60.85 21.13
N TYR F 67 -20.68 -61.57 20.65
CA TYR F 67 -20.76 -61.97 19.25
C TYR F 67 -22.22 -62.17 18.83
N LYS F 68 -22.47 -62.16 17.53
CA LYS F 68 -23.83 -62.18 17.02
C LYS F 68 -24.11 -63.33 16.06
N SER F 69 -25.33 -63.85 16.14
CA SER F 69 -25.86 -64.80 15.16
C SER F 69 -27.33 -64.46 14.94
N TYR F 70 -27.89 -64.90 13.82
CA TYR F 70 -29.30 -64.61 13.56
C TYR F 70 -30.20 -65.18 14.66
N TRP F 71 -29.93 -66.43 15.03
CA TRP F 71 -30.76 -67.09 16.04
C TRP F 71 -30.64 -66.40 17.40
N SER F 72 -29.44 -65.96 17.77
CA SER F 72 -29.29 -65.32 19.07
C SER F 72 -28.07 -64.40 19.15
N ALA F 73 -28.20 -63.34 19.93
CA ALA F 73 -27.07 -62.49 20.29
C ALA F 73 -26.43 -63.02 21.57
N TYR F 74 -25.11 -62.86 21.71
CA TYR F 74 -24.45 -63.34 22.92
C TYR F 74 -23.54 -62.32 23.59
N LEU F 75 -23.58 -62.31 24.92
CA LEU F 75 -22.63 -61.58 25.75
C LEU F 75 -21.69 -62.54 26.45
N THR F 76 -20.39 -62.28 26.36
CA THR F 76 -19.42 -63.10 27.06
C THR F 76 -18.59 -62.28 28.03
N ILE F 77 -18.43 -62.80 29.24
CA ILE F 77 -17.62 -62.13 30.24
C ILE F 77 -16.42 -62.99 30.56
N SER F 78 -15.23 -62.52 30.21
CA SER F 78 -14.00 -63.24 30.52
C SER F 78 -13.58 -62.95 31.94
N ASP F 79 -12.80 -63.85 32.55
CA ASP F 79 -12.23 -63.56 33.87
C ASP F 79 -13.31 -63.12 34.85
N LEU F 80 -14.38 -63.89 35.00
CA LEU F 80 -15.50 -63.45 35.81
C LEU F 80 -15.08 -63.18 37.26
N ARG F 81 -15.55 -62.06 37.78
CA ARG F 81 -15.22 -61.63 39.15
C ARG F 81 -16.51 -61.38 39.94
N PRO F 82 -16.47 -61.43 41.28
CA PRO F 82 -17.57 -61.08 42.17
C PRO F 82 -18.13 -59.70 41.88
N GLU F 83 -17.29 -58.81 41.35
CA GLU F 83 -17.72 -57.46 40.99
C GLU F 83 -18.76 -57.48 39.87
N ASP F 84 -18.74 -58.53 39.06
CA ASP F 84 -19.64 -58.66 37.93
C ASP F 84 -20.89 -59.46 38.30
N GLU F 85 -21.02 -59.85 39.57
CA GLU F 85 -22.11 -60.72 39.97
C GLU F 85 -23.40 -59.92 40.11
N THR F 86 -24.02 -59.63 38.97
CA THR F 86 -25.24 -58.85 38.90
C THR F 86 -26.21 -59.36 37.83
N THR F 87 -27.36 -58.71 37.75
CA THR F 87 -28.34 -59.02 36.70
C THR F 87 -27.98 -58.29 35.42
N TYR F 88 -28.05 -59.00 34.29
CA TYR F 88 -27.78 -58.41 32.98
C TYR F 88 -29.03 -58.42 32.12
N TYR F 89 -29.16 -57.42 31.25
CA TYR F 89 -30.29 -57.39 30.32
C TYR F 89 -29.89 -57.24 28.86
N CYS F 90 -30.59 -57.98 28.00
CA CYS F 90 -30.52 -57.83 26.56
C CYS F 90 -31.42 -56.72 26.07
N CYS F 91 -30.92 -55.93 25.14
CA CYS F 91 -31.70 -54.87 24.50
C CYS F 91 -31.68 -55.00 22.99
N SER F 92 -32.85 -54.96 22.36
CA SER F 92 -32.90 -54.96 20.90
C SER F 92 -33.46 -53.63 20.41
N TYR F 93 -32.78 -53.03 19.44
CA TYR F 93 -33.17 -51.70 18.99
C TYR F 93 -32.82 -51.41 17.55
N THR F 94 -33.44 -50.37 17.00
CA THR F 94 -33.09 -49.87 15.68
C THR F 94 -32.94 -48.37 15.78
N HIS F 95 -32.32 -47.75 14.78
CA HIS F 95 -32.18 -46.30 14.82
C HIS F 95 -33.54 -45.59 14.79
N ASN F 96 -34.56 -46.28 14.30
CA ASN F 96 -35.92 -45.76 14.22
C ASN F 96 -36.84 -46.18 15.37
N SER F 97 -36.35 -46.94 16.35
CA SER F 97 -37.27 -47.42 17.39
C SER F 97 -36.61 -47.62 18.75
N GLY F 98 -37.41 -47.50 19.81
CA GLY F 98 -36.92 -47.65 21.17
C GLY F 98 -36.53 -49.09 21.48
N CYS F 99 -35.62 -49.22 22.44
CA CYS F 99 -35.13 -50.51 22.89
C CYS F 99 -36.17 -51.37 23.57
N VAL F 100 -36.19 -52.65 23.21
CA VAL F 100 -37.01 -53.62 23.89
C VAL F 100 -36.15 -54.49 24.80
N PHE F 101 -36.45 -54.47 26.10
CA PHE F 101 -35.67 -55.23 27.05
C PHE F 101 -36.15 -56.67 27.20
N GLY F 102 -35.22 -57.58 27.43
CA GLY F 102 -35.53 -58.98 27.69
C GLY F 102 -35.84 -59.24 29.17
N THR F 103 -35.97 -60.52 29.52
CA THR F 103 -36.32 -60.92 30.87
C THR F 103 -35.15 -60.80 31.85
N GLY F 104 -33.95 -60.75 31.30
CA GLY F 104 -32.73 -60.61 32.08
C GLY F 104 -32.16 -61.96 32.53
N THR F 105 -30.89 -61.95 32.92
CA THR F 105 -30.20 -63.14 33.43
C THR F 105 -29.40 -62.81 34.68
N LYS F 106 -29.44 -63.68 35.68
CA LYS F 106 -28.61 -63.48 36.86
C LYS F 106 -27.25 -64.18 36.74
N VAL F 107 -26.18 -63.44 36.99
CA VAL F 107 -24.84 -64.02 37.03
C VAL F 107 -24.46 -64.45 38.43
N SER F 108 -23.96 -65.67 38.57
CA SER F 108 -23.48 -66.15 39.86
C SER F 108 -22.01 -66.55 39.79
N VAL F 109 -21.24 -66.17 40.81
CA VAL F 109 -19.82 -66.52 40.86
C VAL F 109 -19.58 -67.60 41.90
N LEU F 110 -19.02 -68.72 41.45
CA LEU F 110 -18.81 -69.87 42.31
C LEU F 110 -17.41 -69.82 42.94
N GLY F 111 -17.32 -70.28 44.19
CA GLY F 111 -16.04 -70.33 44.89
C GLY F 111 -15.95 -69.21 45.94
N GLU G 1 25.75 -47.17 -18.32
CA GLU G 1 24.35 -47.52 -18.20
C GLU G 1 23.45 -46.40 -18.73
N ASN G 2 22.16 -46.70 -18.85
CA ASN G 2 21.21 -45.69 -19.29
C ASN G 2 20.68 -44.91 -18.09
N LEU G 3 21.18 -43.71 -17.93
CA LEU G 3 20.83 -42.88 -16.78
C LEU G 3 19.87 -41.78 -17.18
N TRP G 4 19.00 -41.40 -16.26
CA TRP G 4 17.97 -40.42 -16.54
C TRP G 4 18.01 -39.28 -15.53
N VAL G 5 17.57 -38.11 -15.95
CA VAL G 5 17.53 -36.96 -15.06
C VAL G 5 16.42 -37.11 -14.03
N THR G 6 16.76 -36.94 -12.76
CA THR G 6 15.77 -36.99 -11.71
C THR G 6 15.78 -35.68 -10.94
N VAL G 7 14.60 -35.12 -10.73
CA VAL G 7 14.43 -33.85 -10.06
C VAL G 7 14.26 -34.01 -8.57
N TYR G 8 15.03 -33.26 -7.80
CA TYR G 8 14.91 -33.29 -6.35
C TYR G 8 14.51 -31.92 -5.82
N TYR G 9 13.64 -31.92 -4.81
CA TYR G 9 13.18 -30.69 -4.17
C TYR G 9 13.46 -30.74 -2.68
N GLY G 10 13.93 -29.63 -2.12
CA GLY G 10 14.33 -29.61 -0.72
C GLY G 10 15.82 -29.91 -0.57
N VAL G 11 16.54 -29.80 -1.68
CA VAL G 11 17.97 -30.05 -1.70
C VAL G 11 18.71 -28.97 -0.89
N PRO G 12 19.59 -29.35 0.07
CA PRO G 12 20.29 -28.47 0.99
C PRO G 12 21.47 -27.72 0.38
N VAL G 13 21.18 -26.85 -0.58
CA VAL G 13 22.21 -26.04 -1.23
C VAL G 13 21.86 -24.57 -1.22
N TRP G 14 22.89 -23.75 -1.43
CA TRP G 14 22.71 -22.31 -1.44
C TRP G 14 23.64 -21.59 -2.40
N ARG G 15 23.29 -20.34 -2.68
CA ARG G 15 24.10 -19.46 -3.53
C ARG G 15 24.27 -18.12 -2.84
N ASP G 16 25.45 -17.52 -2.96
CA ASP G 16 25.67 -16.23 -2.32
C ASP G 16 24.68 -15.19 -2.84
N ALA G 17 24.08 -14.41 -1.93
CA ALA G 17 23.10 -13.41 -2.38
C ALA G 17 22.96 -12.26 -1.40
N ASP G 18 22.63 -11.10 -1.94
CA ASP G 18 22.31 -9.91 -1.15
C ASP G 18 20.80 -9.69 -1.07
N THR G 19 20.22 -9.87 0.11
CA THR G 19 18.78 -9.68 0.25
C THR G 19 18.48 -8.78 1.44
N THR G 20 17.27 -8.24 1.46
CA THR G 20 16.89 -7.29 2.50
C THR G 20 16.91 -7.93 3.89
N LEU G 21 17.61 -7.28 4.81
CA LEU G 21 17.65 -7.72 6.20
C LEU G 21 16.85 -6.79 7.08
N PHE G 22 16.32 -7.33 8.18
CA PHE G 22 15.52 -6.53 9.10
C PHE G 22 16.09 -6.49 10.49
N CYS G 23 15.98 -5.34 11.13
CA CYS G 23 16.38 -5.20 12.52
C CYS G 23 15.41 -5.95 13.43
N ALA G 24 15.94 -6.52 14.50
CA ALA G 24 15.11 -7.17 15.49
C ALA G 24 15.65 -6.90 16.88
N SER G 25 14.78 -6.92 17.89
CA SER G 25 15.21 -6.62 19.25
C SER G 25 14.56 -7.50 20.30
N ASP G 26 15.26 -7.72 21.39
CA ASP G 26 14.73 -8.48 22.52
C ASP G 26 13.55 -7.76 23.15
N ALA G 27 12.55 -8.54 23.57
CA ALA G 27 11.38 -7.96 24.23
C ALA G 27 11.77 -7.39 25.59
N LYS G 34 11.90 3.23 27.80
CA LYS G 34 11.30 4.54 27.52
C LYS G 34 11.43 4.89 26.04
N HIS G 35 12.38 5.77 25.73
CA HIS G 35 12.60 6.20 24.36
C HIS G 35 14.08 6.16 24.02
N ASN G 36 14.38 5.84 22.78
CA ASN G 36 15.76 5.74 22.32
C ASN G 36 15.89 6.13 20.86
N VAL G 37 17.05 6.67 20.49
CA VAL G 37 17.28 7.09 19.11
C VAL G 37 17.23 5.94 18.12
N TRP G 38 17.41 4.71 18.61
CA TRP G 38 17.37 3.56 17.72
C TRP G 38 15.96 3.04 17.53
N ALA G 39 14.99 3.64 18.21
CA ALA G 39 13.58 3.36 17.98
C ALA G 39 13.33 1.87 17.84
N THR G 40 13.77 1.09 18.82
CA THR G 40 13.75 -0.35 18.69
C THR G 40 12.34 -0.94 18.66
N HIS G 41 11.34 -0.14 19.05
CA HIS G 41 9.96 -0.58 18.94
C HIS G 41 9.55 -0.75 17.47
N ALA G 42 10.29 -0.10 16.57
CA ALA G 42 10.08 -0.22 15.13
C ALA G 42 10.49 -1.59 14.62
N CYS G 43 11.36 -2.26 15.38
CA CYS G 43 11.95 -3.52 14.99
C CYS G 43 11.10 -4.71 15.38
N VAL G 44 11.30 -5.83 14.70
CA VAL G 44 10.57 -7.05 14.96
C VAL G 44 11.10 -7.72 16.24
N PRO G 45 10.27 -8.13 17.18
CA PRO G 45 10.66 -8.87 18.37
C PRO G 45 11.41 -10.14 18.01
N THR G 46 12.46 -10.46 18.77
CA THR G 46 13.24 -11.67 18.52
C THR G 46 12.58 -12.91 19.09
N ASP G 47 13.00 -14.07 18.60
CA ASP G 47 12.59 -15.35 19.16
C ASP G 47 13.14 -15.45 20.58
N PRO G 48 12.32 -15.84 21.58
CA PRO G 48 12.72 -16.06 22.96
C PRO G 48 13.89 -17.04 23.10
N ASN G 49 14.04 -17.95 22.15
CA ASN G 49 15.13 -18.93 22.19
C ASN G 49 15.64 -19.26 20.78
N PRO G 50 16.52 -18.42 20.20
CA PRO G 50 17.05 -18.54 18.86
C PRO G 50 17.78 -19.88 18.69
N GLN G 51 17.67 -20.46 17.51
CA GLN G 51 18.31 -21.74 17.24
C GLN G 51 19.46 -21.62 16.26
N GLU G 52 20.42 -22.52 16.40
CA GLU G 52 21.54 -22.62 15.47
C GLU G 52 21.67 -24.05 14.98
N ILE G 53 22.08 -24.22 13.73
CA ILE G 53 22.36 -25.54 13.21
C ILE G 53 23.81 -25.67 12.82
N HIS G 54 24.56 -26.54 13.49
CA HIS G 54 25.94 -26.75 13.08
C HIS G 54 25.96 -27.46 11.75
N LEU G 55 26.82 -27.04 10.84
CA LEU G 55 26.87 -27.72 9.56
C LEU G 55 28.11 -28.60 9.48
N ASP G 56 27.93 -29.88 9.68
CA ASP G 56 29.04 -30.80 9.60
C ASP G 56 29.57 -30.85 8.19
N ASN G 57 30.89 -30.92 8.05
CA ASN G 57 31.55 -31.06 6.75
C ASN G 57 31.26 -29.93 5.78
N VAL G 58 31.08 -28.72 6.28
CA VAL G 58 30.89 -27.60 5.37
C VAL G 58 31.99 -26.56 5.55
N THR G 59 32.63 -26.21 4.45
CA THR G 59 33.66 -25.17 4.47
C THR G 59 33.27 -24.09 3.48
N GLU G 60 33.21 -22.86 3.95
CA GLU G 60 32.76 -21.75 3.12
C GLU G 60 33.76 -20.62 3.03
N LYS G 61 33.78 -19.96 1.88
CA LYS G 61 34.62 -18.80 1.69
C LYS G 61 33.94 -17.52 2.17
N PHE G 62 34.66 -16.76 3.00
CA PHE G 62 34.18 -15.49 3.51
C PHE G 62 35.03 -14.35 3.01
N ASN G 63 34.43 -13.18 2.89
CA ASN G 63 35.16 -11.96 2.57
C ASN G 63 34.43 -10.78 3.17
N MET G 64 34.79 -10.38 4.38
CA MET G 64 34.02 -9.35 5.08
C MET G 64 34.07 -8.01 4.38
N TRP G 65 35.12 -7.77 3.62
CA TRP G 65 35.30 -6.50 2.91
C TRP G 65 34.31 -6.33 1.76
N LYS G 66 33.77 -7.45 1.28
CA LYS G 66 32.80 -7.46 0.20
C LYS G 66 31.40 -7.74 0.73
N ASN G 67 31.25 -7.78 2.04
CA ASN G 67 30.00 -8.17 2.68
C ASN G 67 28.97 -7.04 2.64
N ASN G 68 27.87 -7.27 1.92
CA ASN G 68 26.84 -6.26 1.73
C ASN G 68 25.94 -6.09 2.94
N MET G 69 26.12 -6.93 3.95
CA MET G 69 25.37 -6.77 5.19
C MET G 69 25.77 -5.44 5.82
N VAL G 70 27.01 -5.04 5.56
CA VAL G 70 27.55 -3.81 6.11
C VAL G 70 26.80 -2.61 5.56
N GLU G 71 26.52 -2.64 4.27
CA GLU G 71 25.84 -1.53 3.64
C GLU G 71 24.42 -1.38 4.16
N GLN G 72 23.76 -2.52 4.38
CA GLN G 72 22.40 -2.45 4.88
C GLN G 72 22.37 -2.02 6.33
N MET G 73 23.36 -2.46 7.11
CA MET G 73 23.42 -2.05 8.50
C MET G 73 23.66 -0.55 8.59
N HIS G 74 24.50 -0.04 7.70
CA HIS G 74 24.81 1.37 7.71
C HIS G 74 23.58 2.20 7.37
N GLU G 75 22.86 1.80 6.32
CA GLU G 75 21.66 2.54 5.94
C GLU G 75 20.56 2.48 6.99
N ASP G 76 20.39 1.33 7.65
CA ASP G 76 19.36 1.23 8.68
C ASP G 76 19.69 2.08 9.89
N ILE G 77 20.97 2.14 10.23
CA ILE G 77 21.38 2.97 11.36
C ILE G 77 21.16 4.45 11.07
N ILE G 78 21.47 4.88 9.86
CA ILE G 78 21.21 6.26 9.49
C ILE G 78 19.70 6.53 9.44
N SER G 79 18.94 5.58 8.89
CA SER G 79 17.51 5.79 8.78
C SER G 79 16.86 5.89 10.14
N LEU G 80 17.30 5.08 11.10
CA LEU G 80 16.78 5.18 12.45
C LEU G 80 17.14 6.50 13.08
N TRP G 81 18.36 6.97 12.82
CA TRP G 81 18.80 8.23 13.38
C TRP G 81 17.91 9.36 12.90
N ASP G 82 17.60 9.37 11.61
CA ASP G 82 16.75 10.43 11.07
C ASP G 82 15.34 10.37 11.63
N GLN G 83 14.82 9.16 11.81
CA GLN G 83 13.46 9.02 12.33
C GLN G 83 13.35 9.57 13.74
N SER G 84 14.43 9.46 14.50
CA SER G 84 14.42 9.96 15.87
C SER G 84 14.41 11.48 15.95
N LEU G 85 14.80 12.15 14.86
CA LEU G 85 14.90 13.60 14.86
C LEU G 85 13.71 14.30 14.21
N LYS G 86 12.93 13.58 13.41
CA LYS G 86 11.83 14.24 12.71
C LYS G 86 10.76 14.90 13.61
N PRO G 87 10.39 14.32 14.77
CA PRO G 87 9.50 14.91 15.77
C PRO G 87 10.10 16.12 16.50
N CYS G 88 11.41 16.29 16.42
CA CYS G 88 12.11 17.23 17.29
C CYS G 88 12.20 18.63 16.69
N VAL G 89 12.58 19.58 17.55
CA VAL G 89 12.62 21.01 17.24
C VAL G 89 13.64 21.38 16.17
N LYS G 90 13.20 22.14 15.16
CA LYS G 90 14.02 22.53 14.02
C LYS G 90 15.08 23.60 14.30
N LEU G 91 14.91 24.36 15.37
CA LEU G 91 15.87 25.40 15.77
C LEU G 91 16.23 26.40 14.68
N THR G 92 15.31 26.69 13.78
CA THR G 92 15.62 27.66 12.73
C THR G 92 15.97 29.05 13.29
N PRO G 93 15.29 29.55 14.35
CA PRO G 93 15.55 30.83 15.00
C PRO G 93 16.97 30.97 15.58
N LEU G 94 17.71 29.88 15.77
CA LEU G 94 19.06 30.02 16.30
C LEU G 94 20.06 30.60 15.33
N CYS G 95 19.76 30.56 14.05
CA CYS G 95 20.78 31.00 13.10
C CYS G 95 20.73 32.51 12.95
N VAL G 96 21.27 33.18 13.96
CA VAL G 96 21.27 34.64 14.11
C VAL G 96 22.65 35.13 14.48
N THR G 97 22.87 36.43 14.35
CA THR G 97 24.15 36.99 14.77
C THR G 97 24.31 36.83 16.27
N LEU G 98 25.44 36.29 16.69
CA LEU G 98 25.73 36.14 18.10
C LEU G 98 26.75 37.18 18.51
N HIS G 99 26.57 37.80 19.67
CA HIS G 99 27.58 38.71 20.19
C HIS G 99 28.27 38.02 21.36
N CYS G 100 29.57 37.80 21.27
CA CYS G 100 30.19 36.94 22.27
C CYS G 100 31.45 37.53 22.88
N THR G 101 31.67 37.20 24.15
CA THR G 101 32.86 37.57 24.90
C THR G 101 33.44 36.35 25.61
N ASN G 102 34.65 36.48 26.14
CA ASN G 102 35.27 35.39 26.89
C ASN G 102 34.51 35.11 28.18
N VAL G 103 34.45 33.85 28.57
CA VAL G 103 33.76 33.47 29.80
C VAL G 103 34.63 33.78 31.02
N THR G 104 34.07 34.48 31.99
CA THR G 104 34.79 34.82 33.21
C THR G 104 33.90 34.60 34.44
N ARG G 112 42.54 28.62 28.44
CA ARG G 112 41.21 28.09 28.19
C ARG G 112 40.69 28.46 26.80
N GLU G 113 39.74 29.39 26.77
CA GLU G 113 39.08 29.86 25.55
C GLU G 113 38.38 28.75 24.78
N GLY G 114 37.97 27.69 25.49
CA GLY G 114 37.16 26.63 24.91
C GLY G 114 35.69 27.00 24.91
N LEU G 115 35.35 28.06 25.64
CA LEU G 115 33.99 28.54 25.76
C LEU G 115 33.88 30.03 25.47
N LYS G 116 32.74 30.42 24.91
CA LYS G 116 32.39 31.83 24.80
C LYS G 116 30.98 32.09 25.33
N ASN G 117 30.79 33.26 25.91
CA ASN G 117 29.49 33.69 26.40
C ASN G 117 28.78 34.51 25.35
N CYS G 118 27.77 33.93 24.71
CA CYS G 118 27.11 34.60 23.61
C CYS G 118 25.75 35.18 23.98
N SER G 119 25.44 36.31 23.37
CA SER G 119 24.15 36.94 23.53
C SER G 119 23.45 37.09 22.18
N PHE G 120 22.18 36.74 22.15
CA PHE G 120 21.41 36.89 20.92
C PHE G 120 19.93 37.07 21.19
N ASN G 121 19.23 37.64 20.24
CA ASN G 121 17.80 37.89 20.37
C ASN G 121 16.97 36.83 19.65
N MET G 122 16.21 36.05 20.42
CA MET G 122 15.50 34.90 19.87
C MET G 122 13.97 35.06 19.98
N THR G 123 13.27 34.56 18.98
CA THR G 123 11.81 34.61 18.90
C THR G 123 11.15 33.86 20.06
N THR G 124 10.11 34.47 20.62
CA THR G 124 9.34 33.90 21.73
C THR G 124 8.06 33.20 21.23
N GLU G 125 7.25 32.70 22.17
CA GLU G 125 6.03 31.98 21.82
C GLU G 125 5.10 32.82 20.95
N LEU G 126 5.08 34.13 21.19
CA LEU G 126 4.27 35.02 20.36
C LEU G 126 5.14 35.61 19.27
N ARG G 127 4.60 35.68 18.06
CA ARG G 127 5.34 36.24 16.92
C ARG G 127 5.72 37.70 17.13
N ASP G 128 4.94 38.40 17.95
CA ASP G 128 5.14 39.82 18.19
C ASP G 128 6.23 40.13 19.21
N LYS G 129 6.75 39.11 19.88
CA LYS G 129 7.74 39.37 20.93
C LYS G 129 9.03 38.59 20.70
N ARG G 130 10.13 39.23 21.08
CA ARG G 130 11.47 38.67 20.93
C ARG G 130 12.22 38.91 22.23
N GLN G 131 13.06 37.98 22.64
CA GLN G 131 13.76 38.14 23.92
C GLN G 131 15.25 37.92 23.80
N LYS G 132 16.01 38.57 24.67
CA LYS G 132 17.44 38.35 24.72
C LYS G 132 17.75 37.05 25.43
N VAL G 133 18.65 36.27 24.86
CA VAL G 133 19.08 35.01 25.43
C VAL G 133 20.59 35.00 25.63
N TYR G 134 21.01 34.64 26.83
CA TYR G 134 22.44 34.48 27.09
C TYR G 134 22.75 33.00 27.19
N SER G 135 23.82 32.57 26.54
CA SER G 135 24.16 31.16 26.55
C SER G 135 25.64 30.91 26.37
N LEU G 136 26.13 29.86 27.01
CA LEU G 136 27.50 29.44 26.78
C LEU G 136 27.57 28.49 25.59
N PHE G 137 28.56 28.69 24.74
CA PHE G 137 28.80 27.78 23.63
C PHE G 137 30.24 27.33 23.59
N TYR G 138 30.46 26.12 23.11
CA TYR G 138 31.80 25.63 22.88
C TYR G 138 32.38 26.32 21.66
N ARG G 139 33.67 26.65 21.71
CA ARG G 139 34.31 27.36 20.62
C ARG G 139 34.19 26.61 19.29
N LEU G 140 34.12 25.29 19.35
CA LEU G 140 34.03 24.46 18.15
C LEU G 140 32.74 24.69 17.37
N ASP G 141 31.69 25.12 18.05
CA ASP G 141 30.39 25.35 17.41
C ASP G 141 30.24 26.77 16.88
N ILE G 142 31.25 27.60 17.14
CA ILE G 142 31.20 29.03 16.85
C ILE G 142 32.14 29.48 15.73
N VAL G 143 31.59 30.20 14.76
CA VAL G 143 32.36 30.75 13.65
C VAL G 143 32.26 32.28 13.62
N PRO G 144 33.36 33.02 13.55
CA PRO G 144 33.41 34.46 13.41
C PRO G 144 32.70 34.96 12.16
N ILE G 145 32.04 36.11 12.28
CA ILE G 145 31.47 36.80 11.13
C ILE G 145 32.62 37.35 10.28
N ASN G 146 32.48 37.25 8.96
CA ASN G 146 33.55 37.55 8.01
C ASN G 146 34.08 39.00 8.09
N GLU G 147 33.37 39.87 8.80
CA GLU G 147 33.85 41.23 9.03
C GLU G 147 35.14 41.23 9.86
N ASN G 148 35.36 40.13 10.60
CA ASN G 148 36.54 39.91 11.41
C ASN G 148 36.79 40.96 12.49
N GLN G 149 35.72 41.48 13.09
CA GLN G 149 35.87 42.41 14.19
C GLN G 149 36.11 41.66 15.49
N GLY G 150 35.73 40.38 15.50
CA GLY G 150 35.93 39.49 16.64
C GLY G 150 34.84 39.59 17.69
N SER G 151 33.91 40.53 17.50
CA SER G 151 32.81 40.68 18.46
C SER G 151 31.56 39.92 18.04
N GLU G 152 31.48 39.53 16.76
CA GLU G 152 30.28 38.87 16.24
C GLU G 152 30.59 37.50 15.67
N TYR G 153 29.68 36.55 15.94
CA TYR G 153 29.84 35.16 15.55
C TYR G 153 28.53 34.56 15.05
N ARG G 154 28.62 33.41 14.40
CA ARG G 154 27.46 32.63 13.98
C ARG G 154 27.69 31.16 14.25
N LEU G 155 26.61 30.39 14.31
CA LEU G 155 26.77 28.95 14.47
C LEU G 155 27.34 28.35 13.19
N ILE G 156 28.20 27.36 13.35
CA ILE G 156 28.88 26.72 12.22
C ILE G 156 27.96 26.08 11.19
N ASN G 157 26.75 25.68 11.59
CA ASN G 157 25.83 25.02 10.67
C ASN G 157 25.14 25.98 9.71
N CYS G 158 25.22 27.29 9.95
CA CYS G 158 24.41 28.24 9.20
C CYS G 158 24.69 28.30 7.71
N ASN G 159 25.90 27.94 7.28
CA ASN G 159 26.21 27.96 5.86
C ASN G 159 26.09 26.58 5.23
N THR G 160 25.58 25.62 6.00
CA THR G 160 25.48 24.26 5.51
C THR G 160 24.04 23.74 5.55
N SER G 161 23.41 23.79 6.73
CA SER G 161 22.08 23.20 6.86
C SER G 161 21.31 23.70 8.07
N ALA G 162 20.00 23.49 8.04
CA ALA G 162 19.19 23.65 9.23
C ALA G 162 19.61 22.61 10.24
N ILE G 163 19.58 22.96 11.52
CA ILE G 163 20.05 22.04 12.54
C ILE G 163 18.92 21.59 13.46
N THR G 164 18.79 20.29 13.67
CA THR G 164 17.68 19.79 14.48
C THR G 164 18.14 19.43 15.89
N GLN G 165 17.38 19.88 16.89
CA GLN G 165 17.69 19.54 18.28
C GLN G 165 17.34 18.10 18.55
N ALA G 166 18.21 17.36 19.20
CA ALA G 166 17.81 16.04 19.63
C ALA G 166 16.78 16.18 20.74
N CYS G 167 15.77 15.32 20.75
CA CYS G 167 14.80 15.39 21.82
C CYS G 167 15.44 14.94 23.15
N PRO G 168 15.28 15.73 24.23
CA PRO G 168 15.91 15.53 25.53
C PRO G 168 15.42 14.26 26.23
N LYS G 169 14.26 13.77 25.81
CA LYS G 169 13.65 12.60 26.40
C LYS G 169 14.14 11.31 25.75
N VAL G 170 14.89 11.43 24.67
CA VAL G 170 15.31 10.27 23.90
C VAL G 170 16.76 9.92 24.16
N SER G 171 17.01 8.71 24.66
CA SER G 171 18.34 8.27 25.02
C SER G 171 19.22 7.99 23.81
N PHE G 172 20.52 8.24 23.96
CA PHE G 172 21.50 7.91 22.93
C PHE G 172 22.21 6.60 23.21
N GLU G 173 21.84 5.94 24.31
CA GLU G 173 22.51 4.70 24.70
C GLU G 173 22.23 3.62 23.66
N PRO G 174 23.25 2.88 23.18
CA PRO G 174 23.09 1.81 22.22
C PRO G 174 22.30 0.65 22.79
N ILE G 175 21.48 0.06 21.93
CA ILE G 175 20.73 -1.15 22.23
C ILE G 175 21.13 -2.18 21.18
N PRO G 176 21.50 -3.41 21.55
CA PRO G 176 21.88 -4.44 20.61
C PRO G 176 20.77 -4.65 19.60
N ILE G 177 21.17 -4.74 18.33
CA ILE G 177 20.22 -5.01 17.25
C ILE G 177 20.56 -6.31 16.56
N HIS G 178 19.62 -7.22 16.52
CA HIS G 178 19.80 -8.48 15.81
C HIS G 178 19.39 -8.24 14.36
N TYR G 179 20.10 -8.82 13.40
CA TYR G 179 19.65 -8.69 12.03
C TYR G 179 19.14 -10.01 11.49
N CYS G 180 17.89 -9.99 11.03
CA CYS G 180 17.23 -11.22 10.61
C CYS G 180 17.02 -11.27 9.11
N THR G 181 17.08 -12.49 8.59
CA THR G 181 16.93 -12.76 7.17
C THR G 181 15.54 -13.37 6.85
N PRO G 182 14.87 -12.91 5.79
CA PRO G 182 13.61 -13.43 5.25
C PRO G 182 13.69 -14.90 4.86
N ALA G 183 12.55 -15.58 4.97
CA ALA G 183 12.48 -17.00 4.65
C ALA G 183 12.89 -17.23 3.21
N GLY G 184 13.56 -18.35 2.96
CA GLY G 184 14.10 -18.69 1.65
C GLY G 184 15.56 -18.25 1.54
N PHE G 185 16.03 -17.53 2.56
CA PHE G 185 17.40 -17.08 2.68
C PHE G 185 17.91 -17.44 4.07
N ALA G 186 19.23 -17.54 4.25
CA ALA G 186 19.75 -17.87 5.58
C ALA G 186 21.10 -17.22 5.84
N ILE G 187 21.44 -17.05 7.12
CA ILE G 187 22.73 -16.49 7.48
C ILE G 187 23.68 -17.57 7.92
N LEU G 188 24.85 -17.60 7.31
CA LEU G 188 25.89 -18.54 7.73
C LEU G 188 26.81 -17.82 8.70
N LYS G 189 27.24 -18.53 9.74
CA LYS G 189 28.13 -17.93 10.73
C LYS G 189 29.42 -18.71 10.87
N CYS G 190 30.54 -18.01 10.84
CA CYS G 190 31.84 -18.65 11.03
C CYS G 190 32.17 -18.75 12.51
N LYS G 191 32.46 -19.97 12.95
CA LYS G 191 32.77 -20.25 14.35
C LYS G 191 34.24 -20.58 14.63
N ASP G 192 35.11 -20.41 13.63
CA ASP G 192 36.52 -20.74 13.85
C ASP G 192 37.07 -19.94 15.02
N GLU G 193 37.95 -20.58 15.82
CA GLU G 193 38.48 -19.98 17.05
C GLU G 193 39.21 -18.67 16.77
N GLY G 194 39.83 -18.58 15.61
CA GLY G 194 40.43 -17.35 15.16
C GLY G 194 40.14 -17.19 13.69
N PHE G 195 39.68 -16.02 13.31
CA PHE G 195 39.31 -15.77 11.93
C PHE G 195 39.49 -14.31 11.58
N ASN G 196 40.18 -14.05 10.47
CA ASN G 196 40.49 -12.67 10.10
C ASN G 196 39.47 -12.09 9.14
N GLY G 197 38.34 -12.77 8.98
CA GLY G 197 37.22 -12.26 8.21
C GLY G 197 37.29 -12.62 6.73
N THR G 198 38.39 -13.26 6.32
CA THR G 198 38.52 -13.64 4.92
C THR G 198 38.97 -15.08 4.79
N GLY G 199 38.77 -15.66 3.62
CA GLY G 199 39.27 -17.01 3.33
C GLY G 199 38.31 -18.07 3.83
N LEU G 200 38.76 -19.32 3.83
CA LEU G 200 37.89 -20.43 4.17
C LEU G 200 37.68 -20.58 5.68
N CYS G 201 36.43 -20.79 6.07
CA CYS G 201 36.08 -21.06 7.47
C CYS G 201 35.70 -22.52 7.63
N LYS G 202 36.46 -23.25 8.45
CA LYS G 202 36.26 -24.69 8.59
C LYS G 202 35.04 -25.08 9.43
N ASN G 203 34.74 -24.27 10.43
CA ASN G 203 33.64 -24.54 11.35
C ASN G 203 32.53 -23.52 11.18
N VAL G 204 31.42 -23.91 10.56
CA VAL G 204 30.34 -22.98 10.28
C VAL G 204 29.00 -23.51 10.76
N SER G 205 28.05 -22.60 10.91
CA SER G 205 26.69 -22.94 11.33
C SER G 205 25.67 -22.04 10.64
N THR G 206 24.40 -22.46 10.66
CA THR G 206 23.33 -21.65 10.09
C THR G 206 22.43 -21.07 11.18
N VAL G 207 22.15 -19.78 11.06
CA VAL G 207 21.27 -19.11 12.01
C VAL G 207 20.30 -18.19 11.26
N GLN G 208 19.07 -18.06 11.76
CA GLN G 208 18.10 -17.18 11.11
C GLN G 208 18.44 -15.68 11.28
N CYS G 209 19.07 -15.35 12.40
CA CYS G 209 19.41 -13.97 12.75
C CYS G 209 20.81 -13.87 13.33
N THR G 210 21.41 -12.69 13.25
CA THR G 210 22.72 -12.49 13.86
C THR G 210 22.57 -12.33 15.36
N HIS G 211 23.68 -12.44 16.08
CA HIS G 211 23.65 -12.07 17.49
C HIS G 211 23.43 -10.58 17.55
N GLY G 212 22.95 -10.07 18.68
CA GLY G 212 22.70 -8.64 18.74
C GLY G 212 24.00 -7.87 18.62
N ILE G 213 23.99 -6.81 17.83
CA ILE G 213 25.15 -5.96 17.64
C ILE G 213 24.83 -4.54 18.08
N LYS G 214 25.61 -4.00 18.99
CA LYS G 214 25.39 -2.63 19.41
C LYS G 214 25.87 -1.66 18.32
N PRO G 215 25.07 -0.64 17.98
CA PRO G 215 25.40 0.39 17.01
C PRO G 215 26.32 1.45 17.61
N VAL G 216 27.51 1.03 18.01
CA VAL G 216 28.47 1.94 18.59
C VAL G 216 29.17 2.77 17.54
N VAL G 217 29.19 4.08 17.74
CA VAL G 217 29.84 4.98 16.81
C VAL G 217 31.12 5.56 17.40
N SER G 218 32.22 5.35 16.68
CA SER G 218 33.53 5.85 17.08
C SER G 218 34.41 6.04 15.85
N THR G 219 35.49 6.82 15.98
CA THR G 219 36.33 7.09 14.82
C THR G 219 37.73 6.49 14.83
N GLN G 220 38.28 6.17 16.00
CA GLN G 220 39.63 5.61 16.04
C GLN G 220 39.70 4.29 16.78
N LEU G 221 39.05 4.25 17.93
CA LEU G 221 39.04 3.05 18.75
C LEU G 221 37.65 2.45 18.75
N LEU G 222 37.58 1.14 18.76
CA LEU G 222 36.29 0.48 18.82
C LEU G 222 35.90 0.26 20.26
N LEU G 223 34.74 0.76 20.65
CA LEU G 223 34.35 0.66 22.05
C LEU G 223 33.22 -0.35 22.26
N ASN G 224 33.30 -1.06 23.37
CA ASN G 224 32.25 -1.97 23.80
C ASN G 224 31.88 -2.99 22.74
N GLY G 225 32.87 -3.46 21.96
CA GLY G 225 32.63 -4.45 20.92
C GLY G 225 32.94 -5.86 21.40
N SER G 226 32.91 -6.82 20.48
CA SER G 226 33.25 -8.21 20.79
C SER G 226 34.76 -8.36 21.02
N LEU G 227 35.13 -9.24 21.94
CA LEU G 227 36.53 -9.55 22.20
C LEU G 227 37.02 -10.74 21.38
N ALA G 228 38.30 -10.70 20.98
CA ALA G 228 38.92 -11.82 20.30
C ALA G 228 39.15 -12.98 21.26
N GLU G 229 39.06 -14.20 20.76
CA GLU G 229 39.44 -15.37 21.54
C GLU G 229 40.91 -15.66 21.33
N LYS G 230 41.57 -16.22 22.35
CA LYS G 230 42.98 -16.58 22.24
C LYS G 230 43.86 -15.40 21.80
N ASN G 231 44.34 -15.43 20.55
CA ASN G 231 45.25 -14.42 20.02
C ASN G 231 44.56 -13.16 19.51
N ILE G 232 45.31 -12.05 19.46
CA ILE G 232 44.82 -10.82 18.82
C ILE G 232 44.70 -11.02 17.32
N ILE G 233 43.57 -10.60 16.77
CA ILE G 233 43.31 -10.81 15.35
C ILE G 233 43.45 -9.52 14.56
N ILE G 234 44.32 -9.55 13.56
CA ILE G 234 44.53 -8.40 12.69
C ILE G 234 43.91 -8.63 11.32
N ARG G 235 43.03 -7.72 10.92
CA ARG G 235 42.27 -7.92 9.69
C ARG G 235 42.51 -6.80 8.67
N SER G 236 42.69 -7.19 7.41
CA SER G 236 42.80 -6.22 6.32
C SER G 236 42.48 -6.86 5.00
N GLU G 237 41.90 -6.08 4.09
CA GLU G 237 41.68 -6.54 2.72
C GLU G 237 43.01 -6.81 2.04
N ASN G 238 44.02 -6.04 2.43
CA ASN G 238 45.36 -6.13 1.90
C ASN G 238 46.35 -5.52 2.86
N ILE G 239 47.05 -6.35 3.62
CA ILE G 239 47.90 -5.86 4.70
C ILE G 239 49.03 -4.96 4.18
N THR G 240 49.39 -5.09 2.91
CA THR G 240 50.47 -4.30 2.34
C THR G 240 49.99 -3.01 1.68
N ASN G 241 48.67 -2.84 1.53
CA ASN G 241 48.14 -1.65 0.87
C ASN G 241 47.85 -0.55 1.88
N ASN G 242 48.57 0.56 1.76
CA ASN G 242 48.47 1.64 2.73
C ASN G 242 47.08 2.28 2.75
N ALA G 243 46.36 2.17 1.64
CA ALA G 243 45.02 2.73 1.52
C ALA G 243 44.02 2.03 2.43
N LYS G 244 44.28 0.77 2.75
CA LYS G 244 43.32 -0.04 3.49
C LYS G 244 43.41 0.18 4.99
N ILE G 245 42.27 0.12 5.67
CA ILE G 245 42.21 0.24 7.11
C ILE G 245 42.40 -1.11 7.76
N ILE G 246 43.37 -1.18 8.67
CA ILE G 246 43.66 -2.40 9.39
C ILE G 246 42.83 -2.44 10.66
N ILE G 247 42.04 -3.49 10.83
CA ILE G 247 41.20 -3.60 12.00
C ILE G 247 41.80 -4.59 12.97
N VAL G 248 42.10 -4.14 14.18
CA VAL G 248 42.71 -5.00 15.18
C VAL G 248 41.73 -5.28 16.29
N GLN G 249 41.43 -6.56 16.53
CA GLN G 249 40.51 -6.91 17.60
C GLN G 249 41.26 -7.44 18.82
N LEU G 250 41.04 -6.80 19.97
CA LEU G 250 41.76 -7.15 21.17
C LEU G 250 41.17 -8.34 21.91
N VAL G 251 42.05 -9.15 22.48
CA VAL G 251 41.68 -10.29 23.31
C VAL G 251 41.09 -9.86 24.64
N GLN G 252 41.71 -8.84 25.23
CA GLN G 252 41.25 -8.31 26.50
C GLN G 252 40.93 -6.83 26.32
N PRO G 253 39.90 -6.33 27.00
CA PRO G 253 39.48 -4.95 26.97
C PRO G 253 40.48 -4.08 27.69
N VAL G 254 40.59 -2.82 27.26
CA VAL G 254 41.32 -1.84 28.05
C VAL G 254 40.34 -0.79 28.54
N THR G 255 40.27 -0.63 29.84
CA THR G 255 39.33 0.30 30.42
C THR G 255 39.71 1.74 30.09
N ILE G 256 38.73 2.49 29.60
CA ILE G 256 38.90 3.92 29.42
C ILE G 256 37.80 4.66 30.17
N LYS G 257 38.19 5.62 31.00
CA LYS G 257 37.22 6.39 31.76
C LYS G 257 37.26 7.84 31.32
N CYS G 258 36.09 8.45 31.20
CA CYS G 258 36.07 9.84 30.76
C CYS G 258 35.16 10.69 31.63
N ILE G 259 35.58 11.94 31.82
CA ILE G 259 34.84 12.88 32.66
C ILE G 259 34.73 14.26 32.05
N ARG G 260 33.59 14.89 32.28
CA ARG G 260 33.43 16.31 32.00
C ARG G 260 33.24 17.04 33.33
N PRO G 261 34.31 17.60 33.91
CA PRO G 261 34.41 18.10 35.28
C PRO G 261 33.51 19.31 35.56
N ASN G 262 33.09 20.00 34.50
CA ASN G 262 32.24 21.18 34.64
C ASN G 262 30.83 20.80 35.08
N ASN G 263 30.28 21.51 36.05
CA ASN G 263 28.90 21.27 36.44
C ASN G 263 27.97 22.24 35.71
N ASN G 264 27.37 21.77 34.62
CA ASN G 264 26.53 22.63 33.80
C ASN G 264 25.15 22.84 34.39
N THR G 265 24.69 24.08 34.33
CA THR G 265 23.31 24.42 34.68
C THR G 265 22.54 24.65 33.39
N VAL G 266 21.46 23.90 33.20
CA VAL G 266 20.72 23.95 31.94
C VAL G 266 19.39 24.67 32.08
N LYS G 267 19.17 25.60 31.16
CA LYS G 267 17.96 26.43 31.11
C LYS G 267 17.31 26.29 29.74
N SER G 268 16.06 26.71 29.60
CA SER G 268 15.40 26.58 28.30
C SER G 268 14.58 27.80 27.89
N ILE G 269 14.48 27.99 26.56
CA ILE G 269 13.72 29.07 25.95
C ILE G 269 12.51 28.53 25.20
N ARG G 270 11.34 29.12 25.43
CA ARG G 270 10.17 28.72 24.67
C ARG G 270 10.17 29.46 23.33
N ILE G 271 10.87 28.89 22.36
CA ILE G 271 11.15 29.55 21.09
C ILE G 271 9.93 29.71 20.20
N GLY G 272 8.91 28.89 20.43
CA GLY G 272 7.69 28.95 19.65
C GLY G 272 6.71 27.91 20.20
N PRO G 273 5.47 27.89 19.72
CA PRO G 273 4.46 26.95 20.15
C PRO G 273 4.96 25.54 19.88
N GLY G 274 4.89 24.68 20.89
CA GLY G 274 5.27 23.29 20.73
C GLY G 274 6.78 23.06 20.70
N GLN G 275 7.55 24.13 20.92
CA GLN G 275 9.00 24.02 20.80
C GLN G 275 9.74 24.60 22.00
N ALA G 276 10.93 24.07 22.25
CA ALA G 276 11.80 24.63 23.26
C ALA G 276 13.25 24.39 22.90
N PHE G 277 14.11 25.32 23.29
CA PHE G 277 15.55 25.22 23.07
C PHE G 277 16.29 25.09 24.38
N TYR G 278 17.23 24.15 24.45
CA TYR G 278 17.99 23.92 25.67
C TYR G 278 19.43 24.41 25.54
N TYR G 279 19.91 25.10 26.58
CA TYR G 279 21.25 25.66 26.55
C TYR G 279 21.88 25.69 27.93
N THR G 280 23.21 25.80 27.98
CA THR G 280 23.88 25.91 29.26
C THR G 280 23.85 27.35 29.74
N GLY G 281 23.18 27.59 30.85
CA GLY G 281 23.05 28.95 31.39
C GLY G 281 24.27 29.34 32.20
N ASP G 282 24.94 28.36 32.80
CA ASP G 282 26.10 28.64 33.64
C ASP G 282 26.93 27.40 33.93
N ILE G 283 28.14 27.61 34.41
CA ILE G 283 28.99 26.54 34.92
C ILE G 283 29.33 26.75 36.38
N ILE G 284 29.05 25.75 37.19
CA ILE G 284 29.34 25.79 38.60
C ILE G 284 30.71 25.20 38.89
N GLY G 285 31.52 25.96 39.62
CA GLY G 285 32.88 25.56 39.94
C GLY G 285 33.84 26.01 38.85
N ASP G 286 35.13 25.76 39.05
CA ASP G 286 36.15 26.18 38.10
C ASP G 286 35.96 25.51 36.75
N ILE G 287 36.17 26.26 35.68
CA ILE G 287 36.07 25.69 34.34
C ILE G 287 37.32 24.88 34.04
N ARG G 288 37.10 23.62 33.70
CA ARG G 288 38.18 22.68 33.45
C ARG G 288 37.95 21.87 32.18
N GLN G 289 39.03 21.54 31.49
CA GLN G 289 38.94 20.77 30.25
C GLN G 289 38.56 19.32 30.52
N ALA G 290 37.70 18.78 29.67
CA ALA G 290 37.31 17.36 29.73
C ALA G 290 38.50 16.47 29.40
N HIS G 291 38.55 15.29 30.01
CA HIS G 291 39.65 14.36 29.74
C HIS G 291 39.30 12.90 29.95
N CYS G 292 40.11 12.02 29.35
CA CYS G 292 39.96 10.57 29.53
C CYS G 292 41.20 9.90 30.08
N ASN G 293 41.01 8.81 30.82
CA ASN G 293 42.10 8.06 31.44
C ASN G 293 42.20 6.64 30.92
N VAL G 294 43.37 6.30 30.37
CA VAL G 294 43.67 4.94 29.97
C VAL G 294 44.85 4.43 30.79
N THR G 295 44.71 3.28 31.43
CA THR G 295 45.80 2.80 32.29
C THR G 295 47.06 2.58 31.46
N ARG G 296 48.15 3.20 31.90
CA ARG G 296 49.39 3.19 31.12
C ARG G 296 50.02 1.81 31.01
N SER G 297 50.07 1.07 32.11
CA SER G 297 50.72 -0.22 32.07
C SER G 297 49.92 -1.23 31.26
N ARG G 298 48.60 -1.09 31.27
CA ARG G 298 47.78 -2.01 30.52
C ARG G 298 47.85 -1.69 29.04
N TRP G 299 47.84 -0.40 28.72
CA TRP G 299 47.90 0.01 27.33
C TRP G 299 49.24 -0.34 26.69
N ASN G 300 50.33 -0.18 27.44
CA ASN G 300 51.63 -0.49 26.89
C ASN G 300 51.76 -1.97 26.60
N LYS G 301 51.25 -2.81 27.49
CA LYS G 301 51.27 -4.24 27.23
C LYS G 301 50.37 -4.60 26.07
N THR G 302 49.25 -3.88 25.96
CA THR G 302 48.32 -4.13 24.88
C THR G 302 48.96 -3.83 23.54
N LEU G 303 49.65 -2.69 23.45
CA LEU G 303 50.33 -2.36 22.21
C LEU G 303 51.47 -3.30 21.91
N GLN G 304 52.14 -3.80 22.94
CA GLN G 304 53.23 -4.73 22.69
C GLN G 304 52.71 -5.96 21.98
N GLU G 305 51.57 -6.47 22.45
CA GLU G 305 51.01 -7.66 21.82
C GLU G 305 50.57 -7.37 20.38
N VAL G 306 50.04 -6.17 20.14
CA VAL G 306 49.67 -5.80 18.78
C VAL G 306 50.90 -5.73 17.89
N ALA G 307 51.97 -5.13 18.40
CA ALA G 307 53.21 -5.01 17.66
C ALA G 307 53.79 -6.39 17.34
N GLU G 308 53.67 -7.31 18.28
CA GLU G 308 54.18 -8.66 18.04
C GLU G 308 53.44 -9.33 16.89
N LYS G 309 52.14 -9.07 16.79
CA LYS G 309 51.36 -9.65 15.70
C LYS G 309 51.59 -8.90 14.37
N LEU G 310 51.82 -7.59 14.43
CA LEU G 310 52.12 -6.86 13.21
C LEU G 310 53.45 -7.30 12.61
N ARG G 311 54.42 -7.59 13.47
CA ARG G 311 55.73 -8.02 12.99
C ARG G 311 55.67 -9.31 12.19
N THR G 312 54.66 -10.14 12.45
CA THR G 312 54.47 -11.37 11.71
C THR G 312 54.22 -11.11 10.23
N TYR G 313 53.49 -10.03 9.93
CA TYR G 313 53.13 -9.73 8.55
C TYR G 313 54.17 -8.85 7.86
N PHE G 314 54.98 -8.17 8.67
CA PHE G 314 55.93 -7.20 8.12
C PHE G 314 57.40 -7.60 8.24
N GLY G 315 57.69 -8.88 8.41
CA GLY G 315 59.08 -9.31 8.34
C GLY G 315 59.92 -8.94 9.55
N ASN G 316 59.27 -8.73 10.69
CA ASN G 316 59.93 -8.30 11.93
C ASN G 316 60.57 -6.93 11.81
N LYS G 317 60.00 -6.07 10.96
CA LYS G 317 60.40 -4.67 10.89
C LYS G 317 59.95 -3.94 12.15
N THR G 318 60.73 -2.96 12.59
CA THR G 318 60.40 -2.21 13.81
C THR G 318 59.05 -1.51 13.68
N ILE G 319 58.22 -1.62 14.73
CA ILE G 319 56.87 -1.07 14.69
C ILE G 319 56.78 0.30 15.35
N ILE G 320 56.35 1.28 14.57
CA ILE G 320 56.25 2.66 15.04
C ILE G 320 54.80 3.13 15.05
N PHE G 321 54.35 3.68 16.16
CA PHE G 321 53.02 4.27 16.18
C PHE G 321 53.13 5.79 16.16
N ALA G 322 52.15 6.44 15.54
CA ALA G 322 52.15 7.90 15.46
C ALA G 322 50.73 8.46 15.39
N GLN G 323 50.61 9.74 15.69
CA GLN G 323 49.33 10.45 15.62
C GLN G 323 48.92 10.69 14.16
N SER G 324 47.63 10.94 13.93
CA SER G 324 47.18 11.21 12.56
C SER G 324 47.86 12.45 11.98
N SER G 325 48.18 12.36 10.70
CA SER G 325 48.86 13.44 10.00
C SER G 325 47.99 14.66 9.70
N GLY G 326 46.66 14.50 9.78
CA GLY G 326 45.81 15.63 9.43
C GLY G 326 44.35 15.25 9.22
N GLY G 327 43.56 16.21 8.75
CA GLY G 327 42.12 16.05 8.57
C GLY G 327 41.35 16.79 9.66
N ASP G 328 40.01 16.74 9.56
CA ASP G 328 39.13 17.46 10.47
C ASP G 328 39.11 16.81 11.86
N LEU G 329 38.52 17.50 12.82
CA LEU G 329 38.46 17.01 14.19
C LEU G 329 37.82 15.62 14.26
N GLU G 330 36.82 15.40 13.42
CA GLU G 330 36.11 14.12 13.38
C GLU G 330 37.02 12.97 12.93
N ILE G 331 38.08 13.30 12.20
CA ILE G 331 39.01 12.30 11.70
C ILE G 331 40.21 12.13 12.63
N THR G 332 40.78 13.25 13.08
CA THR G 332 42.02 13.23 13.85
C THR G 332 41.83 12.90 15.31
N THR G 333 40.59 12.92 15.80
CA THR G 333 40.34 12.60 17.20
C THR G 333 39.31 11.48 17.36
N HIS G 334 39.23 10.96 18.58
CA HIS G 334 38.37 9.85 18.92
C HIS G 334 37.00 10.31 19.37
N SER G 335 36.00 10.15 18.49
CA SER G 335 34.64 10.53 18.84
C SER G 335 33.94 9.45 19.65
N PHE G 336 33.17 9.86 20.65
CA PHE G 336 32.27 8.93 21.35
C PHE G 336 31.17 9.66 22.09
N ASN G 337 30.10 8.94 22.44
CA ASN G 337 28.98 9.52 23.16
C ASN G 337 28.86 9.03 24.61
N CYS G 338 29.10 9.92 25.56
CA CYS G 338 28.95 9.62 26.99
C CYS G 338 27.97 10.57 27.66
N GLY G 339 26.86 10.04 28.16
CA GLY G 339 25.88 10.87 28.87
C GLY G 339 25.03 11.67 27.90
N GLY G 340 25.20 11.39 26.61
CA GLY G 340 24.53 12.13 25.55
C GLY G 340 25.41 13.26 25.01
N GLU G 341 26.53 13.54 25.68
CA GLU G 341 27.47 14.54 25.19
C GLU G 341 28.42 13.92 24.18
N PHE G 342 28.75 14.67 23.15
CA PHE G 342 29.67 14.18 22.15
C PHE G 342 31.09 14.67 22.41
N PHE G 343 31.97 13.73 22.68
CA PHE G 343 33.36 14.02 23.03
C PHE G 343 34.26 13.77 21.85
N TYR G 344 35.26 14.62 21.70
CA TYR G 344 36.33 14.42 20.74
C TYR G 344 37.66 14.42 21.46
N CYS G 345 38.27 13.24 21.61
CA CYS G 345 39.46 13.16 22.44
C CYS G 345 40.73 12.94 21.64
N ASN G 346 41.80 13.59 22.09
CA ASN G 346 43.09 13.55 21.45
C ASN G 346 43.90 12.34 21.92
N THR G 347 44.11 11.42 20.99
CA THR G 347 44.70 10.11 21.27
C THR G 347 46.20 10.07 21.07
N SER G 348 46.84 11.21 20.84
CA SER G 348 48.26 11.19 20.56
C SER G 348 49.06 10.60 21.71
N GLY G 349 48.50 10.64 22.91
CA GLY G 349 49.14 10.04 24.08
C GLY G 349 49.13 8.52 24.04
N LEU G 350 48.23 7.94 23.22
CA LEU G 350 48.11 6.50 23.13
C LEU G 350 48.98 5.90 22.02
N PHE G 351 49.27 6.68 21.00
CA PHE G 351 49.94 6.19 19.81
C PHE G 351 51.34 6.73 19.65
N ASN G 352 51.98 7.05 20.76
CA ASN G 352 53.29 7.67 20.77
C ASN G 352 54.43 6.68 21.01
N SER G 353 54.10 5.39 21.07
CA SER G 353 55.11 4.36 21.36
C SER G 353 55.88 3.85 20.14
N THR G 354 57.05 3.27 20.40
CA THR G 354 57.83 2.53 19.40
C THR G 354 58.18 1.15 19.98
N TRP G 355 58.08 0.11 19.16
CA TRP G 355 58.36 -1.24 19.66
C TRP G 355 59.38 -2.01 18.84
N TYR G 356 60.21 -2.76 19.54
CA TYR G 356 61.30 -3.53 18.94
C TYR G 356 61.16 -5.01 19.24
N VAL G 357 61.83 -5.83 18.45
CA VAL G 357 61.84 -7.27 18.66
C VAL G 357 62.38 -7.64 20.03
N ASN G 358 63.38 -6.89 20.48
CA ASN G 358 63.99 -7.11 21.79
C ASN G 358 62.93 -7.42 22.85
N ASP G 372 50.83 6.18 36.52
CA ASP G 372 50.47 4.89 35.94
C ASP G 372 49.33 5.03 34.96
N THR G 373 48.99 6.28 34.62
CA THR G 373 47.85 6.56 33.77
C THR G 373 48.22 7.50 32.62
N ILE G 374 47.59 7.28 31.47
CA ILE G 374 47.69 8.21 30.35
C ILE G 374 46.43 9.07 30.32
N THR G 375 46.59 10.38 30.43
CA THR G 375 45.43 11.26 30.41
C THR G 375 45.33 11.94 29.06
N LEU G 376 44.19 11.81 28.41
CA LEU G 376 43.95 12.38 27.11
C LEU G 376 43.13 13.67 27.24
N PRO G 377 43.57 14.78 26.67
CA PRO G 377 42.80 16.00 26.50
C PRO G 377 41.59 15.74 25.64
N CYS G 378 40.46 16.37 25.95
CA CYS G 378 39.28 16.24 25.12
C CYS G 378 38.60 17.57 24.86
N ARG G 379 37.78 17.60 23.82
CA ARG G 379 36.96 18.75 23.50
C ARG G 379 35.53 18.29 23.30
N ILE G 380 34.58 19.16 23.58
CA ILE G 380 33.17 18.83 23.43
C ILE G 380 32.50 19.73 22.41
N LYS G 381 31.73 19.12 21.52
CA LYS G 381 31.06 19.87 20.47
C LYS G 381 29.57 19.52 20.45
N GLN G 382 28.69 20.53 20.45
CA GLN G 382 27.26 20.24 20.44
C GLN G 382 26.68 20.14 19.03
N ILE G 383 27.39 20.64 18.03
CA ILE G 383 26.94 20.51 16.65
C ILE G 383 27.70 19.43 15.94
N ILE G 384 26.99 18.40 15.51
CA ILE G 384 27.66 17.23 14.94
C ILE G 384 27.10 16.80 13.60
N ASN G 385 27.92 16.08 12.84
CA ASN G 385 27.54 15.53 11.55
C ASN G 385 28.05 14.09 11.47
N MET G 386 27.44 13.19 12.23
CA MET G 386 27.98 11.85 12.47
C MET G 386 28.16 11.01 11.21
N TRP G 387 27.29 11.21 10.24
CA TRP G 387 27.34 10.39 9.03
C TRP G 387 28.02 11.14 7.90
N GLN G 388 28.56 12.32 8.21
CA GLN G 388 29.26 13.17 7.26
C GLN G 388 28.40 13.54 6.05
N ARG G 389 27.09 13.64 6.24
CA ARG G 389 26.22 14.00 5.14
C ARG G 389 26.11 15.51 4.95
N ALA G 390 26.27 15.95 3.70
CA ALA G 390 26.03 17.33 3.39
C ALA G 390 24.55 17.61 3.56
N GLY G 391 24.22 18.80 4.04
CA GLY G 391 22.82 19.20 4.15
C GLY G 391 22.14 18.73 5.44
N GLN G 392 22.88 18.05 6.31
CA GLN G 392 22.29 17.60 7.58
C GLN G 392 23.17 17.96 8.78
N ALA G 393 22.53 18.27 9.90
CA ALA G 393 23.23 18.57 11.16
C ALA G 393 22.31 18.35 12.35
N MET G 394 22.92 18.05 13.51
CA MET G 394 22.14 17.91 14.74
C MET G 394 22.75 18.73 15.86
N TYR G 395 21.90 19.31 16.70
CA TYR G 395 22.35 19.98 17.92
C TYR G 395 22.01 19.14 19.13
N ALA G 396 23.03 18.73 19.88
CA ALA G 396 22.77 18.01 21.12
C ALA G 396 22.36 19.01 22.19
N PRO G 397 21.31 18.74 22.98
CA PRO G 397 21.01 19.44 24.21
C PRO G 397 22.15 19.18 25.17
N PRO G 398 22.49 20.14 26.02
CA PRO G 398 23.44 19.95 27.10
C PRO G 398 22.81 19.08 28.15
N ILE G 399 23.63 18.24 28.77
CA ILE G 399 23.18 17.43 29.89
C ILE G 399 23.77 17.99 31.18
N PRO G 400 22.94 18.37 32.17
CA PRO G 400 23.33 19.09 33.36
C PRO G 400 24.25 18.28 34.27
N GLY G 401 25.12 18.99 34.97
CA GLY G 401 26.01 18.40 35.96
C GLY G 401 27.26 17.77 35.35
N VAL G 402 28.10 17.20 36.22
CA VAL G 402 29.31 16.50 35.83
C VAL G 402 28.96 15.14 35.25
N ILE G 403 29.53 14.83 34.11
CA ILE G 403 29.26 13.57 33.43
C ILE G 403 30.43 12.62 33.49
N LYS G 404 30.16 11.40 33.93
CA LYS G 404 31.18 10.37 34.00
C LYS G 404 30.74 9.16 33.19
N CYS G 405 31.70 8.48 32.58
CA CYS G 405 31.40 7.22 31.91
C CYS G 405 32.61 6.33 31.85
N GLU G 406 32.38 5.06 31.53
CA GLU G 406 33.43 4.08 31.37
C GLU G 406 33.16 3.24 30.14
N SER G 407 34.19 2.93 29.37
CA SER G 407 34.03 2.08 28.20
C SER G 407 35.20 1.12 28.04
N ASN G 408 34.98 0.07 27.26
CA ASN G 408 36.01 -0.92 26.97
C ASN G 408 36.60 -0.71 25.58
N ILE G 409 37.91 -0.50 25.50
CA ILE G 409 38.50 -0.48 24.18
C ILE G 409 38.67 -1.92 23.76
N THR G 410 38.01 -2.30 22.68
CA THR G 410 37.98 -3.69 22.25
C THR G 410 38.66 -3.88 20.91
N GLY G 411 39.16 -2.79 20.36
CA GLY G 411 39.85 -2.87 19.08
C GLY G 411 40.35 -1.51 18.60
N LEU G 412 41.18 -1.56 17.57
CA LEU G 412 41.78 -0.35 17.00
C LEU G 412 41.59 -0.30 15.49
N LEU G 413 41.43 0.91 14.96
CA LEU G 413 41.51 1.10 13.52
C LEU G 413 42.85 1.75 13.18
N LEU G 414 43.68 1.05 12.42
CA LEU G 414 45.01 1.56 12.08
C LEU G 414 45.19 1.71 10.57
N THR G 415 45.95 2.72 10.17
CA THR G 415 46.32 2.89 8.76
C THR G 415 47.84 2.90 8.64
N ARG G 416 48.37 2.16 7.68
CA ARG G 416 49.82 2.15 7.49
C ARG G 416 50.25 3.42 6.76
N ASP G 417 51.36 4.00 7.19
CA ASP G 417 51.85 5.25 6.60
C ASP G 417 52.64 4.97 5.32
N GLY G 418 52.06 5.32 4.18
CA GLY G 418 52.68 5.04 2.89
C GLY G 418 53.67 6.10 2.47
N GLY G 419 54.22 5.96 1.26
CA GLY G 419 55.19 6.91 0.73
C GLY G 419 56.61 6.62 1.19
N LYS G 420 56.79 5.54 1.95
CA LYS G 420 58.11 5.17 2.46
C LYS G 420 58.61 3.89 1.81
N ASP G 421 59.89 3.89 1.44
CA ASP G 421 60.56 2.73 0.88
C ASP G 421 61.44 2.03 1.92
N ASN G 422 61.30 2.44 3.17
CA ASN G 422 62.18 1.94 4.22
C ASN G 422 62.09 0.43 4.40
N ASN G 423 63.25 -0.21 4.48
CA ASN G 423 63.35 -1.64 4.72
C ASN G 423 63.68 -1.92 6.18
N VAL G 424 63.64 -0.86 6.98
CA VAL G 424 63.97 -0.93 8.40
C VAL G 424 62.75 -1.03 9.30
N ASN G 425 61.72 -0.24 9.00
CA ASN G 425 60.60 -0.11 9.91
C ASN G 425 59.29 0.21 9.19
N GLU G 426 58.20 0.14 9.96
CA GLU G 426 56.86 0.50 9.49
C GLU G 426 56.21 1.45 10.47
N THR G 427 55.37 2.36 9.95
CA THR G 427 54.69 3.32 10.81
C THR G 427 53.17 3.23 10.64
N PHE G 428 52.46 3.26 11.77
CA PHE G 428 50.99 3.18 11.73
C PHE G 428 50.35 4.37 12.43
N ARG G 429 49.20 4.79 11.90
CA ARG G 429 48.45 5.91 12.48
C ARG G 429 46.99 5.49 12.66
N PRO G 430 46.32 5.96 13.71
CA PRO G 430 44.94 5.62 14.05
C PRO G 430 43.89 6.19 13.12
N GLY G 431 42.77 5.47 13.03
CA GLY G 431 41.53 5.98 12.44
C GLY G 431 41.44 5.91 10.93
N GLY G 432 40.35 6.47 10.43
CA GLY G 432 40.04 6.55 9.01
C GLY G 432 38.69 7.26 8.87
N SER G 433 38.38 7.73 7.67
CA SER G 433 37.15 8.48 7.45
C SER G 433 35.91 7.61 7.25
N ASP G 434 36.10 6.32 7.01
CA ASP G 434 34.98 5.45 6.66
C ASP G 434 34.35 4.80 7.88
N MET G 435 33.13 5.25 8.21
CA MET G 435 32.40 4.79 9.38
C MET G 435 32.01 3.32 9.31
N ARG G 436 31.92 2.78 8.10
CA ARG G 436 31.46 1.41 7.90
C ARG G 436 32.41 0.38 8.49
N ASP G 437 33.67 0.78 8.70
CA ASP G 437 34.66 -0.13 9.24
C ASP G 437 34.32 -0.59 10.65
N ASN G 438 33.52 0.19 11.37
CA ASN G 438 33.13 -0.24 12.70
C ASN G 438 32.24 -1.47 12.62
N TRP G 439 31.33 -1.45 11.64
CA TRP G 439 30.37 -2.54 11.49
C TRP G 439 31.05 -3.84 11.10
N ARG G 440 32.13 -3.72 10.34
CA ARG G 440 32.87 -4.90 9.89
C ARG G 440 33.48 -5.66 11.05
N SER G 441 33.77 -4.98 12.15
CA SER G 441 34.37 -5.65 13.29
C SER G 441 33.41 -6.61 13.98
N GLU G 442 32.10 -6.43 13.76
CA GLU G 442 31.10 -7.31 14.36
C GLU G 442 30.46 -8.25 13.34
N LEU G 443 30.50 -7.87 12.05
CA LEU G 443 29.90 -8.67 10.99
C LEU G 443 30.87 -9.57 10.26
N TYR G 444 32.13 -9.60 10.68
CA TYR G 444 33.17 -10.35 9.99
C TYR G 444 32.85 -11.84 9.88
N LYS G 445 32.11 -12.36 10.83
CA LYS G 445 31.80 -13.78 10.89
C LYS G 445 30.51 -14.15 10.15
N TYR G 446 29.80 -13.17 9.61
CA TYR G 446 28.50 -13.47 9.00
C TYR G 446 28.47 -13.38 7.49
N LYS G 447 27.68 -14.25 6.86
CA LYS G 447 27.44 -14.24 5.42
C LYS G 447 25.99 -14.57 5.09
N VAL G 448 25.43 -13.93 4.06
CA VAL G 448 24.04 -14.20 3.67
C VAL G 448 23.96 -14.97 2.35
N VAL G 449 23.20 -16.07 2.36
CA VAL G 449 23.06 -16.90 1.17
C VAL G 449 21.58 -17.18 0.84
N GLU G 450 21.30 -17.39 -0.44
CA GLU G 450 19.98 -17.76 -0.93
C GLU G 450 19.84 -19.27 -1.01
N ILE G 451 18.69 -19.79 -0.56
CA ILE G 451 18.45 -21.22 -0.60
C ILE G 451 17.85 -21.62 -1.94
N GLU G 452 18.40 -22.65 -2.57
CA GLU G 452 17.90 -23.13 -3.87
C GLU G 452 17.46 -24.61 -3.79
N PRO G 453 16.22 -24.89 -3.36
CA PRO G 453 15.67 -26.20 -3.08
C PRO G 453 15.69 -27.16 -4.26
N LEU G 454 15.69 -26.64 -5.48
CA LEU G 454 15.68 -27.52 -6.64
C LEU G 454 17.06 -27.92 -7.10
N GLY G 455 17.17 -29.15 -7.59
CA GLY G 455 18.39 -29.61 -8.22
C GLY G 455 18.13 -30.91 -8.96
N VAL G 456 19.10 -31.31 -9.77
CA VAL G 456 18.95 -32.51 -10.58
C VAL G 456 20.17 -33.40 -10.46
N ALA G 457 19.96 -34.70 -10.62
CA ALA G 457 21.04 -35.67 -10.61
C ALA G 457 20.62 -36.92 -11.38
N PRO G 458 21.54 -37.67 -12.00
CA PRO G 458 21.27 -38.91 -12.70
C PRO G 458 20.87 -40.03 -11.76
N THR G 459 19.88 -40.82 -12.20
CA THR G 459 19.49 -42.05 -11.52
C THR G 459 19.19 -43.12 -12.57
N ARG G 460 19.01 -44.36 -12.15
CA ARG G 460 18.60 -45.41 -13.09
C ARG G 460 17.10 -45.32 -13.39
N CYS G 461 16.38 -44.61 -12.53
CA CYS G 461 14.93 -44.50 -12.59
C CYS G 461 14.42 -43.83 -13.84
N LYS G 462 13.40 -44.41 -14.45
CA LYS G 462 12.73 -43.81 -15.59
C LYS G 462 11.26 -43.59 -15.26
N ARG G 463 10.70 -42.47 -15.70
CA ARG G 463 9.31 -42.17 -15.44
C ARG G 463 8.38 -43.21 -16.10
N ARG G 464 7.35 -43.62 -15.38
CA ARG G 464 6.36 -44.54 -15.94
C ARG G 464 5.47 -43.86 -16.98
N VAL G 465 5.14 -44.60 -18.03
CA VAL G 465 4.21 -44.10 -19.04
C VAL G 465 2.77 -44.26 -18.56
N VAL G 466 2.01 -43.18 -18.64
CA VAL G 466 0.61 -43.19 -18.22
C VAL G 466 -0.24 -44.04 -19.16
N GLY H 2 -28.10 -15.19 -40.23
CA GLY H 2 -27.26 -15.49 -41.40
C GLY H 2 -28.09 -15.50 -42.67
N GLN H 3 -27.72 -14.64 -43.63
CA GLN H 3 -28.45 -14.54 -44.88
C GLN H 3 -27.52 -14.31 -46.08
N LEU H 4 -27.89 -14.89 -47.23
CA LEU H 4 -27.16 -14.65 -48.46
C LEU H 4 -28.10 -14.06 -49.52
N VAL H 5 -27.61 -13.08 -50.28
CA VAL H 5 -28.39 -12.41 -51.33
C VAL H 5 -27.65 -12.43 -52.66
N GLN H 6 -28.33 -12.86 -53.73
CA GLN H 6 -27.69 -13.01 -55.04
C GLN H 6 -28.16 -12.02 -56.10
N SER H 7 -27.32 -11.81 -57.12
CA SER H 7 -27.69 -10.99 -58.27
C SER H 7 -28.91 -11.56 -58.96
N GLY H 8 -29.78 -10.68 -59.45
CA GLY H 8 -31.04 -11.08 -60.07
C GLY H 8 -30.83 -11.77 -61.41
N ALA H 9 -31.91 -12.32 -61.95
CA ALA H 9 -31.85 -13.09 -63.18
C ALA H 9 -31.40 -12.23 -64.36
N GLU H 10 -30.66 -12.85 -65.27
CA GLU H 10 -30.15 -12.15 -66.45
C GLU H 10 -30.17 -13.02 -67.70
N LEU H 11 -30.46 -12.40 -68.84
CA LEU H 11 -30.48 -13.06 -70.15
C LEU H 11 -29.16 -12.83 -70.89
N LYS H 12 -28.56 -13.90 -71.40
CA LYS H 12 -27.30 -13.82 -72.12
C LYS H 12 -27.31 -14.45 -73.50
N LYS H 13 -26.45 -13.94 -74.37
CA LYS H 13 -26.20 -14.57 -75.67
C LYS H 13 -25.16 -15.68 -75.47
N PRO H 14 -25.16 -16.75 -76.27
CA PRO H 14 -24.18 -17.81 -76.25
C PRO H 14 -22.77 -17.24 -76.40
N GLY H 15 -21.85 -17.77 -75.60
CA GLY H 15 -20.45 -17.37 -75.61
C GLY H 15 -20.17 -16.19 -74.68
N ALA H 16 -21.23 -15.55 -74.18
CA ALA H 16 -21.09 -14.43 -73.26
C ALA H 16 -20.68 -14.93 -71.88
N SER H 17 -19.95 -14.12 -71.13
CA SER H 17 -19.74 -14.44 -69.72
C SER H 17 -20.82 -13.80 -68.86
N VAL H 18 -21.07 -14.37 -67.69
CA VAL H 18 -21.98 -13.77 -66.72
C VAL H 18 -21.35 -13.74 -65.34
N LYS H 19 -21.54 -12.64 -64.61
CA LYS H 19 -21.05 -12.57 -63.24
C LYS H 19 -22.21 -12.51 -62.26
N ILE H 20 -22.16 -13.39 -61.25
CA ILE H 20 -23.20 -13.44 -60.23
C ILE H 20 -22.62 -13.08 -58.86
N SER H 21 -23.15 -12.02 -58.25
CA SER H 21 -22.69 -11.65 -56.91
C SER H 21 -23.42 -12.45 -55.86
N CYS H 22 -22.83 -12.52 -54.67
CA CYS H 22 -23.49 -13.10 -53.50
C CYS H 22 -23.16 -12.34 -52.23
N LYS H 23 -24.00 -11.38 -51.88
CA LYS H 23 -23.79 -10.57 -50.70
C LYS H 23 -24.16 -11.36 -49.47
N THR H 24 -23.38 -11.20 -48.40
CA THR H 24 -23.66 -11.93 -47.18
C THR H 24 -23.71 -11.01 -45.98
N SER H 25 -24.48 -11.42 -44.97
CA SER H 25 -24.54 -10.70 -43.71
C SER H 25 -24.99 -11.57 -42.56
N GLY H 26 -24.74 -11.10 -41.35
CA GLY H 26 -25.23 -11.74 -40.13
C GLY H 26 -24.28 -12.79 -39.56
N TYR H 27 -23.18 -13.06 -40.23
CA TYR H 27 -22.21 -14.03 -39.74
C TYR H 27 -20.81 -13.61 -40.18
N ARG H 28 -19.75 -14.18 -39.58
CA ARG H 28 -18.43 -13.79 -40.06
C ARG H 28 -18.15 -14.39 -41.42
N PHE H 29 -17.88 -13.53 -42.39
CA PHE H 29 -17.68 -13.96 -43.76
C PHE H 29 -16.48 -14.88 -43.88
N ASN H 30 -15.38 -14.52 -43.23
CA ASN H 30 -14.15 -15.29 -43.35
C ASN H 30 -14.21 -16.64 -42.64
N PHE H 31 -15.22 -16.85 -41.79
CA PHE H 31 -15.26 -18.08 -41.02
C PHE H 31 -15.77 -19.29 -41.80
N TYR H 32 -16.44 -19.07 -42.93
CA TYR H 32 -17.06 -20.21 -43.63
C TYR H 32 -16.83 -20.19 -45.14
N HIS H 33 -16.79 -21.37 -45.74
CA HIS H 33 -16.65 -21.52 -47.19
C HIS H 33 -17.88 -21.04 -47.94
N ILE H 34 -17.69 -20.51 -49.14
CA ILE H 34 -18.83 -20.19 -50.00
C ILE H 34 -18.95 -21.20 -51.13
N ASN H 35 -20.10 -21.86 -51.21
CA ASN H 35 -20.38 -22.91 -52.19
C ASN H 35 -21.31 -22.45 -53.30
N TRP H 36 -20.84 -22.57 -54.54
CA TRP H 36 -21.70 -22.27 -55.68
C TRP H 36 -22.30 -23.56 -56.22
N ILE H 37 -23.63 -23.61 -56.28
CA ILE H 37 -24.35 -24.81 -56.71
C ILE H 37 -25.28 -24.48 -57.89
N ARG H 38 -25.31 -25.35 -58.89
CA ARG H 38 -26.14 -25.12 -60.08
C ARG H 38 -27.21 -26.19 -60.24
N GLN H 39 -28.40 -25.80 -60.65
CA GLN H 39 -29.43 -26.78 -60.98
C GLN H 39 -29.96 -26.59 -62.39
N THR H 40 -29.95 -27.68 -63.16
CA THR H 40 -30.47 -27.69 -64.51
C THR H 40 -31.45 -28.85 -64.67
N ALA H 41 -32.55 -28.63 -65.38
CA ALA H 41 -33.61 -29.63 -65.45
C ALA H 41 -33.12 -30.97 -66.00
N GLY H 42 -32.17 -30.93 -66.94
CA GLY H 42 -31.65 -32.15 -67.55
C GLY H 42 -30.54 -32.82 -66.74
N ARG H 43 -30.04 -32.16 -65.70
CA ARG H 43 -28.92 -32.69 -64.93
C ARG H 43 -29.20 -32.84 -63.43
N GLY H 44 -30.17 -32.09 -62.94
CA GLY H 44 -30.39 -32.01 -61.51
C GLY H 44 -29.34 -31.06 -60.94
N PRO H 45 -29.24 -30.95 -59.62
CA PRO H 45 -28.24 -30.19 -58.89
C PRO H 45 -26.82 -30.68 -59.18
N GLU H 46 -25.90 -29.74 -59.32
CA GLU H 46 -24.48 -30.05 -59.47
C GLU H 46 -23.62 -29.07 -58.68
N TRP H 47 -22.57 -29.59 -58.06
CA TRP H 47 -21.60 -28.78 -57.35
C TRP H 47 -20.69 -28.04 -58.35
N MET H 48 -20.53 -26.73 -58.20
CA MET H 48 -19.64 -25.99 -59.09
C MET H 48 -18.29 -25.69 -58.48
N GLY H 49 -18.14 -26.01 -57.20
CA GLY H 49 -16.92 -25.64 -56.50
C GLY H 49 -17.17 -24.64 -55.38
N TRP H 50 -16.14 -24.43 -54.57
CA TRP H 50 -16.19 -23.45 -53.49
C TRP H 50 -14.91 -22.64 -53.41
N ILE H 51 -15.02 -21.47 -52.81
CA ILE H 51 -13.87 -20.63 -52.52
C ILE H 51 -13.84 -20.25 -51.05
N SER H 52 -12.66 -20.39 -50.42
CA SER H 52 -12.56 -19.90 -49.06
C SER H 52 -12.38 -18.39 -49.09
N PRO H 53 -13.18 -17.62 -48.34
CA PRO H 53 -13.08 -16.19 -48.19
C PRO H 53 -11.87 -15.80 -47.37
N TYR H 54 -11.30 -16.76 -46.65
CA TYR H 54 -10.17 -16.45 -45.78
C TYR H 54 -8.85 -16.59 -46.52
N SER H 55 -8.65 -17.73 -47.17
CA SER H 55 -7.39 -17.98 -47.85
C SER H 55 -7.42 -17.68 -49.35
N GLY H 56 -8.61 -17.64 -49.93
CA GLY H 56 -8.75 -17.49 -51.38
C GLY H 56 -8.61 -18.83 -52.11
N ASP H 57 -8.39 -19.91 -51.35
CA ASP H 57 -8.23 -21.24 -51.94
C ASP H 57 -9.49 -21.70 -52.63
N LYS H 58 -9.34 -22.34 -53.76
CA LYS H 58 -10.49 -22.81 -54.54
C LYS H 58 -10.43 -24.30 -54.83
N ASN H 59 -11.61 -24.90 -54.87
CA ASN H 59 -11.75 -26.30 -55.27
C ASN H 59 -12.90 -26.42 -56.27
N LEU H 60 -12.57 -26.59 -57.54
CA LEU H 60 -13.57 -26.68 -58.59
C LEU H 60 -13.60 -28.05 -59.25
N ALA H 61 -14.79 -28.49 -59.65
CA ALA H 61 -14.90 -29.71 -60.42
C ALA H 61 -14.23 -29.49 -61.78
N PRO H 62 -13.60 -30.50 -62.39
CA PRO H 62 -12.98 -30.46 -63.70
C PRO H 62 -13.93 -29.91 -64.76
N ALA H 63 -15.22 -30.14 -64.57
CA ALA H 63 -16.23 -29.64 -65.49
C ALA H 63 -16.23 -28.11 -65.55
N PHE H 64 -15.89 -27.47 -64.43
CA PHE H 64 -15.95 -26.02 -64.34
C PHE H 64 -14.57 -25.35 -64.21
N GLN H 65 -13.51 -26.14 -64.08
CA GLN H 65 -12.18 -25.54 -63.88
C GLN H 65 -11.75 -24.64 -65.02
N ASP H 66 -12.15 -24.95 -66.24
CA ASP H 66 -11.75 -24.16 -67.40
C ASP H 66 -12.71 -23.03 -67.71
N ARG H 67 -13.84 -22.96 -67.01
CA ARG H 67 -14.85 -21.95 -67.35
C ARG H 67 -15.20 -21.00 -66.20
N VAL H 68 -14.95 -21.42 -64.97
CA VAL H 68 -15.46 -20.65 -63.84
C VAL H 68 -14.36 -20.05 -62.96
N ILE H 69 -14.49 -18.74 -62.74
CA ILE H 69 -13.57 -17.98 -61.90
C ILE H 69 -14.26 -17.46 -60.65
N MET H 70 -13.67 -17.71 -59.48
CA MET H 70 -14.27 -17.27 -58.22
C MET H 70 -13.38 -16.28 -57.49
N THR H 71 -13.98 -15.26 -56.88
CA THR H 71 -13.28 -14.27 -56.08
C THR H 71 -14.18 -13.75 -54.96
N THR H 72 -13.58 -13.19 -53.91
CA THR H 72 -14.37 -12.62 -52.83
C THR H 72 -13.89 -11.22 -52.43
N ASP H 73 -14.81 -10.43 -51.86
CA ASP H 73 -14.47 -9.15 -51.23
C ASP H 73 -13.86 -9.33 -49.86
N THR H 74 -13.05 -8.36 -49.46
CA THR H 74 -12.56 -8.28 -48.11
C THR H 74 -13.72 -8.01 -47.15
N GLU H 75 -13.81 -8.77 -46.06
CA GLU H 75 -14.92 -8.62 -45.12
C GLU H 75 -14.86 -7.28 -44.38
N VAL H 76 -16.04 -6.73 -44.10
CA VAL H 76 -16.18 -5.55 -43.28
C VAL H 76 -16.94 -5.87 -42.00
N PRO H 77 -16.32 -5.76 -40.82
CA PRO H 77 -16.85 -6.18 -39.54
C PRO H 77 -18.02 -5.32 -39.08
N VAL H 78 -18.95 -5.95 -38.37
CA VAL H 78 -20.09 -5.25 -37.75
C VAL H 78 -19.98 -5.37 -36.23
N THR H 79 -19.76 -6.60 -35.77
CA THR H 79 -19.50 -6.91 -34.37
C THR H 79 -18.28 -7.80 -34.38
N SER H 80 -17.74 -8.11 -33.22
CA SER H 80 -16.57 -8.99 -33.20
C SER H 80 -16.88 -10.39 -33.76
N PHE H 81 -18.16 -10.77 -33.78
CA PHE H 81 -18.55 -12.07 -34.30
C PHE H 81 -19.50 -11.98 -35.50
N THR H 82 -19.61 -10.79 -36.09
CA THR H 82 -20.45 -10.59 -37.29
C THR H 82 -19.74 -9.71 -38.31
N SER H 83 -19.88 -10.03 -39.59
CA SER H 83 -19.31 -9.19 -40.64
C SER H 83 -20.12 -9.28 -41.92
N THR H 84 -19.84 -8.37 -42.84
CA THR H 84 -20.49 -8.40 -44.15
C THR H 84 -19.44 -8.53 -45.24
N GLY H 85 -19.86 -8.99 -46.41
CA GLY H 85 -18.95 -9.15 -47.53
C GLY H 85 -19.68 -9.80 -48.69
N ALA H 86 -18.96 -10.10 -49.75
CA ALA H 86 -19.62 -10.72 -50.89
C ALA H 86 -18.70 -11.65 -51.65
N ALA H 87 -19.30 -12.67 -52.24
CA ALA H 87 -18.59 -13.57 -53.14
C ALA H 87 -19.04 -13.33 -54.56
N TYR H 88 -18.14 -13.53 -55.51
CA TYR H 88 -18.51 -13.39 -56.91
C TYR H 88 -18.08 -14.61 -57.69
N MET H 89 -18.86 -14.95 -58.69
CA MET H 89 -18.48 -15.99 -59.62
C MET H 89 -18.73 -15.55 -61.04
N GLU H 90 -17.78 -15.83 -61.93
CA GLU H 90 -17.99 -15.54 -63.33
C GLU H 90 -17.89 -16.81 -64.16
N ILE H 91 -18.86 -17.01 -65.04
CA ILE H 91 -18.86 -18.18 -65.91
C ILE H 91 -18.55 -17.75 -67.32
N ARG H 92 -17.46 -18.26 -67.88
CA ARG H 92 -17.03 -17.89 -69.23
C ARG H 92 -17.65 -18.80 -70.28
N ASN H 93 -17.84 -18.26 -71.49
CA ASN H 93 -18.27 -19.06 -72.64
C ASN H 93 -19.57 -19.82 -72.41
N LEU H 94 -20.63 -19.12 -72.03
CA LEU H 94 -21.88 -19.79 -71.70
C LEU H 94 -22.47 -20.59 -72.85
N LYS H 95 -22.98 -21.76 -72.52
CA LYS H 95 -23.67 -22.66 -73.43
C LYS H 95 -25.13 -22.79 -73.01
N PHE H 96 -25.97 -23.30 -73.90
CA PHE H 96 -27.38 -23.49 -73.55
C PHE H 96 -27.52 -24.50 -72.42
N ASP H 97 -26.55 -25.41 -72.30
CA ASP H 97 -26.53 -26.42 -71.26
C ASP H 97 -26.25 -25.80 -69.87
N ASP H 98 -25.83 -24.54 -69.85
CA ASP H 98 -25.52 -23.84 -68.61
C ASP H 98 -26.74 -23.11 -68.05
N THR H 99 -27.87 -23.20 -68.76
CA THR H 99 -29.09 -22.58 -68.28
C THR H 99 -29.57 -23.28 -67.02
N GLY H 100 -30.13 -22.52 -66.09
CA GLY H 100 -30.60 -23.13 -64.86
C GLY H 100 -30.63 -22.15 -63.70
N THR H 101 -30.81 -22.68 -62.50
CA THR H 101 -30.86 -21.87 -61.30
C THR H 101 -29.52 -21.94 -60.58
N TYR H 102 -29.00 -20.78 -60.20
CA TYR H 102 -27.72 -20.74 -59.51
C TYR H 102 -27.89 -20.34 -58.07
N PHE H 103 -27.24 -21.07 -57.17
CA PHE H 103 -27.36 -20.81 -55.75
C PHE H 103 -26.03 -20.50 -55.10
N CYS H 104 -26.06 -19.57 -54.17
CA CYS H 104 -24.94 -19.28 -53.30
C CYS H 104 -25.24 -19.84 -51.91
N ALA H 105 -24.30 -20.55 -51.31
CA ALA H 105 -24.57 -21.11 -49.99
C ALA H 105 -23.39 -21.01 -49.03
N LYS H 106 -23.72 -20.77 -47.76
CA LYS H 106 -22.78 -20.66 -46.65
C LYS H 106 -22.28 -22.02 -46.18
N GLY H 107 -20.97 -22.13 -45.95
CA GLY H 107 -20.35 -23.35 -45.45
C GLY H 107 -20.81 -23.67 -44.02
N LEU H 108 -20.85 -24.96 -43.72
CA LEU H 108 -21.37 -25.48 -42.48
C LEU H 108 -20.61 -25.14 -41.21
N LEU H 109 -19.31 -25.45 -41.17
CA LEU H 109 -18.57 -25.26 -39.94
C LEU H 109 -17.07 -25.14 -40.15
N ARG H 110 -16.39 -24.68 -39.12
CA ARG H 110 -14.94 -24.70 -39.07
C ARG H 110 -14.43 -26.04 -38.53
N ASP H 111 -13.25 -26.47 -38.94
CA ASP H 111 -12.55 -27.62 -38.32
C ASP H 111 -13.33 -28.94 -38.18
N GLY H 112 -14.35 -29.15 -38.99
CA GLY H 112 -15.07 -30.42 -39.01
C GLY H 112 -14.61 -31.30 -40.15
N SER H 113 -15.30 -32.42 -40.34
CA SER H 113 -15.03 -33.30 -41.49
C SER H 113 -15.81 -32.84 -42.72
N SER H 114 -16.74 -31.93 -42.49
CA SER H 114 -17.69 -31.47 -43.49
C SER H 114 -17.72 -29.94 -43.57
N THR H 115 -16.57 -29.30 -43.41
CA THR H 115 -16.53 -27.85 -43.26
C THR H 115 -17.13 -27.08 -44.42
N TRP H 116 -16.93 -27.58 -45.62
CA TRP H 116 -17.36 -26.85 -46.80
C TRP H 116 -18.80 -27.16 -47.21
N LEU H 117 -19.44 -28.10 -46.55
CA LEU H 117 -20.79 -28.42 -47.01
C LEU H 117 -21.71 -27.24 -46.72
N PRO H 118 -22.63 -26.93 -47.63
CA PRO H 118 -23.56 -25.83 -47.51
C PRO H 118 -24.55 -26.07 -46.37
N TYR H 119 -24.88 -25.01 -45.65
CA TYR H 119 -25.90 -25.08 -44.61
C TYR H 119 -27.01 -24.06 -44.87
N LEU H 120 -26.63 -22.81 -45.09
CA LEU H 120 -27.63 -21.79 -45.41
C LEU H 120 -27.55 -21.44 -46.87
N TRP H 121 -28.69 -21.27 -47.51
CA TRP H 121 -28.74 -21.02 -48.94
C TRP H 121 -29.45 -19.72 -49.26
N GLY H 122 -29.03 -19.08 -50.34
CA GLY H 122 -29.77 -17.95 -50.86
C GLY H 122 -30.97 -18.49 -51.64
N GLN H 123 -31.90 -17.62 -52.02
CA GLN H 123 -33.08 -18.06 -52.75
C GLN H 123 -32.73 -18.64 -54.12
N GLY H 124 -31.64 -18.13 -54.69
CA GLY H 124 -31.16 -18.54 -56.00
C GLY H 124 -31.78 -17.70 -57.09
N THR H 125 -31.08 -17.56 -58.22
CA THR H 125 -31.62 -16.80 -59.33
C THR H 125 -31.39 -17.51 -60.67
N LEU H 126 -32.17 -17.12 -61.68
CA LEU H 126 -32.16 -17.81 -62.97
C LEU H 126 -31.18 -17.22 -63.98
N LEU H 127 -30.56 -18.12 -64.74
CA LEU H 127 -29.76 -17.73 -65.90
C LEU H 127 -30.39 -18.29 -67.17
N THR H 128 -30.57 -17.44 -68.16
CA THR H 128 -31.15 -17.88 -69.43
C THR H 128 -30.23 -17.54 -70.58
N VAL H 129 -30.12 -18.46 -71.54
CA VAL H 129 -29.32 -18.26 -72.73
C VAL H 129 -30.19 -18.34 -73.98
N SER H 130 -30.05 -17.35 -74.87
CA SER H 130 -30.84 -17.32 -76.09
C SER H 130 -30.07 -16.68 -77.24
N SER H 131 -30.33 -17.18 -78.46
CA SER H 131 -29.68 -16.68 -79.66
C SER H 131 -29.60 -15.15 -79.68
N LEU I 9 20.73 -33.26 12.02
CA LEU I 9 19.49 -32.73 11.47
C LEU I 9 19.46 -31.22 11.54
N GLY I 10 18.27 -30.64 11.42
CA GLY I 10 18.09 -29.19 11.42
C GLY I 10 18.18 -28.65 10.01
N PHE I 11 17.83 -27.38 9.84
CA PHE I 11 17.82 -26.78 8.51
C PHE I 11 19.22 -26.76 7.94
N LEU I 12 19.37 -27.35 6.75
CA LEU I 12 20.65 -27.49 6.05
C LEU I 12 21.69 -28.30 6.80
N GLY I 13 21.27 -29.07 7.81
CA GLY I 13 22.23 -29.88 8.56
C GLY I 13 22.87 -30.94 7.68
N ALA I 14 22.19 -31.29 6.60
CA ALA I 14 22.63 -32.29 5.65
C ALA I 14 23.53 -31.71 4.56
N ALA I 15 23.76 -30.40 4.58
CA ALA I 15 24.44 -29.76 3.46
C ALA I 15 25.83 -30.34 3.19
N GLY I 16 26.52 -30.78 4.23
CA GLY I 16 27.85 -31.36 4.05
C GLY I 16 27.81 -32.88 3.84
N SER I 17 26.62 -33.46 3.88
CA SER I 17 26.48 -34.91 3.76
C SER I 17 26.53 -35.36 2.30
N THR I 18 26.71 -36.66 2.09
CA THR I 18 26.73 -37.19 0.74
C THR I 18 25.38 -36.98 0.11
N MET I 19 25.33 -36.86 -1.21
CA MET I 19 24.06 -36.62 -1.88
C MET I 19 23.02 -37.67 -1.55
N GLY I 20 23.45 -38.93 -1.45
CA GLY I 20 22.51 -39.99 -1.10
C GLY I 20 21.99 -39.84 0.32
N ALA I 21 22.90 -39.53 1.26
CA ALA I 21 22.48 -39.37 2.64
C ALA I 21 21.57 -38.16 2.81
N ALA I 22 21.86 -37.11 2.05
CA ALA I 22 21.13 -35.86 2.15
C ALA I 22 19.67 -36.02 1.75
N SER I 23 19.39 -36.98 0.87
CA SER I 23 18.05 -37.16 0.35
C SER I 23 17.05 -37.55 1.44
N ILE I 24 17.55 -38.09 2.55
CA ILE I 24 16.68 -38.47 3.64
C ILE I 24 16.06 -37.24 4.32
N THR I 25 16.68 -36.07 4.16
CA THR I 25 16.26 -34.84 4.84
C THR I 25 15.56 -33.83 3.94
N LEU I 26 15.14 -34.23 2.74
CA LEU I 26 14.61 -33.22 1.82
C LEU I 26 13.45 -32.43 2.41
N THR I 27 12.64 -33.07 3.24
CA THR I 27 11.49 -32.38 3.81
C THR I 27 11.90 -31.31 4.81
N VAL I 28 13.10 -31.45 5.39
CA VAL I 28 13.56 -30.51 6.39
C VAL I 28 13.79 -29.14 5.78
N GLN I 29 14.29 -29.12 4.54
CA GLN I 29 14.52 -27.86 3.84
C GLN I 29 13.34 -27.44 3.00
N ALA I 30 12.47 -28.40 2.64
CA ALA I 30 11.29 -28.04 1.86
C ALA I 30 10.37 -27.16 2.69
N ARG I 31 10.29 -27.43 3.99
CA ARG I 31 9.55 -26.60 4.91
C ARG I 31 10.39 -25.39 5.29
N GLN I 32 9.72 -24.34 5.77
CA GLN I 32 10.36 -23.07 6.16
C GLN I 32 10.91 -22.28 4.97
N LEU I 33 10.48 -22.62 3.76
CA LEU I 33 10.76 -21.74 2.63
C LEU I 33 9.84 -20.54 2.74
N LEU I 34 8.66 -20.78 3.28
CA LEU I 34 7.77 -19.72 3.71
C LEU I 34 7.81 -19.66 5.23
N SER I 35 7.86 -18.45 5.78
CA SER I 35 7.91 -18.27 7.22
C SER I 35 8.93 -19.21 7.86
N HIS I 59 7.90 4.00 3.50
CA HIS I 59 8.38 3.77 4.85
C HIS I 59 8.67 2.28 5.07
N TRP I 60 8.95 1.91 6.32
CA TRP I 60 9.31 0.53 6.63
C TRP I 60 8.22 -0.48 6.33
N GLY I 61 6.96 -0.04 6.33
CA GLY I 61 5.87 -0.95 6.01
C GLY I 61 6.01 -1.48 4.59
N ILE I 62 6.56 -0.66 3.69
CA ILE I 62 6.78 -1.10 2.32
C ILE I 62 7.95 -2.06 2.28
N LYS I 63 8.99 -1.74 3.03
CA LYS I 63 10.18 -2.59 3.05
C LYS I 63 9.83 -3.99 3.53
N GLN I 64 8.98 -4.06 4.56
CA GLN I 64 8.58 -5.36 5.11
C GLN I 64 7.75 -6.15 4.12
N LEU I 65 6.87 -5.47 3.39
CA LEU I 65 6.06 -6.17 2.40
C LEU I 65 6.87 -6.68 1.24
N GLN I 66 7.89 -5.93 0.83
CA GLN I 66 8.68 -6.37 -0.30
C GLN I 66 9.39 -7.67 0.03
N ALA I 67 9.88 -7.80 1.26
CA ALA I 67 10.53 -9.03 1.68
C ALA I 67 9.54 -10.19 1.77
N ARG I 68 8.33 -9.92 2.25
CA ARG I 68 7.32 -10.96 2.38
C ARG I 68 6.88 -11.46 1.02
N VAL I 69 6.74 -10.54 0.07
CA VAL I 69 6.39 -10.91 -1.29
C VAL I 69 7.52 -11.70 -1.94
N LEU I 70 8.77 -11.28 -1.68
CA LEU I 70 9.91 -11.97 -2.26
C LEU I 70 9.97 -13.43 -1.81
N ALA I 71 9.72 -13.67 -0.52
CA ALA I 71 9.72 -15.04 -0.02
C ALA I 71 8.66 -15.87 -0.73
N VAL I 72 7.50 -15.27 -0.96
CA VAL I 72 6.43 -15.95 -1.68
C VAL I 72 6.79 -16.20 -3.13
N GLU I 73 7.37 -15.21 -3.80
CA GLU I 73 7.71 -15.37 -5.20
C GLU I 73 8.74 -16.47 -5.41
N HIS I 74 9.71 -16.58 -4.52
CA HIS I 74 10.71 -17.63 -4.67
C HIS I 74 10.11 -18.99 -4.42
N TYR I 75 9.22 -19.09 -3.44
CA TYR I 75 8.55 -20.34 -3.19
C TYR I 75 7.75 -20.77 -4.41
N LEU I 76 6.96 -19.84 -4.94
CA LEU I 76 6.13 -20.15 -6.08
C LEU I 76 6.93 -20.39 -7.34
N ARG I 77 8.07 -19.72 -7.47
CA ARG I 77 8.90 -19.93 -8.65
C ARG I 77 9.29 -21.39 -8.76
N ASP I 78 9.73 -21.98 -7.66
CA ASP I 78 10.13 -23.37 -7.68
C ASP I 78 8.93 -24.28 -7.91
N GLN I 79 7.79 -23.93 -7.33
CA GLN I 79 6.60 -24.74 -7.51
C GLN I 79 6.08 -24.69 -8.94
N GLN I 80 6.23 -23.55 -9.60
CA GLN I 80 5.81 -23.45 -10.99
C GLN I 80 6.68 -24.34 -11.86
N LEU I 81 7.97 -24.41 -11.57
CA LEU I 81 8.83 -25.27 -12.35
C LEU I 81 8.43 -26.73 -12.18
N LEU I 82 8.09 -27.12 -10.96
CA LEU I 82 7.67 -28.49 -10.75
C LEU I 82 6.37 -28.78 -11.49
N GLY I 83 5.46 -27.81 -11.53
CA GLY I 83 4.20 -28.00 -12.24
C GLY I 83 4.43 -28.12 -13.75
N ILE I 84 5.38 -27.36 -14.27
CA ILE I 84 5.76 -27.44 -15.68
C ILE I 84 6.40 -28.77 -16.01
N TRP I 85 7.19 -29.29 -15.08
CA TRP I 85 7.90 -30.54 -15.27
C TRP I 85 7.03 -31.77 -14.98
N GLY I 86 5.83 -31.55 -14.43
CA GLY I 86 4.94 -32.67 -14.09
C GLY I 86 5.32 -33.31 -12.75
N CYS I 87 6.19 -32.62 -12.01
CA CYS I 87 6.75 -33.13 -10.77
C CYS I 87 6.06 -32.56 -9.54
N SER I 88 4.99 -31.79 -9.74
CA SER I 88 4.34 -31.14 -8.62
C SER I 88 3.83 -32.17 -7.61
N GLY I 89 3.99 -31.84 -6.34
CA GLY I 89 3.54 -32.70 -5.25
C GLY I 89 4.54 -33.79 -4.88
N LYS I 90 5.68 -33.83 -5.56
CA LYS I 90 6.68 -34.86 -5.28
C LYS I 90 8.01 -34.27 -4.83
N LEU I 91 8.61 -34.89 -3.82
CA LEU I 91 9.95 -34.53 -3.36
C LEU I 91 11.01 -35.05 -4.32
N ILE I 92 10.76 -36.22 -4.89
CA ILE I 92 11.65 -36.87 -5.85
C ILE I 92 10.87 -37.20 -7.12
N CYS I 93 11.33 -36.72 -8.26
CA CYS I 93 10.61 -36.92 -9.50
C CYS I 93 11.44 -37.41 -10.67
N CYS I 94 11.14 -38.62 -11.12
CA CYS I 94 11.82 -39.20 -12.28
C CYS I 94 11.26 -38.61 -13.58
N THR I 95 12.13 -38.43 -14.57
CA THR I 95 11.73 -37.88 -15.86
C THR I 95 12.12 -38.81 -16.99
N ASN I 96 11.78 -38.42 -18.22
CA ASN I 96 12.16 -39.17 -19.40
C ASN I 96 13.38 -38.58 -20.12
N VAL I 97 14.07 -37.63 -19.49
CA VAL I 97 15.24 -37.04 -20.12
C VAL I 97 16.49 -37.85 -19.81
N PRO I 98 17.22 -38.36 -20.82
CA PRO I 98 18.43 -39.13 -20.66
C PRO I 98 19.56 -38.24 -20.16
N TRP I 99 20.45 -38.80 -19.37
CA TRP I 99 21.63 -38.05 -18.94
C TRP I 99 22.63 -37.94 -20.07
N ASN I 100 23.11 -36.72 -20.33
CA ASN I 100 24.16 -36.49 -21.30
C ASN I 100 25.51 -36.63 -20.63
N SER I 101 26.32 -37.56 -21.10
CA SER I 101 27.60 -37.83 -20.47
C SER I 101 28.53 -36.63 -20.49
N SER I 102 28.29 -35.67 -21.40
CA SER I 102 29.12 -34.48 -21.42
C SER I 102 28.85 -33.57 -20.21
N TRP I 103 27.67 -33.69 -19.60
CA TRP I 103 27.38 -32.91 -18.39
C TRP I 103 28.23 -33.42 -17.25
N SER I 104 28.37 -34.75 -17.19
CA SER I 104 29.27 -35.42 -16.27
C SER I 104 29.51 -36.85 -16.70
N ASN I 105 30.76 -37.31 -16.55
CA ASN I 105 31.11 -38.70 -16.85
C ASN I 105 31.25 -39.53 -15.59
N LYS I 106 30.88 -38.96 -14.44
CA LYS I 106 31.03 -39.67 -13.17
C LYS I 106 29.97 -40.75 -12.99
N SER I 107 30.37 -41.86 -12.38
CA SER I 107 29.47 -42.98 -12.11
C SER I 107 28.48 -42.62 -11.02
N LEU I 108 27.37 -43.36 -10.95
CA LEU I 108 26.39 -43.10 -9.92
C LEU I 108 26.99 -43.27 -8.54
N ASP I 109 27.87 -44.26 -8.37
CA ASP I 109 28.45 -44.48 -7.07
C ASP I 109 29.33 -43.31 -6.67
N GLU I 110 30.08 -42.75 -7.62
CA GLU I 110 30.91 -41.59 -7.34
C GLU I 110 30.07 -40.36 -7.01
N ILE I 111 28.95 -40.20 -7.69
CA ILE I 111 28.12 -39.04 -7.47
C ILE I 111 27.34 -39.12 -6.17
N TRP I 112 26.65 -40.22 -5.97
CA TRP I 112 25.77 -40.34 -4.82
C TRP I 112 26.48 -40.55 -3.48
N ASN I 113 27.63 -41.23 -3.49
CA ASN I 113 28.30 -41.52 -2.22
C ASN I 113 29.59 -40.73 -1.97
N ASN I 114 30.11 -40.04 -2.97
CA ASN I 114 31.38 -39.34 -2.78
C ASN I 114 31.28 -37.83 -3.00
N MET I 115 30.06 -37.31 -3.09
CA MET I 115 29.87 -35.88 -3.30
C MET I 115 28.76 -35.32 -2.46
N THR I 116 28.87 -34.03 -2.16
CA THR I 116 27.79 -33.26 -1.55
C THR I 116 26.97 -32.60 -2.64
N TRP I 117 25.76 -32.16 -2.31
CA TRP I 117 24.95 -31.45 -3.29
C TRP I 117 25.56 -30.12 -3.66
N LEU I 118 26.28 -29.49 -2.73
CA LEU I 118 26.92 -28.22 -3.02
C LEU I 118 27.96 -28.37 -4.11
N GLN I 119 28.75 -29.45 -4.02
CA GLN I 119 29.76 -29.72 -5.04
C GLN I 119 29.11 -30.07 -6.37
N TRP I 120 28.02 -30.82 -6.30
CA TRP I 120 27.36 -31.27 -7.51
C TRP I 120 26.82 -30.10 -8.31
N ASP I 121 26.22 -29.12 -7.63
CA ASP I 121 25.69 -27.98 -8.35
C ASP I 121 26.77 -27.21 -9.07
N LYS I 122 27.96 -27.16 -8.48
CA LYS I 122 29.05 -26.45 -9.15
C LYS I 122 29.48 -27.14 -10.43
N GLU I 123 29.51 -28.48 -10.41
CA GLU I 123 29.95 -29.22 -11.59
C GLU I 123 29.03 -29.07 -12.79
N ILE I 124 27.74 -28.90 -12.53
CA ILE I 124 26.79 -28.75 -13.64
C ILE I 124 26.14 -27.38 -13.65
N ASN I 125 26.78 -26.40 -13.03
CA ASN I 125 26.20 -25.06 -12.93
C ASN I 125 25.95 -24.44 -14.30
N ASN I 126 26.75 -24.82 -15.29
CA ASN I 126 26.61 -24.25 -16.62
C ASN I 126 25.65 -25.05 -17.50
N TYR I 127 25.14 -26.16 -17.00
CA TYR I 127 24.23 -26.99 -17.78
C TYR I 127 22.84 -27.02 -17.19
N THR I 128 22.66 -26.36 -16.05
CA THR I 128 21.41 -26.45 -15.33
C THR I 128 20.24 -25.92 -16.14
N GLN I 129 20.43 -24.79 -16.81
CA GLN I 129 19.34 -24.21 -17.58
C GLN I 129 19.00 -25.08 -18.79
N LEU I 130 20.00 -25.75 -19.35
CA LEU I 130 19.76 -26.65 -20.47
C LEU I 130 18.94 -27.83 -20.02
N ILE I 131 19.28 -28.39 -18.86
CA ILE I 131 18.55 -29.53 -18.35
C ILE I 131 17.10 -29.16 -18.08
N TYR I 132 16.89 -27.99 -17.50
CA TYR I 132 15.54 -27.56 -17.19
C TYR I 132 14.69 -27.43 -18.45
N ARG I 133 15.27 -26.90 -19.52
CA ARG I 133 14.53 -26.78 -20.77
C ARG I 133 14.19 -28.15 -21.36
N LEU I 134 15.11 -29.10 -21.24
CA LEU I 134 14.85 -30.44 -21.77
C LEU I 134 13.73 -31.14 -21.03
N ILE I 135 13.64 -30.91 -19.72
CA ILE I 135 12.55 -31.52 -18.95
C ILE I 135 11.22 -30.95 -19.40
N GLU I 136 11.18 -29.64 -19.61
CA GLU I 136 9.96 -29.00 -20.07
C GLU I 136 9.52 -29.52 -21.43
N GLU I 137 10.49 -29.73 -22.33
CA GLU I 137 10.15 -30.27 -23.64
C GLU I 137 9.61 -31.68 -23.54
N SER I 138 10.17 -32.48 -22.64
CA SER I 138 9.72 -33.85 -22.48
C SER I 138 8.30 -33.91 -21.95
N GLN I 139 7.96 -32.98 -21.05
CA GLN I 139 6.60 -32.95 -20.54
C GLN I 139 5.62 -32.56 -21.63
N ASN I 140 6.05 -31.67 -22.52
CA ASN I 140 5.15 -31.22 -23.57
C ASN I 140 4.78 -32.37 -24.48
N GLN I 141 5.76 -33.24 -24.76
CA GLN I 141 5.49 -34.41 -25.58
C GLN I 141 4.58 -35.38 -24.85
N GLN I 142 4.77 -35.51 -23.53
CA GLN I 142 3.92 -36.40 -22.75
C GLN I 142 2.48 -35.93 -22.74
N GLU I 143 2.27 -34.61 -22.65
CA GLU I 143 0.92 -34.09 -22.61
C GLU I 143 0.19 -34.40 -23.91
N LYS I 144 0.90 -34.32 -25.03
CA LYS I 144 0.28 -34.62 -26.31
C LYS I 144 -0.15 -36.08 -26.38
N ASN I 145 0.64 -36.97 -25.79
CA ASN I 145 0.30 -38.38 -25.80
C ASN I 145 -0.88 -38.70 -24.88
N GLU I 146 -0.96 -38.02 -23.73
CA GLU I 146 -2.06 -38.28 -22.80
C GLU I 146 -3.42 -37.86 -23.36
N LYS I 147 -3.41 -36.86 -24.25
CA LYS I 147 -4.63 -36.39 -24.87
C LYS I 147 -5.27 -37.44 -25.78
N GLU I 148 -4.48 -38.41 -26.24
CA GLU I 148 -4.99 -39.44 -27.13
C GLU I 148 -5.54 -40.62 -26.33
N SER J 2 -23.68 -37.91 -61.49
CA SER J 2 -24.87 -38.65 -61.08
C SER J 2 -24.60 -40.16 -61.03
N VAL J 3 -23.40 -40.52 -60.60
CA VAL J 3 -23.02 -41.93 -60.46
C VAL J 3 -23.83 -42.62 -59.35
N LEU J 4 -24.27 -41.84 -58.36
CA LEU J 4 -25.14 -42.35 -57.31
C LEU J 4 -26.57 -42.45 -57.83
N THR J 5 -27.27 -43.52 -57.46
CA THR J 5 -28.64 -43.65 -57.89
C THR J 5 -29.59 -43.87 -56.72
N GLN J 6 -30.82 -43.43 -56.91
CA GLN J 6 -31.88 -43.57 -55.92
C GLN J 6 -33.17 -44.05 -56.59
N SER J 7 -34.05 -44.67 -55.81
CA SER J 7 -35.35 -45.09 -56.34
C SER J 7 -36.10 -43.86 -56.83
N ALA J 8 -36.87 -44.00 -57.92
CA ALA J 8 -37.58 -42.85 -58.47
C ALA J 8 -38.54 -42.24 -57.45
N SER J 9 -39.16 -43.09 -56.64
CA SER J 9 -40.05 -42.60 -55.60
C SER J 9 -40.25 -43.62 -54.50
N VAL J 10 -40.59 -43.14 -53.31
CA VAL J 10 -40.97 -43.97 -52.19
C VAL J 10 -42.29 -43.47 -51.63
N SER J 11 -43.24 -44.36 -51.39
CA SER J 11 -44.54 -43.93 -50.90
C SER J 11 -44.89 -44.53 -49.55
N GLY J 12 -45.76 -43.83 -48.82
CA GLY J 12 -46.29 -44.34 -47.56
C GLY J 12 -47.38 -43.43 -46.99
N SER J 13 -48.12 -43.94 -46.04
CA SER J 13 -49.22 -43.21 -45.40
C SER J 13 -48.69 -42.26 -44.34
N LEU J 14 -49.52 -41.33 -43.91
CA LEU J 14 -49.08 -40.42 -42.86
C LEU J 14 -48.86 -41.17 -41.56
N GLY J 15 -47.77 -40.85 -40.87
CA GLY J 15 -47.39 -41.51 -39.63
C GLY J 15 -46.55 -42.76 -39.90
N GLN J 16 -46.41 -43.13 -41.17
CA GLN J 16 -45.66 -44.31 -41.58
C GLN J 16 -44.18 -43.99 -41.70
N SER J 17 -43.33 -44.97 -41.40
CA SER J 17 -41.91 -44.81 -41.68
C SER J 17 -41.66 -44.87 -43.18
N VAL J 18 -40.80 -43.98 -43.67
CA VAL J 18 -40.39 -43.97 -45.07
C VAL J 18 -38.89 -44.09 -45.20
N THR J 19 -38.41 -45.02 -46.03
CA THR J 19 -36.98 -45.19 -46.21
C THR J 19 -36.53 -44.98 -47.65
N ILE J 20 -35.49 -44.16 -47.82
CA ILE J 20 -34.91 -43.85 -49.12
C ILE J 20 -33.49 -44.40 -49.25
N SER J 21 -33.30 -45.29 -50.22
CA SER J 21 -31.96 -45.84 -50.47
C SER J 21 -31.13 -44.96 -51.38
N CYS J 22 -29.82 -44.98 -51.16
CA CYS J 22 -28.86 -44.39 -52.09
C CYS J 22 -27.64 -45.29 -52.25
N THR J 23 -27.31 -45.61 -53.49
CA THR J 23 -26.20 -46.50 -53.81
C THR J 23 -25.41 -46.03 -55.01
N GLY J 24 -24.34 -46.75 -55.33
CA GLY J 24 -23.46 -46.40 -56.44
C GLY J 24 -22.31 -47.39 -56.51
N PRO J 25 -21.31 -47.13 -57.34
CA PRO J 25 -20.10 -47.92 -57.50
C PRO J 25 -19.42 -48.02 -56.14
N ASN J 26 -18.78 -49.14 -55.85
CA ASN J 26 -18.18 -49.31 -54.52
C ASN J 26 -16.98 -48.40 -54.30
N SER J 27 -16.43 -47.85 -55.39
CA SER J 27 -15.36 -46.86 -55.30
C SER J 27 -15.90 -45.49 -54.89
N VAL J 28 -17.23 -45.31 -55.02
CA VAL J 28 -17.90 -44.05 -54.72
C VAL J 28 -18.65 -44.12 -53.39
N CYS J 29 -19.38 -45.20 -53.20
CA CYS J 29 -20.17 -45.38 -51.99
C CYS J 29 -19.90 -46.73 -51.32
N CYS J 30 -19.81 -46.80 -49.98
CA CYS J 30 -19.70 -45.70 -49.01
C CYS J 30 -18.40 -45.78 -48.22
N SER J 31 -17.51 -46.67 -48.62
CA SER J 31 -16.22 -46.78 -47.94
C SER J 31 -15.42 -45.51 -48.12
N HIS J 32 -14.84 -45.02 -47.04
CA HIS J 32 -14.03 -43.80 -47.02
C HIS J 32 -14.80 -42.59 -47.58
N LYS J 33 -16.12 -42.63 -47.49
CA LYS J 33 -16.99 -41.56 -47.97
C LYS J 33 -18.07 -41.25 -46.96
N SER J 34 -18.59 -40.02 -47.01
CA SER J 34 -19.72 -39.64 -46.19
C SER J 34 -20.90 -39.21 -47.05
N ILE J 35 -22.12 -39.47 -46.56
CA ILE J 35 -23.33 -39.12 -47.31
C ILE J 35 -24.14 -38.04 -46.62
N SER J 36 -24.49 -36.98 -47.36
CA SER J 36 -25.39 -35.96 -46.82
C SER J 36 -26.74 -36.04 -47.53
N TRP J 37 -27.81 -35.65 -46.83
CA TRP J 37 -29.16 -35.77 -47.40
C TRP J 37 -29.92 -34.45 -47.38
N TYR J 38 -30.49 -34.07 -48.53
CA TYR J 38 -31.16 -32.78 -48.68
C TYR J 38 -32.62 -32.92 -49.11
N GLN J 39 -33.45 -32.00 -48.64
CA GLN J 39 -34.75 -31.75 -49.24
C GLN J 39 -34.55 -30.73 -50.34
N TRP J 40 -35.14 -30.94 -51.50
CA TRP J 40 -34.99 -29.96 -52.58
C TRP J 40 -36.29 -29.71 -53.33
N PRO J 41 -37.23 -28.94 -52.77
CA PRO J 41 -38.51 -28.61 -53.39
C PRO J 41 -38.23 -27.83 -54.67
N PRO J 42 -39.02 -28.02 -55.72
CA PRO J 42 -38.87 -27.34 -56.99
C PRO J 42 -39.10 -25.85 -56.81
N GLY J 43 -38.27 -25.04 -57.44
CA GLY J 43 -38.44 -23.59 -57.42
C GLY J 43 -37.95 -22.94 -56.12
N ARG J 44 -37.40 -23.74 -55.22
CA ARG J 44 -36.99 -23.22 -53.92
C ARG J 44 -35.60 -23.70 -53.52
N ALA J 45 -34.95 -22.93 -52.64
CA ALA J 45 -33.69 -23.36 -52.06
C ALA J 45 -33.93 -24.60 -51.20
N PRO J 46 -33.00 -25.56 -51.19
CA PRO J 46 -33.00 -26.80 -50.43
C PRO J 46 -32.75 -26.63 -48.94
N THR J 47 -33.13 -27.64 -48.18
CA THR J 47 -32.81 -27.73 -46.76
C THR J 47 -32.03 -29.02 -46.48
N LEU J 48 -30.97 -28.90 -45.71
CA LEU J 48 -30.14 -30.05 -45.36
C LEU J 48 -30.65 -30.74 -44.11
N ILE J 49 -30.86 -32.05 -44.20
CA ILE J 49 -31.37 -32.83 -43.08
C ILE J 49 -30.26 -33.56 -42.30
N ILE J 50 -29.44 -34.35 -43.01
CA ILE J 50 -28.44 -35.23 -42.37
C ILE J 50 -26.99 -34.96 -42.79
N TYR J 51 -26.08 -34.96 -41.81
CA TYR J 51 -24.63 -34.91 -42.06
C TYR J 51 -23.93 -36.21 -41.66
N GLU J 52 -22.86 -36.56 -42.38
CA GLU J 52 -22.04 -37.74 -42.11
C GLU J 52 -22.84 -39.04 -42.06
N ASP J 53 -24.02 -39.01 -42.67
CA ASP J 53 -24.92 -40.16 -42.76
C ASP J 53 -25.30 -40.72 -41.40
N ASN J 54 -25.09 -39.95 -40.33
CA ASN J 54 -25.39 -40.42 -38.97
C ASN J 54 -26.01 -39.37 -38.07
N GLU J 55 -25.90 -38.09 -38.44
CA GLU J 55 -26.30 -37.04 -37.50
C GLU J 55 -27.24 -36.03 -38.11
N ARG J 56 -28.22 -35.60 -37.32
CA ARG J 56 -29.11 -34.53 -37.74
C ARG J 56 -28.40 -33.19 -37.73
N ALA J 57 -28.66 -32.40 -38.74
CA ALA J 57 -28.16 -31.04 -38.80
C ALA J 57 -28.88 -30.20 -37.75
N PRO J 58 -28.30 -29.12 -37.23
CA PRO J 58 -28.92 -28.23 -36.28
C PRO J 58 -30.25 -27.73 -36.83
N GLY J 59 -31.25 -27.68 -35.97
CA GLY J 59 -32.58 -27.21 -36.33
C GLY J 59 -33.48 -28.31 -36.94
N ILE J 60 -32.94 -29.52 -37.07
CA ILE J 60 -33.68 -30.63 -37.67
C ILE J 60 -34.40 -31.50 -36.64
N SER J 61 -35.68 -31.74 -36.90
CA SER J 61 -36.55 -32.52 -36.03
C SER J 61 -36.06 -33.97 -35.88
N PRO J 62 -36.26 -34.58 -34.70
CA PRO J 62 -35.79 -35.90 -34.29
C PRO J 62 -36.35 -37.04 -35.14
N ARG J 63 -37.44 -36.79 -35.86
CA ARG J 63 -38.04 -37.82 -36.69
C ARG J 63 -37.12 -38.29 -37.83
N PHE J 64 -36.13 -37.48 -38.20
CA PHE J 64 -35.21 -37.86 -39.27
C PHE J 64 -33.98 -38.59 -38.73
N SER J 65 -33.54 -39.63 -39.44
CA SER J 65 -32.29 -40.32 -39.10
C SER J 65 -31.69 -41.01 -40.31
N GLY J 66 -30.38 -41.27 -40.26
CA GLY J 66 -29.73 -41.98 -41.36
C GLY J 66 -29.00 -43.23 -40.90
N TYR J 67 -28.74 -44.14 -41.85
CA TYR J 67 -28.00 -45.38 -41.60
C TYR J 67 -26.96 -45.62 -42.68
N LYS J 68 -25.85 -46.27 -42.30
CA LYS J 68 -24.75 -46.47 -43.24
C LYS J 68 -24.29 -47.93 -43.30
N SER J 69 -23.89 -48.35 -44.49
CA SER J 69 -23.27 -49.66 -44.72
C SER J 69 -22.25 -49.55 -45.84
N TYR J 70 -21.38 -50.54 -45.98
CA TYR J 70 -20.37 -50.51 -47.03
C TYR J 70 -21.01 -50.37 -48.42
N TRP J 71 -22.00 -51.20 -48.69
CA TRP J 71 -22.65 -51.20 -50.01
C TRP J 71 -23.61 -50.05 -50.26
N SER J 72 -24.24 -49.52 -49.21
CA SER J 72 -25.26 -48.51 -49.42
C SER J 72 -25.52 -47.66 -48.18
N ALA J 73 -26.28 -46.59 -48.38
CA ALA J 73 -26.71 -45.74 -47.28
C ALA J 73 -28.18 -45.41 -47.45
N TYR J 74 -28.86 -45.12 -46.36
CA TYR J 74 -30.26 -44.74 -46.49
C TYR J 74 -30.75 -43.75 -45.45
N LEU J 75 -31.77 -42.99 -45.84
CA LEU J 75 -32.45 -42.03 -44.99
C LEU J 75 -33.79 -42.57 -44.56
N THR J 76 -34.10 -42.46 -43.27
CA THR J 76 -35.40 -42.87 -42.79
C THR J 76 -36.15 -41.70 -42.18
N ILE J 77 -37.40 -41.56 -42.57
CA ILE J 77 -38.26 -40.53 -42.02
C ILE J 77 -39.32 -41.17 -41.15
N SER J 78 -39.27 -40.92 -39.86
CA SER J 78 -40.29 -41.43 -38.95
C SER J 78 -41.46 -40.49 -38.98
N ASP J 79 -42.65 -40.97 -38.61
CA ASP J 79 -43.78 -40.07 -38.45
C ASP J 79 -44.01 -39.19 -39.68
N LEU J 80 -44.19 -39.79 -40.86
CA LEU J 80 -44.33 -38.99 -42.07
C LEU J 80 -45.44 -37.97 -41.94
N ARG J 81 -45.14 -36.73 -42.33
CA ARG J 81 -46.10 -35.62 -42.29
C ARG J 81 -46.24 -35.02 -43.69
N PRO J 82 -47.34 -34.32 -44.03
CA PRO J 82 -47.58 -33.72 -45.33
C PRO J 82 -46.47 -32.77 -45.75
N GLU J 83 -45.79 -32.18 -44.76
CA GLU J 83 -44.69 -31.26 -45.01
C GLU J 83 -43.48 -31.95 -45.63
N ASP J 84 -43.41 -33.27 -45.50
CA ASP J 84 -42.28 -34.04 -45.96
C ASP J 84 -42.45 -34.51 -47.40
N GLU J 85 -43.57 -34.15 -48.03
CA GLU J 85 -43.82 -34.63 -49.39
C GLU J 85 -43.06 -33.79 -50.40
N THR J 86 -41.77 -34.06 -50.50
CA THR J 86 -40.88 -33.32 -51.39
C THR J 86 -39.83 -34.21 -52.04
N THR J 87 -39.05 -33.60 -52.92
CA THR J 87 -37.94 -34.28 -53.58
C THR J 87 -36.73 -34.34 -52.66
N TYR J 88 -36.08 -35.50 -52.60
CA TYR J 88 -34.87 -35.67 -51.79
C TYR J 88 -33.67 -36.04 -52.64
N TYR J 89 -32.48 -35.58 -52.22
CA TYR J 89 -31.23 -35.98 -52.86
C TYR J 89 -30.18 -36.45 -51.86
N CYS J 90 -29.46 -37.50 -52.23
CA CYS J 90 -28.27 -37.89 -51.48
C CYS J 90 -27.04 -37.28 -52.14
N CYS J 91 -25.99 -37.08 -51.35
CA CYS J 91 -24.72 -36.60 -51.89
C CYS J 91 -23.52 -37.26 -51.26
N SER J 92 -22.61 -37.76 -52.09
CA SER J 92 -21.34 -38.29 -51.61
C SER J 92 -20.32 -37.18 -51.44
N TYR J 93 -19.57 -37.23 -50.35
CA TYR J 93 -18.50 -36.25 -50.15
C TYR J 93 -17.38 -36.78 -49.27
N THR J 94 -16.22 -36.14 -49.38
CA THR J 94 -15.12 -36.35 -48.45
C THR J 94 -14.58 -35.00 -48.05
N HIS J 95 -13.71 -34.99 -47.06
CA HIS J 95 -13.07 -33.75 -46.63
C HIS J 95 -12.16 -33.15 -47.70
N ASN J 96 -11.72 -33.97 -48.67
CA ASN J 96 -10.82 -33.52 -49.72
C ASN J 96 -11.45 -33.52 -51.12
N SER J 97 -12.77 -33.59 -51.20
CA SER J 97 -13.42 -33.65 -52.51
C SER J 97 -14.77 -32.97 -52.47
N GLY J 98 -15.31 -32.67 -53.65
CA GLY J 98 -16.59 -31.97 -53.74
C GLY J 98 -17.79 -32.88 -53.59
N CYS J 99 -18.97 -32.27 -53.59
CA CYS J 99 -20.23 -32.98 -53.49
C CYS J 99 -20.65 -33.62 -54.81
N VAL J 100 -21.00 -34.89 -54.77
CA VAL J 100 -21.57 -35.56 -55.92
C VAL J 100 -23.03 -35.90 -55.66
N PHE J 101 -23.93 -35.23 -56.35
CA PHE J 101 -25.36 -35.45 -56.15
C PHE J 101 -25.84 -36.68 -56.93
N GLY J 102 -26.77 -37.42 -56.34
CA GLY J 102 -27.39 -38.55 -57.01
C GLY J 102 -28.59 -38.14 -57.85
N THR J 103 -29.28 -39.15 -58.39
CA THR J 103 -30.44 -38.91 -59.26
C THR J 103 -31.64 -38.30 -58.52
N GLY J 104 -31.70 -38.53 -57.21
CA GLY J 104 -32.78 -38.01 -56.38
C GLY J 104 -34.00 -38.92 -56.38
N THR J 105 -34.93 -38.65 -55.47
CA THR J 105 -36.17 -39.41 -55.35
C THR J 105 -37.30 -38.50 -54.91
N LYS J 106 -38.54 -38.94 -55.09
CA LYS J 106 -39.68 -38.19 -54.54
C LYS J 106 -40.43 -38.99 -53.48
N VAL J 107 -40.74 -38.34 -52.36
CA VAL J 107 -41.58 -38.93 -51.34
C VAL J 107 -43.04 -38.60 -51.61
N SER J 108 -43.89 -39.62 -51.60
CA SER J 108 -45.31 -39.43 -51.84
C SER J 108 -46.16 -39.86 -50.66
N VAL J 109 -47.14 -39.03 -50.31
CA VAL J 109 -48.05 -39.35 -49.22
C VAL J 109 -49.30 -40.09 -49.71
N LEU J 110 -49.55 -41.26 -49.14
CA LEU J 110 -50.74 -42.01 -49.50
C LEU J 110 -51.95 -41.48 -48.74
N GLY J 111 -53.09 -41.44 -49.41
CA GLY J 111 -54.33 -40.97 -48.79
C GLY J 111 -54.87 -39.73 -49.50
N GLU K 1 16.69 69.25 16.87
CA GLU K 1 16.07 69.17 18.18
C GLU K 1 17.08 68.77 19.27
N ILE K 2 17.68 67.60 19.12
CA ILE K 2 18.56 67.08 20.16
C ILE K 2 19.97 67.65 20.04
N VAL K 3 20.47 68.20 21.13
CA VAL K 3 21.78 68.84 21.12
C VAL K 3 22.78 68.09 21.98
N LEU K 4 23.91 67.76 21.36
CA LEU K 4 25.01 67.14 22.06
C LEU K 4 25.96 68.20 22.59
N THR K 5 26.51 67.97 23.77
CA THR K 5 27.52 68.88 24.31
C THR K 5 28.77 68.08 24.64
N GLN K 6 29.91 68.74 24.62
CA GLN K 6 31.17 68.04 24.86
C GLN K 6 32.09 68.78 25.82
N SER K 7 32.89 68.02 26.54
CA SER K 7 33.86 68.61 27.46
C SER K 7 35.06 67.68 27.69
N PRO K 8 36.19 68.23 28.13
CA PRO K 8 36.61 69.63 28.18
C PRO K 8 36.69 70.22 26.78
N GLY K 9 36.39 71.50 26.64
CA GLY K 9 36.44 72.11 25.31
C GLY K 9 37.86 72.08 24.74
N THR K 10 38.85 72.22 25.61
CA THR K 10 40.24 72.13 25.20
C THR K 10 41.04 71.29 26.19
N LEU K 11 41.87 70.42 25.66
CA LEU K 11 42.76 69.60 26.47
C LEU K 11 44.20 69.80 26.02
N SER K 12 45.13 69.73 26.96
CA SER K 12 46.53 69.79 26.57
C SER K 12 47.34 68.74 27.32
N LEU K 13 47.80 67.76 26.58
CA LEU K 13 48.57 66.65 27.13
C LEU K 13 49.85 66.44 26.32
N SER K 14 50.90 65.97 26.96
CA SER K 14 52.09 65.61 26.22
C SER K 14 51.82 64.29 25.48
N PRO K 15 52.53 63.99 24.39
CA PRO K 15 52.46 62.72 23.69
C PRO K 15 52.76 61.57 24.64
N GLY K 16 52.05 60.48 24.45
CA GLY K 16 52.19 59.26 25.24
C GLY K 16 51.25 59.21 26.45
N GLU K 17 50.58 60.32 26.75
CA GLU K 17 49.62 60.36 27.86
C GLU K 17 48.28 59.73 27.47
N ARG K 18 47.62 59.13 28.45
CA ARG K 18 46.24 58.66 28.29
C ARG K 18 45.28 59.84 28.33
N ALA K 19 44.24 59.80 27.51
CA ALA K 19 43.26 60.89 27.52
C ALA K 19 41.85 60.41 27.23
N THR K 20 40.86 61.10 27.78
CA THR K 20 39.47 60.81 27.49
C THR K 20 38.68 62.06 27.13
N LEU K 21 37.61 61.88 26.37
CA LEU K 21 36.68 62.96 26.04
C LEU K 21 35.27 62.59 26.47
N SER K 22 34.49 63.57 26.90
CA SER K 22 33.11 63.30 27.27
C SER K 22 32.12 63.93 26.29
N CYS K 23 31.01 63.23 26.05
CA CYS K 23 29.89 63.77 25.28
C CYS K 23 28.57 63.46 25.96
N ARG K 24 27.75 64.48 26.15
CA ARG K 24 26.47 64.30 26.82
C ARG K 24 25.31 64.83 26.00
N ALA K 25 24.33 63.97 25.76
CA ALA K 25 23.14 64.34 25.00
C ALA K 25 22.10 65.02 25.86
N SER K 26 21.37 65.96 25.27
CA SER K 26 20.20 66.55 25.92
C SER K 26 19.04 65.55 26.05
N GLN K 27 19.05 64.51 25.22
CA GLN K 27 18.06 63.44 25.26
C GLN K 27 18.77 62.11 25.09
N SER K 28 18.20 61.03 25.63
CA SER K 28 18.88 59.75 25.57
C SER K 28 19.09 59.27 24.14
N VAL K 29 20.18 58.56 23.92
CA VAL K 29 20.52 58.04 22.61
C VAL K 29 19.98 56.63 22.42
N SER K 30 19.15 56.43 21.41
CA SER K 30 18.60 55.11 21.16
C SER K 30 19.68 54.13 20.72
N SER K 31 19.56 52.89 21.17
CA SER K 31 20.38 51.76 20.72
C SER K 31 21.88 52.05 20.63
N SER K 32 22.40 52.86 21.55
CA SER K 32 23.84 53.14 21.59
C SER K 32 24.39 53.58 20.24
N TYR K 33 23.62 54.40 19.51
CA TYR K 33 23.97 54.85 18.17
C TYR K 33 25.09 55.90 18.07
N LEU K 34 25.39 56.58 19.16
CA LEU K 34 26.32 57.72 19.08
C LEU K 34 27.69 57.30 18.56
N ALA K 35 28.26 58.12 17.67
CA ALA K 35 29.53 57.80 17.00
C ALA K 35 30.53 58.95 17.12
N TRP K 36 31.82 58.64 16.92
CA TRP K 36 32.87 59.64 17.07
C TRP K 36 33.73 59.85 15.82
N TYR K 37 34.12 61.12 15.59
CA TYR K 37 34.91 61.55 14.45
C TYR K 37 36.16 62.34 14.86
N GLN K 38 37.16 62.37 13.98
CA GLN K 38 38.40 63.11 14.18
C GLN K 38 38.70 64.05 13.01
N GLN K 39 39.19 65.26 13.29
CA GLN K 39 39.53 66.18 12.22
C GLN K 39 40.81 66.97 12.50
N LYS K 40 41.58 67.18 11.44
CA LYS K 40 42.74 68.07 11.51
C LYS K 40 42.51 69.22 10.55
N PRO K 41 43.02 70.43 10.83
CA PRO K 41 42.90 71.59 9.97
C PRO K 41 43.42 71.27 8.58
N GLY K 42 42.70 71.72 7.57
CA GLY K 42 43.09 71.52 6.19
C GLY K 42 42.68 70.14 5.65
N GLN K 43 42.02 69.33 6.50
CA GLN K 43 41.65 67.97 6.09
C GLN K 43 40.18 67.66 6.35
N ALA K 44 39.62 66.79 5.52
CA ALA K 44 38.30 66.24 5.76
C ALA K 44 38.36 65.33 6.98
N PRO K 45 37.32 65.27 7.82
CA PRO K 45 37.23 64.48 9.02
C PRO K 45 37.20 62.98 8.75
N ARG K 46 37.60 62.17 9.75
CA ARG K 46 37.62 60.68 9.64
C ARG K 46 36.69 60.06 10.69
N LEU K 47 36.26 58.78 10.56
CA LEU K 47 35.41 58.20 11.64
C LEU K 47 36.19 57.22 12.52
N LEU K 48 36.52 57.59 13.76
CA LEU K 48 37.13 56.64 14.72
C LEU K 48 36.20 55.52 15.19
N ILE K 49 34.94 55.83 15.53
CA ILE K 49 34.05 54.79 16.13
C ILE K 49 32.68 54.78 15.44
N TYR K 50 32.16 53.61 15.10
CA TYR K 50 30.79 53.55 14.53
C TYR K 50 29.98 52.83 15.54
N GLY K 51 28.87 53.42 15.95
CA GLY K 51 28.14 52.82 17.07
C GLY K 51 28.84 53.37 18.28
N ALA K 52 28.35 53.16 19.48
CA ALA K 52 29.11 53.75 20.60
C ALA K 52 30.51 53.15 20.73
N SER K 53 30.65 51.81 20.63
CA SER K 53 31.95 51.16 20.93
C SER K 53 32.68 50.44 19.78
N SER K 54 32.21 50.49 18.54
CA SER K 54 32.87 49.64 17.52
C SER K 54 33.75 50.47 16.58
N ARG K 55 35.01 50.08 16.45
CA ARG K 55 35.95 50.86 15.62
C ARG K 55 35.67 50.71 14.13
N ALA K 56 35.90 51.78 13.36
CA ALA K 56 35.81 51.74 11.89
C ALA K 56 37.02 51.00 11.34
N THR K 57 36.94 50.51 10.10
CA THR K 57 38.07 49.73 9.55
C THR K 57 39.29 50.62 9.50
N GLY K 58 40.46 50.06 9.84
CA GLY K 58 41.72 50.82 9.84
C GLY K 58 41.90 51.59 11.14
N ILE K 59 40.99 51.43 12.10
CA ILE K 59 41.15 52.11 13.42
C ILE K 59 41.80 51.13 14.41
N PRO K 60 43.03 51.43 14.86
CA PRO K 60 43.76 50.60 15.81
C PRO K 60 43.12 50.57 17.19
N ASP K 61 43.53 49.57 17.99
CA ASP K 61 43.05 49.35 19.36
C ASP K 61 43.31 50.55 20.27
N ARG K 62 44.19 51.44 19.83
CA ARG K 62 44.54 52.65 20.57
C ARG K 62 43.30 53.51 20.84
N PHE K 63 42.32 53.44 19.95
CA PHE K 63 41.07 54.18 20.12
C PHE K 63 39.97 53.25 20.62
N SER K 64 39.23 53.70 21.62
CA SER K 64 38.12 52.92 22.16
C SER K 64 37.10 53.83 22.82
N GLY K 65 35.95 53.27 23.19
CA GLY K 65 34.95 54.05 23.89
C GLY K 65 33.73 53.22 24.26
N SER K 66 32.87 53.80 25.08
CA SER K 66 31.66 53.13 25.54
C SER K 66 30.66 54.13 26.09
N GLY K 67 29.43 53.70 26.29
CA GLY K 67 28.44 54.56 26.93
C GLY K 67 27.03 54.04 26.85
N SER K 68 26.11 54.77 27.46
CA SER K 68 24.69 54.43 27.48
C SER K 68 23.87 55.67 27.84
N GLY K 69 22.57 55.62 27.57
CA GLY K 69 21.72 56.74 27.95
C GLY K 69 22.19 58.01 27.26
N THR K 70 22.43 59.05 28.06
CA THR K 70 22.91 60.31 27.52
C THR K 70 24.43 60.45 27.57
N ASP K 71 25.09 59.57 28.32
CA ASP K 71 26.51 59.76 28.62
C ASP K 71 27.46 58.81 27.89
N PHE K 72 28.30 59.38 27.02
CA PHE K 72 29.27 58.60 26.26
C PHE K 72 30.69 59.11 26.45
N THR K 73 31.66 58.19 26.43
CA THR K 73 33.06 58.56 26.58
C THR K 73 33.96 57.96 25.50
N LEU K 74 34.89 58.77 25.01
CA LEU K 74 35.94 58.30 24.10
C LEU K 74 37.24 58.18 24.88
N THR K 75 37.97 57.10 24.67
CA THR K 75 39.24 56.90 25.33
C THR K 75 40.38 56.64 24.35
N ILE K 76 41.52 57.29 24.58
CA ILE K 76 42.73 57.00 23.84
C ILE K 76 43.76 56.45 24.81
N SER K 77 44.24 55.23 24.56
CA SER K 77 45.13 54.59 25.53
C SER K 77 46.43 55.37 25.73
N ARG K 78 46.98 55.89 24.63
CA ARG K 78 48.14 56.78 24.66
C ARG K 78 48.05 57.73 23.49
N LEU K 79 48.44 58.97 23.67
CA LEU K 79 48.40 59.90 22.55
C LEU K 79 49.65 59.85 21.68
N GLU K 80 49.48 59.52 20.41
CA GLU K 80 50.56 59.63 19.44
C GLU K 80 50.64 61.09 19.02
N PRO K 81 51.78 61.57 18.52
CA PRO K 81 51.93 62.91 17.96
C PRO K 81 50.96 63.12 16.80
N GLU K 82 50.55 62.01 16.18
CA GLU K 82 49.56 62.02 15.10
C GLU K 82 48.12 62.14 15.60
N ASP K 83 47.89 61.91 16.89
CA ASP K 83 46.53 61.86 17.44
C ASP K 83 46.02 63.21 17.93
N PHE K 84 46.84 64.25 17.82
CA PHE K 84 46.38 65.54 18.28
C PHE K 84 45.50 66.16 17.20
N ALA K 85 44.24 66.36 17.55
CA ALA K 85 43.21 66.68 16.58
C ALA K 85 41.95 67.21 17.24
N VAL K 86 41.04 67.71 16.42
CA VAL K 86 39.71 68.08 16.86
C VAL K 86 38.79 66.86 16.82
N TYR K 87 38.06 66.61 17.88
CA TYR K 87 37.20 65.44 17.93
C TYR K 87 35.73 65.82 18.06
N TYR K 88 34.83 65.03 17.46
CA TYR K 88 33.39 65.29 17.52
C TYR K 88 32.60 64.05 17.86
N CYS K 89 31.47 64.23 18.55
CA CYS K 89 30.47 63.17 18.68
C CYS K 89 29.24 63.46 17.82
N GLN K 90 28.67 62.44 17.19
CA GLN K 90 27.44 62.62 16.38
C GLN K 90 26.36 61.67 16.92
N GLN K 91 25.10 62.03 16.81
CA GLN K 91 24.05 61.07 17.21
C GLN K 91 23.32 60.57 15.97
N TYR K 92 23.32 59.27 15.71
CA TYR K 92 22.54 58.72 14.59
C TYR K 92 21.19 58.38 15.11
N GLY K 93 20.98 58.51 16.43
CA GLY K 93 19.72 58.03 17.03
C GLY K 93 18.43 58.69 16.60
N SER K 94 18.38 60.01 16.45
CA SER K 94 17.08 60.60 16.07
C SER K 94 17.27 61.72 15.05
N SER K 95 16.30 61.90 14.15
CA SER K 95 16.38 63.05 13.21
C SER K 95 16.19 64.33 14.02
N PRO K 96 16.88 65.45 13.71
CA PRO K 96 18.00 65.42 12.79
C PRO K 96 19.24 64.92 13.47
N TYR K 97 20.08 64.20 12.74
CA TYR K 97 21.37 63.74 13.32
C TYR K 97 22.15 65.01 13.60
N THR K 98 22.88 65.09 14.71
CA THR K 98 23.54 66.35 15.07
C THR K 98 24.95 66.11 15.50
N PHE K 99 25.82 67.10 15.33
CA PHE K 99 27.23 66.97 15.79
C PHE K 99 27.47 67.89 16.97
N GLY K 100 28.02 67.37 18.07
CA GLY K 100 28.33 68.18 19.25
C GLY K 100 29.28 69.30 18.87
N GLN K 101 29.55 70.18 19.83
CA GLN K 101 30.45 71.31 19.60
C GLN K 101 31.89 70.88 19.35
N GLY K 102 32.22 69.68 19.81
CA GLY K 102 33.54 69.11 19.62
C GLY K 102 34.53 69.54 20.70
N THR K 103 35.69 68.90 20.70
CA THR K 103 36.77 69.22 21.62
C THR K 103 38.06 69.30 20.85
N LYS K 104 39.05 69.96 21.42
CA LYS K 104 40.37 70.00 20.80
C LYS K 104 41.44 69.52 21.76
N VAL K 105 42.33 68.65 21.27
CA VAL K 105 43.46 68.20 22.07
C VAL K 105 44.73 68.76 21.41
N GLU K 106 45.51 69.54 22.15
CA GLU K 106 46.62 70.24 21.50
C GLU K 106 47.93 70.29 22.28
N ILE K 107 49.01 70.34 21.50
CA ILE K 107 50.37 70.63 21.99
C ILE K 107 50.97 71.80 21.23
N LYS K 108 50.14 72.51 20.48
CA LYS K 108 50.59 73.63 19.65
C LYS K 108 49.43 74.51 19.22
N GLU L 1 41.72 55.35 -5.41
CA GLU L 1 40.65 55.21 -6.38
C GLU L 1 39.33 55.74 -5.81
N VAL L 2 39.01 55.29 -4.60
CA VAL L 2 37.75 55.69 -3.96
C VAL L 2 37.78 57.16 -3.60
N GLN L 3 36.78 57.89 -4.06
CA GLN L 3 36.73 59.32 -3.82
C GLN L 3 35.34 59.91 -3.99
N LEU L 4 35.12 61.05 -3.35
CA LEU L 4 33.97 61.89 -3.59
C LEU L 4 34.45 63.24 -4.10
N VAL L 5 33.82 63.78 -5.13
CA VAL L 5 34.24 65.08 -5.65
C VAL L 5 33.10 66.08 -5.70
N GLU L 6 33.23 67.15 -4.93
CA GLU L 6 32.23 68.21 -4.89
C GLU L 6 32.38 69.21 -6.02
N SER L 7 31.26 69.74 -6.48
CA SER L 7 31.25 70.80 -7.48
C SER L 7 30.00 71.66 -7.34
N GLY L 8 29.95 72.77 -8.08
CA GLY L 8 28.78 73.64 -8.07
C GLY L 8 28.83 74.73 -6.99
N GLY L 9 29.95 74.88 -6.31
CA GLY L 9 30.06 75.91 -5.28
C GLY L 9 30.20 77.28 -5.93
N GLY L 10 30.17 78.34 -5.13
CA GLY L 10 30.23 79.69 -5.67
C GLY L 10 29.68 80.74 -4.70
N VAL L 11 29.61 81.98 -5.16
CA VAL L 11 29.11 83.09 -4.34
C VAL L 11 27.75 83.54 -4.84
N VAL L 12 26.74 83.51 -3.97
CA VAL L 12 25.37 83.85 -4.36
C VAL L 12 24.74 84.87 -3.42
N ARG L 13 24.02 85.83 -3.99
CA ARG L 13 23.36 86.86 -3.20
C ARG L 13 22.23 86.24 -2.37
N PRO L 14 21.97 86.74 -1.15
CA PRO L 14 20.98 86.22 -0.22
C PRO L 14 19.60 86.30 -0.83
N GLY L 15 18.79 85.29 -0.55
CA GLY L 15 17.47 85.13 -1.12
C GLY L 15 17.53 84.40 -2.45
N GLY L 16 18.76 84.12 -2.91
CA GLY L 16 18.99 83.41 -4.16
C GLY L 16 19.07 81.90 -3.92
N SER L 17 19.55 81.19 -4.92
CA SER L 17 19.63 79.73 -4.84
C SER L 17 20.87 79.20 -5.53
N LEU L 18 21.32 78.02 -5.08
CA LEU L 18 22.48 77.36 -5.67
C LEU L 18 22.30 75.84 -5.64
N ARG L 19 22.68 75.19 -6.74
CA ARG L 19 22.65 73.73 -6.77
C ARG L 19 24.06 73.16 -6.65
N LEU L 20 24.23 72.20 -5.73
CA LEU L 20 25.51 71.53 -5.56
C LEU L 20 25.43 70.10 -6.09
N SER L 21 26.56 69.56 -6.49
CA SER L 21 26.59 68.17 -6.93
C SER L 21 27.83 67.46 -6.42
N CYS L 22 27.72 66.14 -6.29
CA CYS L 22 28.83 65.32 -5.83
C CYS L 22 29.02 64.08 -6.69
N ALA L 23 30.13 64.05 -7.41
CA ALA L 23 30.50 62.89 -8.21
C ALA L 23 31.08 61.84 -7.30
N ALA L 24 30.93 60.58 -7.67
CA ALA L 24 31.53 59.53 -6.85
C ALA L 24 32.02 58.37 -7.69
N SER L 25 33.09 57.73 -7.23
CA SER L 25 33.64 56.58 -7.93
C SER L 25 34.42 55.65 -7.01
N GLY L 26 34.70 54.44 -7.50
CA GLY L 26 35.50 53.44 -6.79
C GLY L 26 34.65 52.51 -5.93
N PHE L 27 33.34 52.74 -5.90
CA PHE L 27 32.42 51.92 -5.14
C PHE L 27 31.05 51.91 -5.78
N THR L 28 30.23 50.91 -5.44
CA THR L 28 28.89 50.89 -6.00
C THR L 28 28.04 51.96 -5.35
N PHE L 29 27.60 52.93 -6.15
CA PHE L 29 26.88 54.07 -5.63
C PHE L 29 25.53 53.68 -5.04
N ASP L 30 24.90 52.70 -5.68
CA ASP L 30 23.57 52.26 -5.30
C ASP L 30 23.52 51.59 -3.94
N ASP L 31 24.67 51.21 -3.40
CA ASP L 31 24.68 50.51 -2.14
C ASP L 31 24.76 51.42 -0.92
N TYR L 32 24.93 52.73 -1.15
CA TYR L 32 25.13 53.63 0.00
C TYR L 32 24.14 54.78 0.03
N GLY L 33 23.76 55.17 1.25
CA GLY L 33 23.04 56.42 1.44
C GLY L 33 24.08 57.52 1.51
N MET L 34 23.66 58.78 1.48
CA MET L 34 24.61 59.88 1.52
C MET L 34 24.09 61.10 2.26
N SER L 35 25.01 61.97 2.67
CA SER L 35 24.65 63.23 3.30
C SER L 35 25.50 64.39 2.88
N TRP L 36 24.97 65.58 3.14
CA TRP L 36 25.77 66.79 3.06
C TRP L 36 25.99 67.31 4.47
N VAL L 37 27.23 67.64 4.76
CA VAL L 37 27.64 68.18 6.05
C VAL L 37 28.40 69.47 5.81
N ARG L 38 28.14 70.50 6.59
CA ARG L 38 28.82 71.75 6.33
C ARG L 38 29.62 72.25 7.51
N GLN L 39 30.69 72.97 7.22
CA GLN L 39 31.53 73.53 8.27
C GLN L 39 31.98 74.94 7.94
N ALA L 40 31.49 75.90 8.71
CA ALA L 40 31.98 77.26 8.56
C ALA L 40 33.41 77.30 9.12
N PRO L 41 34.31 78.13 8.59
CA PRO L 41 35.64 78.30 9.14
C PRO L 41 35.55 78.68 10.61
N GLY L 42 36.36 78.03 11.43
CA GLY L 42 36.40 78.33 12.86
C GLY L 42 35.28 77.65 13.64
N LYS L 43 34.43 76.89 12.95
CA LYS L 43 33.27 76.26 13.56
C LYS L 43 33.30 74.74 13.42
N GLY L 44 32.47 74.06 14.21
CA GLY L 44 32.38 72.61 14.15
C GLY L 44 31.48 72.15 13.01
N LEU L 45 31.34 70.84 12.88
CA LEU L 45 30.55 70.24 11.80
C LEU L 45 29.06 70.41 12.05
N GLU L 46 28.30 70.65 10.99
CA GLU L 46 26.84 70.66 11.08
C GLU L 46 26.23 69.79 9.99
N TRP L 47 25.37 68.85 10.39
CA TRP L 47 24.67 68.03 9.41
C TRP L 47 23.65 68.90 8.69
N VAL L 48 23.58 68.80 7.37
CA VAL L 48 22.62 69.59 6.63
C VAL L 48 21.42 68.76 6.23
N SER L 49 21.69 67.69 5.50
CA SER L 49 20.63 66.84 5.02
C SER L 49 21.16 65.48 4.63
N GLY L 50 20.27 64.51 4.47
CA GLY L 50 20.69 63.21 3.99
C GLY L 50 19.62 62.46 3.24
N ILE L 51 20.06 61.47 2.47
CA ILE L 51 19.19 60.71 1.58
C ILE L 51 19.53 59.22 1.60
N ASN L 52 18.53 58.35 1.54
CA ASN L 52 18.83 56.91 1.53
C ASN L 52 19.16 56.45 0.12
N TRP L 53 19.51 55.17 0.00
CA TRP L 53 20.04 54.60 -1.24
C TRP L 53 19.14 54.79 -2.48
N ASN L 54 17.81 54.77 -2.30
CA ASN L 54 16.91 54.92 -3.45
C ASN L 54 16.20 56.26 -3.49
N GLY L 55 16.55 57.15 -2.57
CA GLY L 55 15.89 58.45 -2.53
C GLY L 55 14.52 58.38 -1.84
N GLY L 56 14.19 57.22 -1.30
CA GLY L 56 12.88 57.00 -0.70
C GLY L 56 12.74 57.66 0.66
N SER L 57 13.86 58.04 1.24
CA SER L 57 13.85 58.70 2.53
C SER L 57 14.84 59.83 2.59
N THR L 58 14.39 60.95 3.11
CA THR L 58 15.24 62.12 3.27
C THR L 58 15.06 62.71 4.65
N GLY L 59 15.97 63.56 5.05
CA GLY L 59 15.80 64.32 6.27
C GLY L 59 16.65 65.58 6.22
N TYR L 60 16.25 66.58 7.00
CA TYR L 60 16.93 67.87 6.99
C TYR L 60 17.14 68.37 8.41
N ALA L 61 18.23 69.07 8.63
CA ALA L 61 18.45 69.73 9.91
C ALA L 61 17.42 70.82 10.10
N ASP L 62 17.05 71.08 11.35
CA ASP L 62 16.03 72.09 11.64
C ASP L 62 16.44 73.47 11.15
N SER L 63 17.74 73.72 11.10
CA SER L 63 18.26 75.01 10.65
C SER L 63 18.08 75.26 9.16
N VAL L 64 17.85 74.20 8.38
CA VAL L 64 17.71 74.34 6.93
C VAL L 64 16.39 73.79 6.41
N LYS L 65 15.61 73.19 7.30
CA LYS L 65 14.38 72.52 6.90
C LYS L 65 13.42 73.46 6.20
N GLY L 66 12.90 73.00 5.07
CA GLY L 66 11.92 73.75 4.28
C GLY L 66 12.57 74.67 3.25
N ARG L 67 13.89 74.79 3.30
CA ARG L 67 14.60 75.63 2.33
C ARG L 67 15.50 74.79 1.42
N PHE L 68 15.74 73.56 1.80
CA PHE L 68 16.64 72.66 1.10
C PHE L 68 15.94 71.43 0.56
N THR L 69 16.37 70.95 -0.60
CA THR L 69 15.90 69.68 -1.14
C THR L 69 17.06 68.81 -1.58
N ILE L 70 17.04 67.54 -1.19
CA ILE L 70 18.11 66.62 -1.57
C ILE L 70 17.60 65.53 -2.52
N SER L 71 18.39 65.23 -3.55
CA SER L 71 18.02 64.23 -4.54
C SER L 71 19.25 63.54 -5.12
N ARG L 72 19.05 62.39 -5.73
CA ARG L 72 20.17 61.67 -6.33
C ARG L 72 19.81 60.97 -7.62
N ASP L 73 20.81 60.76 -8.47
CA ASP L 73 20.66 60.00 -9.70
C ASP L 73 21.64 58.84 -9.70
N ASN L 74 21.12 57.64 -9.39
CA ASN L 74 22.00 56.49 -9.24
C ASN L 74 22.64 56.06 -10.55
N ALA L 75 21.96 56.28 -11.67
CA ALA L 75 22.49 55.92 -12.97
C ALA L 75 23.76 56.71 -13.29
N LYS L 76 23.79 57.95 -12.81
CA LYS L 76 24.93 58.85 -13.03
C LYS L 76 25.94 58.80 -11.89
N ASN L 77 25.69 57.94 -10.90
CA ASN L 77 26.55 57.85 -9.72
C ASN L 77 26.76 59.21 -9.08
N SER L 78 25.69 60.00 -8.99
CA SER L 78 25.84 61.36 -8.49
C SER L 78 24.75 61.78 -7.51
N LEU L 79 25.15 62.60 -6.54
CA LEU L 79 24.28 63.17 -5.52
C LEU L 79 24.09 64.67 -5.74
N TYR L 80 22.86 65.16 -5.59
CA TYR L 80 22.58 66.59 -5.79
C TYR L 80 21.89 67.24 -4.60
N LEU L 81 22.22 68.51 -4.35
CA LEU L 81 21.52 69.28 -3.32
C LEU L 81 21.04 70.61 -3.87
N GLN L 82 19.75 70.89 -3.71
CA GLN L 82 19.20 72.17 -4.12
C GLN L 82 19.01 73.07 -2.92
N MET L 83 19.70 74.20 -2.89
CA MET L 83 19.60 75.12 -1.77
C MET L 83 18.85 76.38 -2.19
N ASN L 84 17.72 76.65 -1.53
CA ASN L 84 16.91 77.81 -1.86
C ASN L 84 16.87 78.80 -0.71
N SER L 85 16.51 80.05 -1.00
CA SER L 85 16.37 81.06 0.03
C SER L 85 17.62 81.16 0.88
N LEU L 86 18.77 81.29 0.23
CA LEU L 86 20.05 81.34 0.91
C LEU L 86 20.18 82.54 1.83
N ARG L 87 20.81 82.32 2.98
CA ARG L 87 21.00 83.35 4.00
C ARG L 87 22.47 83.45 4.38
N ALA L 88 22.86 84.56 5.01
CA ALA L 88 24.26 84.76 5.39
C ALA L 88 24.76 83.64 6.29
N GLU L 89 23.86 83.08 7.09
CA GLU L 89 24.16 82.00 8.01
C GLU L 89 24.58 80.71 7.30
N ASP L 90 24.24 80.59 6.03
CA ASP L 90 24.50 79.37 5.27
C ASP L 90 25.93 79.32 4.72
N THR L 91 26.70 80.39 4.90
CA THR L 91 28.07 80.39 4.41
C THR L 91 28.88 79.31 5.12
N ALA L 92 29.48 78.42 4.35
CA ALA L 92 30.23 77.31 4.92
C ALA L 92 30.98 76.53 3.85
N LEU L 93 31.92 75.70 4.29
CA LEU L 93 32.46 74.67 3.41
C LEU L 93 31.52 73.49 3.42
N TYR L 94 31.04 73.07 2.25
CA TYR L 94 30.08 71.96 2.19
C TYR L 94 30.78 70.69 1.77
N HIS L 95 30.55 69.61 2.52
CA HIS L 95 31.16 68.34 2.22
C HIS L 95 30.14 67.31 1.79
N CYS L 96 30.49 66.58 0.74
CA CYS L 96 29.77 65.39 0.34
C CYS L 96 30.28 64.24 1.19
N ALA L 97 29.39 63.44 1.75
CA ALA L 97 29.86 62.33 2.56
C ALA L 97 29.07 61.07 2.28
N ARG L 98 29.79 59.95 2.24
CA ARG L 98 29.17 58.65 2.01
C ARG L 98 28.56 58.13 3.28
N GLY L 99 27.35 57.62 3.19
CA GLY L 99 26.68 57.04 4.34
C GLY L 99 26.99 55.57 4.48
N THR L 100 26.25 54.91 5.35
CA THR L 100 26.39 53.48 5.61
C THR L 100 25.82 52.64 4.48
N ASP L 101 26.39 51.46 4.27
CA ASP L 101 25.90 50.53 3.26
C ASP L 101 24.78 49.62 3.78
N TYR L 102 24.35 49.84 5.01
CA TYR L 102 23.24 49.05 5.51
C TYR L 102 22.36 49.85 6.46
N THR L 103 21.14 49.38 6.66
CA THR L 103 20.20 50.02 7.59
C THR L 103 19.56 48.98 8.48
N ILE L 104 19.01 49.41 9.61
CA ILE L 104 18.43 48.49 10.58
C ILE L 104 16.95 48.79 10.82
N ASP L 105 16.14 47.74 10.79
CA ASP L 105 14.70 47.86 11.01
C ASP L 105 14.36 48.05 12.48
N ASP L 106 13.10 48.35 12.75
CA ASP L 106 12.62 48.45 14.13
C ASP L 106 12.67 47.08 14.82
N GLN L 107 12.69 46.03 14.00
CA GLN L 107 12.77 44.65 14.46
C GLN L 107 14.21 44.21 14.73
N GLY L 108 15.18 45.07 14.42
CA GLY L 108 16.59 44.75 14.58
C GLY L 108 17.18 44.06 13.35
N ILE L 109 16.36 43.89 12.31
CA ILE L 109 16.81 43.24 11.09
C ILE L 109 17.68 44.16 10.25
N HIS L 110 18.86 43.67 9.88
CA HIS L 110 19.79 44.43 9.07
C HIS L 110 19.54 44.24 7.59
N TYR L 111 19.62 45.31 6.81
CA TYR L 111 19.52 45.19 5.36
C TYR L 111 20.78 45.69 4.69
N TYR L 112 21.48 44.81 3.98
CA TYR L 112 22.72 45.18 3.33
C TYR L 112 22.50 45.54 1.87
N GLY L 113 23.13 46.63 1.45
CA GLY L 113 22.96 47.17 0.11
C GLY L 113 21.82 48.17 0.08
N SER L 114 21.09 48.25 1.20
CA SER L 114 20.03 49.22 1.38
C SER L 114 20.54 50.32 2.27
N GLY L 115 21.46 51.10 1.76
CA GLY L 115 22.19 52.04 2.59
C GLY L 115 21.34 53.20 3.07
N THR L 116 21.82 53.84 4.12
CA THR L 116 21.19 55.02 4.70
C THR L 116 22.24 56.03 5.10
N TYR L 117 21.80 57.13 5.68
CA TYR L 117 22.65 58.30 5.85
C TYR L 117 23.13 58.55 7.28
N TRP L 118 23.12 57.51 8.12
CA TRP L 118 23.48 57.70 9.51
C TRP L 118 24.88 58.25 9.77
N TYR L 119 25.91 57.54 9.31
CA TYR L 119 27.28 57.91 9.70
C TYR L 119 28.20 57.85 8.50
N PHE L 120 29.33 58.55 8.58
CA PHE L 120 30.11 58.75 7.37
C PHE L 120 31.54 58.24 7.44
N ASP L 121 31.82 57.18 6.69
CA ASP L 121 33.16 56.60 6.66
C ASP L 121 34.04 57.22 5.57
N LEU L 122 33.43 57.95 4.64
CA LEU L 122 34.16 58.57 3.53
C LEU L 122 33.72 60.00 3.31
N TRP L 123 34.69 60.92 3.24
CA TRP L 123 34.40 62.32 3.05
C TRP L 123 35.15 62.90 1.86
N GLY L 124 34.52 63.85 1.16
CA GLY L 124 35.20 64.58 0.10
C GLY L 124 35.91 65.80 0.65
N ARG L 125 36.68 66.49 -0.21
CA ARG L 125 37.38 67.71 0.19
C ARG L 125 36.43 68.87 0.47
N GLY L 126 35.29 68.85 -0.19
CA GLY L 126 34.26 69.86 -0.01
C GLY L 126 34.41 71.03 -0.98
N THR L 127 33.39 71.89 -1.02
CA THR L 127 33.40 73.07 -1.86
C THR L 127 32.82 74.26 -1.11
N LEU L 128 33.31 75.45 -1.42
CA LEU L 128 32.85 76.62 -0.71
C LEU L 128 31.55 77.19 -1.25
N VAL L 129 30.67 77.56 -0.33
CA VAL L 129 29.47 78.30 -0.63
C VAL L 129 29.46 79.56 0.20
N THR L 130 29.34 80.70 -0.45
CA THR L 130 29.32 81.95 0.27
C THR L 130 28.09 82.77 -0.07
N VAL L 131 27.48 83.34 0.96
CA VAL L 131 26.35 84.22 0.75
C VAL L 131 26.72 85.63 1.14
N SER L 132 26.57 86.56 0.21
CA SER L 132 26.97 87.94 0.44
C SER L 132 26.11 88.92 -0.34
N SER L 133 25.85 90.08 0.25
CA SER L 133 25.05 91.13 -0.37
C SER L 133 25.42 91.34 -1.83
#